data_5VQB
#
_entry.id   5VQB
#
_cell.length_a   203.085
_cell.length_b   129.285
_cell.length_c   75.311
_cell.angle_alpha   90.00
_cell.angle_beta   105.52
_cell.angle_gamma   90.00
#
_symmetry.space_group_name_H-M   'C 1 2 1'
#
loop_
_entity.id
_entity.type
_entity.pdbx_description
1 polymer 'Rifampin monooxygenase'
2 non-polymer 'FLAVIN-ADENINE DINUCLEOTIDE'
3 non-polymer 'CHLORIDE ION'
4 non-polymer GLYCEROL
5 water water
#
_entity_poly.entity_id   1
_entity_poly.type   'polypeptide(L)'
_entity_poly.pdbx_seq_one_letter_code
;MFDVIVVGGGPTGLMLAGELRLHGVRVLVLEKETEPTRQSRAQGLHVRSIEVMAQRGLLERFLERGHTVAVGGFFAGLAT
SWPERLDTAHSYVLAVPQVITEQLLAEHATALGAEIRRGRALVGLRQDEDGVTVDLADGEQLRARYVVGCDGGRSTVRKL
LGVAFPGEPSRVETLLGEMEMTASQEELTSVMTEVRKTQQRFGAMPLGDGVFRVVVPAEGVAEDRTASPTLDEFKQQLRA
HAGTDFGVHSPRWLSRFGDATRQAERYRVDRVFLAGDAAHIHPPTGGQGLNLGIQDAFNLGWKLAAEVDGWAPEGLLDTY
HAERHPVATEVLDNTRAQIQLMSTEPGPQAVRRLMAELVEFENVNRYLIEKITAISVRYDVGEGHELLGRRMRDLALKHG
RLYERMHEGRGLLLDQTGRLSVAGWEDRVDHVVEVSEELDVPAVLLRPDGHVVWAGEDQQELLTRMPAWFGAATAG
;
_entity_poly.pdbx_strand_id   A,B,C
#
loop_
_chem_comp.id
_chem_comp.type
_chem_comp.name
_chem_comp.formula
CL non-polymer 'CHLORIDE ION' 'Cl -1'
FAD non-polymer 'FLAVIN-ADENINE DINUCLEOTIDE' 'C27 H33 N9 O15 P2'
GOL non-polymer GLYCEROL 'C3 H8 O3'
#
# COMPACT_ATOMS: atom_id res chain seq x y z
N MET A 1 -10.96 -40.43 23.89
CA MET A 1 -10.66 -39.94 22.55
C MET A 1 -10.83 -38.42 22.48
N PHE A 2 -10.59 -37.86 21.29
CA PHE A 2 -10.72 -36.44 21.06
C PHE A 2 -11.77 -36.18 19.99
N ASP A 3 -12.26 -34.94 19.96
CA ASP A 3 -13.22 -34.54 18.93
C ASP A 3 -12.52 -34.29 17.60
N VAL A 4 -11.53 -33.41 17.60
CA VAL A 4 -10.77 -33.07 16.40
C VAL A 4 -9.29 -33.18 16.72
N ILE A 5 -8.52 -33.77 15.80
CA ILE A 5 -7.08 -33.87 15.92
C ILE A 5 -6.46 -33.19 14.71
N VAL A 6 -5.74 -32.10 14.93
CA VAL A 6 -5.03 -31.42 13.87
C VAL A 6 -3.59 -31.93 13.86
N VAL A 7 -3.00 -31.98 12.67
CA VAL A 7 -1.66 -32.54 12.48
C VAL A 7 -0.78 -31.40 11.97
N GLY A 8 -0.16 -30.68 12.90
CA GLY A 8 0.73 -29.60 12.53
C GLY A 8 0.70 -28.43 13.50
N GLY A 9 1.86 -28.11 14.07
CA GLY A 9 1.99 -27.00 14.98
C GLY A 9 2.27 -25.66 14.33
N GLY A 10 2.11 -25.55 13.02
CA GLY A 10 2.34 -24.31 12.34
C GLY A 10 1.20 -23.32 12.55
N PRO A 11 1.31 -22.15 11.92
CA PRO A 11 0.28 -21.13 12.12
C PRO A 11 -1.09 -21.53 11.60
N THR A 12 -1.18 -22.55 10.76
CA THR A 12 -2.48 -22.99 10.27
C THR A 12 -3.20 -23.85 11.30
N GLY A 13 -2.51 -24.86 11.85
CA GLY A 13 -3.13 -25.70 12.86
C GLY A 13 -3.42 -24.96 14.15
N LEU A 14 -2.52 -24.06 14.55
CA LEU A 14 -2.75 -23.27 15.76
C LEU A 14 -3.96 -22.36 15.60
N MET A 15 -4.14 -21.79 14.41
CA MET A 15 -5.33 -20.96 14.16
C MET A 15 -6.60 -21.82 14.13
N LEU A 16 -6.50 -23.05 13.65
CA LEU A 16 -7.66 -23.93 13.66
C LEU A 16 -7.97 -24.43 15.07
N ALA A 17 -6.93 -24.67 15.87
CA ALA A 17 -7.14 -25.12 17.24
C ALA A 17 -7.84 -24.06 18.07
N GLY A 18 -7.49 -22.78 17.86
CA GLY A 18 -8.14 -21.72 18.60
C GLY A 18 -9.58 -21.52 18.18
N GLU A 19 -9.87 -21.63 16.88
CA GLU A 19 -11.24 -21.46 16.41
C GLU A 19 -12.15 -22.58 16.93
N LEU A 20 -11.63 -23.79 17.08
CA LEU A 20 -12.42 -24.88 17.63
C LEU A 20 -12.60 -24.77 19.14
N ARG A 21 -11.60 -24.25 19.84
CA ARG A 21 -11.71 -24.12 21.29
C ARG A 21 -12.72 -23.06 21.71
N LEU A 22 -13.08 -22.14 20.81
CA LEU A 22 -14.11 -21.16 21.12
C LEU A 22 -15.49 -21.78 21.30
N HIS A 23 -15.67 -23.04 20.90
CA HIS A 23 -16.95 -23.72 21.02
C HIS A 23 -16.89 -24.93 21.94
N GLY A 24 -15.80 -25.10 22.68
CA GLY A 24 -15.67 -26.23 23.59
C GLY A 24 -15.47 -27.54 22.87
N VAL A 25 -14.44 -27.61 22.03
CA VAL A 25 -14.14 -28.79 21.23
C VAL A 25 -12.82 -29.36 21.73
N ARG A 26 -12.84 -30.62 22.17
CA ARG A 26 -11.63 -31.30 22.62
C ARG A 26 -10.72 -31.51 21.42
N VAL A 27 -9.69 -30.67 21.30
CA VAL A 27 -8.78 -30.72 20.16
C VAL A 27 -7.42 -31.24 20.62
N LEU A 28 -6.62 -31.67 19.65
CA LEU A 28 -5.29 -32.21 19.91
C LEU A 28 -4.38 -31.82 18.76
N VAL A 29 -3.28 -31.16 19.06
CA VAL A 29 -2.32 -30.71 18.06
C VAL A 29 -1.11 -31.63 18.10
N LEU A 30 -0.83 -32.30 16.98
CA LEU A 30 0.32 -33.18 16.85
C LEU A 30 1.40 -32.46 16.04
N GLU A 31 2.57 -32.27 16.65
CA GLU A 31 3.68 -31.58 16.02
C GLU A 31 4.91 -32.47 16.05
N LYS A 32 5.53 -32.67 14.88
CA LYS A 32 6.70 -33.54 14.79
C LYS A 32 7.90 -32.92 15.50
N GLU A 33 8.18 -31.65 15.21
CA GLU A 33 9.34 -30.98 15.80
C GLU A 33 9.09 -30.69 17.28
N THR A 34 10.00 -31.14 18.13
CA THR A 34 9.92 -30.82 19.55
C THR A 34 10.09 -29.32 19.78
N GLU A 35 11.25 -28.80 19.45
CA GLU A 35 11.52 -27.36 19.55
C GLU A 35 11.10 -26.68 18.25
N PRO A 36 10.36 -25.57 18.32
CA PRO A 36 9.94 -24.89 17.08
C PRO A 36 11.13 -24.37 16.29
N THR A 37 10.97 -24.34 14.97
CA THR A 37 12.04 -23.93 14.09
C THR A 37 12.30 -22.43 14.23
N ARG A 38 13.59 -22.08 14.31
CA ARG A 38 13.99 -20.68 14.38
C ARG A 38 14.10 -20.02 13.02
N GLN A 39 13.76 -20.73 11.94
CA GLN A 39 13.84 -20.17 10.59
C GLN A 39 12.70 -19.19 10.39
N SER A 40 13.03 -17.90 10.37
CA SER A 40 12.03 -16.86 10.14
C SER A 40 11.57 -16.92 8.69
N ARG A 41 10.43 -17.55 8.46
CA ARG A 41 9.90 -17.72 7.11
C ARG A 41 9.22 -16.45 6.63
N ALA A 42 7.97 -16.25 7.01
CA ALA A 42 7.25 -15.04 6.63
C ALA A 42 7.77 -13.85 7.44
N GLN A 43 7.30 -12.66 7.08
CA GLN A 43 7.74 -11.44 7.76
C GLN A 43 6.58 -10.51 8.10
N GLY A 44 5.36 -11.00 8.15
CA GLY A 44 4.25 -10.17 8.57
C GLY A 44 2.94 -10.65 7.98
N LEU A 45 1.85 -10.13 8.54
CA LEU A 45 0.50 -10.39 8.07
C LEU A 45 0.05 -9.30 7.10
N HIS A 46 -0.91 -9.66 6.26
CA HIS A 46 -1.53 -8.69 5.36
C HIS A 46 -2.84 -8.20 5.98
N VAL A 47 -3.61 -7.43 5.21
CA VAL A 47 -4.75 -6.70 5.77
C VAL A 47 -5.80 -7.67 6.31
N ARG A 48 -6.13 -8.70 5.53
CA ARG A 48 -7.17 -9.62 5.95
C ARG A 48 -6.75 -10.40 7.19
N SER A 49 -5.50 -10.86 7.25
CA SER A 49 -5.03 -11.56 8.43
C SER A 49 -5.04 -10.66 9.66
N ILE A 50 -4.75 -9.36 9.48
CA ILE A 50 -4.85 -8.42 10.59
C ILE A 50 -6.30 -8.31 11.06
N GLU A 51 -7.24 -8.28 10.12
CA GLU A 51 -8.65 -8.23 10.49
C GLU A 51 -9.11 -9.52 11.16
N VAL A 52 -8.52 -10.65 10.79
CA VAL A 52 -8.88 -11.93 11.41
C VAL A 52 -8.52 -11.91 12.89
N MET A 53 -7.31 -11.45 13.21
CA MET A 53 -6.90 -11.36 14.61
C MET A 53 -7.75 -10.36 15.38
N ALA A 54 -8.17 -9.27 14.72
CA ALA A 54 -9.00 -8.28 15.39
C ALA A 54 -10.39 -8.83 15.73
N GLN A 55 -10.89 -9.77 14.92
CA GLN A 55 -12.17 -10.40 15.22
C GLN A 55 -12.11 -11.32 16.43
N ARG A 56 -10.91 -11.64 16.91
CA ARG A 56 -10.75 -12.48 18.08
C ARG A 56 -10.03 -11.79 19.23
N GLY A 57 -9.72 -10.50 19.10
CA GLY A 57 -9.04 -9.77 20.15
C GLY A 57 -7.56 -10.05 20.28
N LEU A 58 -6.97 -10.73 19.31
CA LEU A 58 -5.56 -11.09 19.36
C LEU A 58 -4.65 -10.02 18.76
N LEU A 59 -5.21 -8.89 18.32
CA LEU A 59 -4.43 -7.92 17.58
C LEU A 59 -3.47 -7.14 18.49
N GLU A 60 -3.81 -6.99 19.76
CA GLU A 60 -2.95 -6.23 20.67
C GLU A 60 -1.59 -6.89 20.84
N ARG A 61 -1.58 -8.20 21.09
CA ARG A 61 -0.32 -8.91 21.25
C ARG A 61 0.50 -8.91 19.96
N PHE A 62 -0.17 -8.89 18.81
CA PHE A 62 0.55 -8.79 17.55
C PHE A 62 1.16 -7.41 17.36
N LEU A 63 0.41 -6.36 17.67
CA LEU A 63 0.92 -5.00 17.52
C LEU A 63 1.99 -4.66 18.55
N GLU A 64 2.00 -5.35 19.69
CA GLU A 64 3.04 -5.11 20.69
C GLU A 64 4.40 -5.61 20.22
N ARG A 65 4.42 -6.71 19.46
CA ARG A 65 5.67 -7.33 19.03
C ARG A 65 6.03 -7.00 17.59
N GLY A 66 5.25 -6.15 16.92
CA GLY A 66 5.57 -5.76 15.56
C GLY A 66 5.38 -4.28 15.33
N HIS A 67 5.30 -3.88 14.06
CA HIS A 67 5.08 -2.48 13.71
C HIS A 67 4.42 -2.42 12.35
N THR A 68 3.54 -1.43 12.19
CA THR A 68 2.77 -1.28 10.96
C THR A 68 3.60 -0.64 9.86
N VAL A 69 3.32 -1.04 8.62
CA VAL A 69 4.02 -0.53 7.45
C VAL A 69 2.99 -0.27 6.36
N ALA A 70 3.03 0.93 5.76
CA ALA A 70 2.11 1.32 4.69
C ALA A 70 2.94 1.93 3.56
N VAL A 71 3.57 1.06 2.76
CA VAL A 71 4.41 1.50 1.66
C VAL A 71 3.89 0.92 0.36
N GLY A 72 4.69 1.02 -0.71
CA GLY A 72 4.32 0.46 -1.99
C GLY A 72 5.34 -0.56 -2.47
N GLY A 73 4.92 -1.47 -3.33
CA GLY A 73 5.78 -2.49 -3.86
C GLY A 73 5.47 -3.92 -3.43
N PHE A 74 4.24 -4.20 -2.99
CA PHE A 74 3.88 -5.54 -2.56
C PHE A 74 3.42 -6.43 -3.69
N PHE A 75 3.02 -5.85 -4.82
CA PHE A 75 2.59 -6.63 -5.98
C PHE A 75 3.71 -6.64 -7.01
N ALA A 76 4.39 -7.79 -7.12
CA ALA A 76 5.47 -7.98 -8.10
C ALA A 76 6.58 -6.95 -7.94
N GLY A 77 6.76 -6.42 -6.73
CA GLY A 77 7.79 -5.44 -6.49
C GLY A 77 7.58 -4.10 -7.14
N LEU A 78 6.41 -3.86 -7.74
CA LEU A 78 6.13 -2.58 -8.37
C LEU A 78 6.09 -1.47 -7.33
N ALA A 79 7.22 -0.79 -7.13
CA ALA A 79 7.35 0.23 -6.10
C ALA A 79 6.39 1.40 -6.36
N THR A 80 5.24 1.37 -5.69
CA THR A 80 4.26 2.44 -5.82
C THR A 80 4.00 3.09 -4.46
N SER A 81 2.73 3.37 -4.16
CA SER A 81 2.32 3.90 -2.88
C SER A 81 1.13 3.09 -2.37
N TRP A 82 0.81 3.29 -1.10
CA TRP A 82 -0.34 2.59 -0.54
C TRP A 82 -1.63 3.27 -1.00
N PRO A 83 -2.65 2.49 -1.34
CA PRO A 83 -3.91 3.09 -1.82
C PRO A 83 -4.55 3.98 -0.78
N GLU A 84 -5.42 4.87 -1.24
CA GLU A 84 -6.10 5.82 -0.36
C GLU A 84 -7.43 5.25 0.14
N ARG A 85 -8.37 5.02 -0.77
CA ARG A 85 -9.70 4.54 -0.40
C ARG A 85 -9.72 3.01 -0.40
N LEU A 86 -8.94 2.44 0.52
CA LEU A 86 -8.91 1.00 0.70
C LEU A 86 -10.05 0.58 1.63
N ASP A 87 -10.96 -0.24 1.10
CA ASP A 87 -12.18 -0.59 1.84
C ASP A 87 -11.86 -1.51 3.02
N THR A 88 -11.17 -0.98 4.02
CA THR A 88 -10.83 -1.74 5.22
C THR A 88 -10.37 -0.76 6.29
N ALA A 89 -10.70 -1.07 7.55
CA ALA A 89 -10.28 -0.24 8.67
C ALA A 89 -8.83 -0.48 9.06
N HIS A 90 -8.26 -1.64 8.71
CA HIS A 90 -6.88 -1.93 9.02
C HIS A 90 -6.02 -1.83 7.77
N SER A 91 -6.04 -0.66 7.13
CA SER A 91 -5.34 -0.45 5.85
C SER A 91 -3.84 -0.24 6.12
N TYR A 92 -3.18 -1.34 6.44
CA TYR A 92 -1.74 -1.34 6.64
C TYR A 92 -1.24 -2.78 6.58
N VAL A 93 0.06 -2.96 6.76
CA VAL A 93 0.69 -4.28 6.76
C VAL A 93 1.48 -4.40 8.05
N LEU A 94 1.04 -5.31 8.92
CA LEU A 94 1.77 -5.56 10.16
C LEU A 94 2.98 -6.42 9.87
N ALA A 95 4.14 -5.99 10.38
CA ALA A 95 5.41 -6.67 10.13
C ALA A 95 5.79 -7.46 11.39
N VAL A 96 5.41 -8.74 11.41
CA VAL A 96 5.75 -9.63 12.51
C VAL A 96 6.41 -10.88 11.94
N PRO A 97 7.56 -11.30 12.47
CA PRO A 97 8.17 -12.55 12.00
C PRO A 97 7.25 -13.73 12.27
N GLN A 98 7.35 -14.75 11.40
CA GLN A 98 6.51 -15.92 11.54
C GLN A 98 6.76 -16.64 12.86
N VAL A 99 7.99 -16.56 13.39
CA VAL A 99 8.29 -17.16 14.68
C VAL A 99 7.43 -16.55 15.78
N ILE A 100 7.25 -15.22 15.74
CA ILE A 100 6.38 -14.56 16.70
C ILE A 100 4.92 -14.84 16.38
N THR A 101 4.58 -14.93 15.09
CA THR A 101 3.21 -15.23 14.70
C THR A 101 2.77 -16.60 15.21
N GLU A 102 3.64 -17.62 15.05
CA GLU A 102 3.34 -18.93 15.59
C GLU A 102 3.33 -18.93 17.11
N GLN A 103 4.16 -18.10 17.73
CA GLN A 103 4.25 -18.09 19.19
C GLN A 103 2.97 -17.55 19.81
N LEU A 104 2.42 -16.47 19.27
CA LEU A 104 1.19 -15.92 19.83
C LEU A 104 0.01 -16.84 19.58
N LEU A 105 -0.07 -17.45 18.40
CA LEU A 105 -1.17 -18.36 18.10
C LEU A 105 -1.10 -19.62 18.96
N ALA A 106 0.11 -20.08 19.29
CA ALA A 106 0.23 -21.25 20.14
C ALA A 106 -0.15 -20.94 21.58
N GLU A 107 0.24 -19.77 22.08
CA GLU A 107 -0.11 -19.39 23.44
C GLU A 107 -1.61 -19.16 23.58
N HIS A 108 -2.25 -18.63 22.54
CA HIS A 108 -3.69 -18.40 22.60
C HIS A 108 -4.45 -19.73 22.58
N ALA A 109 -4.02 -20.66 21.73
CA ALA A 109 -4.65 -21.98 21.69
C ALA A 109 -4.47 -22.72 23.02
N THR A 110 -3.27 -22.62 23.61
CA THR A 110 -3.05 -23.22 24.93
C THR A 110 -3.90 -22.53 25.99
N ALA A 111 -4.07 -21.22 25.89
CA ALA A 111 -4.89 -20.49 26.86
C ALA A 111 -6.36 -20.89 26.75
N LEU A 112 -6.80 -21.32 25.58
CA LEU A 112 -8.18 -21.75 25.38
C LEU A 112 -8.39 -23.23 25.69
N GLY A 113 -7.35 -23.94 26.10
CA GLY A 113 -7.48 -25.33 26.48
C GLY A 113 -7.30 -26.31 25.33
N ALA A 114 -6.16 -26.24 24.65
CA ALA A 114 -5.86 -27.11 23.53
C ALA A 114 -4.63 -27.95 23.86
N GLU A 115 -4.73 -29.26 23.69
CA GLU A 115 -3.60 -30.16 23.89
C GLU A 115 -2.65 -30.03 22.70
N ILE A 116 -1.47 -29.47 22.94
CA ILE A 116 -0.44 -29.33 21.93
C ILE A 116 0.70 -30.25 22.33
N ARG A 117 0.73 -31.45 21.76
CA ARG A 117 1.78 -32.43 22.05
C ARG A 117 2.87 -32.28 21.01
N ARG A 118 4.00 -31.71 21.42
CA ARG A 118 5.14 -31.53 20.52
C ARG A 118 6.02 -32.77 20.57
N GLY A 119 6.54 -33.15 19.41
CA GLY A 119 7.39 -34.33 19.28
C GLY A 119 6.70 -35.54 18.71
N ARG A 120 5.38 -35.52 18.56
CA ARG A 120 4.63 -36.63 18.02
C ARG A 120 4.51 -36.49 16.50
N ALA A 121 4.94 -37.52 15.79
CA ALA A 121 4.94 -37.51 14.32
C ALA A 121 3.93 -38.52 13.80
N LEU A 122 3.02 -38.06 12.94
CA LEU A 122 2.03 -38.92 12.35
C LEU A 122 2.66 -39.76 11.23
N VAL A 123 2.44 -41.07 11.28
CA VAL A 123 2.96 -41.99 10.29
C VAL A 123 1.87 -42.54 9.40
N GLY A 124 0.80 -43.07 10.00
CA GLY A 124 -0.30 -43.62 9.24
C GLY A 124 -1.63 -43.18 9.81
N LEU A 125 -2.67 -43.27 8.97
CA LEU A 125 -4.01 -42.94 9.40
C LEU A 125 -5.01 -43.78 8.62
N ARG A 126 -6.15 -44.03 9.25
CA ARG A 126 -7.27 -44.75 8.65
C ARG A 126 -8.53 -44.38 9.40
N GLN A 127 -9.67 -44.61 8.76
CA GLN A 127 -10.94 -44.13 9.28
C GLN A 127 -12.06 -45.11 8.95
N ASP A 128 -13.02 -45.20 9.87
CA ASP A 128 -14.23 -45.98 9.70
C ASP A 128 -15.39 -45.01 9.39
N GLU A 129 -16.60 -45.40 9.80
CA GLU A 129 -17.78 -44.55 9.68
C GLU A 129 -18.09 -43.77 10.95
N ASP A 130 -17.36 -44.03 12.03
CA ASP A 130 -17.58 -43.36 13.30
C ASP A 130 -16.42 -42.47 13.73
N GLY A 131 -15.25 -42.61 13.12
CA GLY A 131 -14.12 -41.79 13.50
C GLY A 131 -12.91 -42.09 12.64
N VAL A 132 -11.77 -41.55 13.05
CA VAL A 132 -10.51 -41.70 12.35
C VAL A 132 -9.47 -42.23 13.32
N THR A 133 -8.66 -43.18 12.87
CA THR A 133 -7.58 -43.75 13.66
C THR A 133 -6.25 -43.18 13.17
N VAL A 134 -5.41 -42.74 14.10
CA VAL A 134 -4.13 -42.12 13.79
C VAL A 134 -3.03 -42.98 14.39
N ASP A 135 -2.04 -43.33 13.57
CA ASP A 135 -0.87 -44.09 14.01
C ASP A 135 0.34 -43.17 14.02
N LEU A 136 0.97 -43.04 15.17
CA LEU A 136 2.14 -42.18 15.34
C LEU A 136 3.43 -42.97 15.19
N ALA A 137 4.53 -42.24 15.07
CA ALA A 137 5.84 -42.89 14.96
C ALA A 137 6.22 -43.62 16.24
N ASP A 138 5.82 -43.09 17.39
CA ASP A 138 6.11 -43.74 18.67
C ASP A 138 5.20 -44.93 18.93
N GLY A 139 4.16 -45.13 18.14
CA GLY A 139 3.29 -46.28 18.27
C GLY A 139 2.00 -46.06 19.02
N GLU A 140 1.65 -44.82 19.35
CA GLU A 140 0.45 -44.53 20.12
C GLU A 140 -0.71 -44.23 19.15
N GLN A 141 -1.78 -45.01 19.28
CA GLN A 141 -2.98 -44.79 18.48
C GLN A 141 -3.85 -43.73 19.13
N LEU A 142 -4.56 -42.96 18.28
CA LEU A 142 -5.40 -41.87 18.74
C LEU A 142 -6.67 -41.85 17.91
N ARG A 143 -7.82 -41.97 18.57
CA ARG A 143 -9.11 -41.96 17.92
C ARG A 143 -9.70 -40.54 17.95
N ALA A 144 -10.31 -40.13 16.85
CA ALA A 144 -10.90 -38.81 16.75
C ALA A 144 -12.07 -38.85 15.78
N ARG A 145 -13.02 -37.92 15.99
CA ARG A 145 -14.16 -37.81 15.08
C ARG A 145 -13.73 -37.28 13.72
N TYR A 146 -12.93 -36.22 13.71
CA TYR A 146 -12.43 -35.62 12.48
C TYR A 146 -10.96 -35.26 12.65
N VAL A 147 -10.20 -35.40 11.57
CA VAL A 147 -8.78 -35.08 11.55
C VAL A 147 -8.52 -34.09 10.42
N VAL A 148 -7.76 -33.04 10.72
CA VAL A 148 -7.42 -32.02 9.74
C VAL A 148 -5.91 -32.05 9.51
N GLY A 149 -5.50 -31.94 8.25
CA GLY A 149 -4.10 -31.96 7.89
C GLY A 149 -3.51 -30.58 7.70
N CYS A 150 -2.67 -30.14 8.65
CA CYS A 150 -1.98 -28.87 8.56
C CYS A 150 -0.46 -29.09 8.62
N ASP A 151 0.01 -30.20 8.06
CA ASP A 151 1.40 -30.64 8.19
C ASP A 151 2.29 -30.14 7.06
N GLY A 152 2.12 -28.90 6.62
CA GLY A 152 3.06 -28.28 5.70
C GLY A 152 2.97 -28.82 4.28
N GLY A 153 3.87 -28.31 3.45
CA GLY A 153 3.84 -28.65 2.03
C GLY A 153 4.07 -30.12 1.77
N ARG A 154 5.04 -30.72 2.46
CA ARG A 154 5.30 -32.15 2.36
C ARG A 154 4.37 -32.91 3.30
N SER A 155 3.07 -32.70 3.09
CA SER A 155 2.05 -33.22 3.99
C SER A 155 2.02 -34.73 3.96
N THR A 156 2.20 -35.35 5.14
CA THR A 156 2.08 -36.80 5.25
C THR A 156 0.62 -37.23 5.20
N VAL A 157 -0.27 -36.44 5.79
CA VAL A 157 -1.70 -36.76 5.78
C VAL A 157 -2.22 -36.78 4.34
N ARG A 158 -1.78 -35.82 3.52
CA ARG A 158 -2.25 -35.75 2.14
C ARG A 158 -1.84 -36.99 1.35
N LYS A 159 -0.64 -37.51 1.62
CA LYS A 159 -0.20 -38.71 0.90
C LYS A 159 -0.93 -39.96 1.35
N LEU A 160 -1.36 -40.01 2.61
CA LEU A 160 -2.08 -41.15 3.13
C LEU A 160 -3.54 -41.19 2.68
N LEU A 161 -3.95 -40.27 1.82
CA LEU A 161 -5.32 -40.25 1.31
C LEU A 161 -5.41 -40.41 -0.20
N GLY A 162 -4.29 -40.30 -0.91
CA GLY A 162 -4.32 -40.34 -2.37
C GLY A 162 -4.69 -39.02 -3.02
N VAL A 163 -4.81 -37.95 -2.25
CA VAL A 163 -5.16 -36.65 -2.82
C VAL A 163 -4.02 -36.19 -3.72
N ALA A 164 -4.33 -36.02 -5.01
CA ALA A 164 -3.32 -35.60 -5.97
C ALA A 164 -2.87 -34.17 -5.68
N PHE A 165 -1.66 -33.86 -6.15
CA PHE A 165 -1.04 -32.55 -5.95
C PHE A 165 -0.59 -32.00 -7.30
N PRO A 166 -1.53 -31.70 -8.19
CA PRO A 166 -1.15 -31.23 -9.54
C PRO A 166 -0.70 -29.78 -9.52
N GLY A 167 0.01 -29.42 -10.58
CA GLY A 167 0.51 -28.07 -10.74
C GLY A 167 1.85 -28.07 -11.42
N GLU A 168 2.44 -26.89 -11.52
CA GLU A 168 3.73 -26.73 -12.18
C GLU A 168 4.85 -27.02 -11.18
N PRO A 169 5.92 -27.67 -11.62
CA PRO A 169 7.04 -27.97 -10.73
C PRO A 169 7.92 -26.74 -10.55
N SER A 170 9.02 -26.92 -9.82
CA SER A 170 9.95 -25.84 -9.56
C SER A 170 10.84 -25.61 -10.77
N ARG A 171 10.93 -24.36 -11.22
CA ARG A 171 11.76 -23.99 -12.36
C ARG A 171 12.75 -22.89 -12.03
N VAL A 172 12.38 -21.94 -11.18
CA VAL A 172 13.23 -20.81 -10.81
C VAL A 172 13.39 -20.84 -9.29
N GLU A 173 14.60 -21.15 -8.82
CA GLU A 173 14.89 -21.17 -7.40
C GLU A 173 15.65 -19.91 -6.99
N THR A 174 15.55 -19.57 -5.71
CA THR A 174 16.13 -18.34 -5.18
C THR A 174 16.83 -18.66 -3.87
N LEU A 175 17.78 -17.79 -3.51
CA LEU A 175 18.56 -17.92 -2.28
C LEU A 175 18.15 -16.84 -1.29
N LEU A 176 17.88 -17.25 -0.05
CA LEU A 176 17.52 -16.34 1.03
C LEU A 176 18.51 -16.52 2.17
N GLY A 177 18.81 -15.41 2.86
CA GLY A 177 19.75 -15.48 3.97
C GLY A 177 19.69 -14.30 4.91
N GLU A 178 19.59 -14.59 6.21
CA GLU A 178 19.68 -13.57 7.25
C GLU A 178 21.13 -13.47 7.69
N MET A 179 21.74 -12.31 7.49
CA MET A 179 23.17 -12.14 7.70
C MET A 179 23.50 -10.66 7.78
N GLU A 180 24.78 -10.38 7.97
CA GLU A 180 25.34 -9.03 7.85
C GLU A 180 26.38 -9.04 6.74
N MET A 181 27.17 -7.97 6.66
CA MET A 181 28.19 -7.88 5.63
C MET A 181 29.24 -6.87 6.05
N THR A 182 30.44 -7.03 5.47
CA THR A 182 31.52 -6.09 5.72
C THR A 182 31.29 -4.76 5.02
N ALA A 183 30.44 -4.72 4.01
CA ALA A 183 30.12 -3.47 3.34
C ALA A 183 29.27 -2.58 4.25
N SER A 184 29.34 -1.28 4.00
CA SER A 184 28.58 -0.32 4.80
C SER A 184 27.08 -0.49 4.59
N GLN A 185 26.31 -0.19 5.64
CA GLN A 185 24.86 -0.30 5.54
C GLN A 185 24.29 0.77 4.61
N GLU A 186 24.83 1.99 4.68
CA GLU A 186 24.37 3.05 3.79
C GLU A 186 24.82 2.85 2.35
N GLU A 187 25.91 2.12 2.13
CA GLU A 187 26.38 1.87 0.77
C GLU A 187 25.46 0.90 0.04
N LEU A 188 24.99 -0.14 0.73
CA LEU A 188 24.11 -1.12 0.10
C LEU A 188 22.75 -0.52 -0.24
N THR A 189 22.32 0.49 0.53
CA THR A 189 21.02 1.12 0.26
C THR A 189 20.99 1.77 -1.11
N SER A 190 22.11 2.34 -1.55
CA SER A 190 22.20 2.97 -2.85
C SER A 190 22.56 2.00 -3.97
N VAL A 191 23.03 0.80 -3.64
CA VAL A 191 23.41 -0.18 -4.64
C VAL A 191 22.21 -1.03 -5.07
N MET A 192 21.35 -1.39 -4.12
CA MET A 192 20.21 -2.26 -4.43
C MET A 192 19.24 -1.59 -5.39
N THR A 193 19.03 -0.28 -5.25
CA THR A 193 18.06 0.41 -6.07
C THR A 193 18.47 0.45 -7.54
N GLU A 194 19.76 0.50 -7.82
CA GLU A 194 20.23 0.56 -9.21
C GLU A 194 20.10 -0.78 -9.91
N VAL A 195 20.51 -1.86 -9.25
CA VAL A 195 20.44 -3.17 -9.86
C VAL A 195 18.99 -3.66 -9.96
N ARG A 196 18.11 -3.17 -9.09
CA ARG A 196 16.72 -3.60 -9.09
C ARG A 196 15.99 -3.22 -10.36
N LYS A 197 16.54 -2.32 -11.18
CA LYS A 197 15.90 -1.93 -12.43
C LYS A 197 15.88 -3.07 -13.44
N THR A 198 16.71 -4.10 -13.26
CA THR A 198 16.73 -5.25 -14.15
C THR A 198 16.41 -6.54 -13.41
N GLN A 199 17.14 -6.86 -12.35
CA GLN A 199 16.86 -8.05 -11.53
C GLN A 199 16.00 -7.61 -10.35
N GLN A 200 14.70 -7.92 -10.43
CA GLN A 200 13.75 -7.46 -9.43
C GLN A 200 13.75 -8.31 -8.17
N ARG A 201 14.17 -9.57 -8.25
CA ARG A 201 14.18 -10.45 -7.08
C ARG A 201 15.50 -10.38 -6.32
N PHE A 202 16.09 -9.19 -6.24
CA PHE A 202 17.29 -8.94 -5.44
C PHE A 202 16.91 -7.90 -4.38
N GLY A 203 16.90 -8.32 -3.11
CA GLY A 203 16.48 -7.43 -2.04
C GLY A 203 17.39 -7.55 -0.83
N ALA A 204 17.21 -6.60 0.08
CA ALA A 204 17.97 -6.56 1.33
C ALA A 204 17.22 -5.70 2.32
N MET A 205 16.79 -6.30 3.43
CA MET A 205 16.00 -5.61 4.43
C MET A 205 16.65 -5.76 5.81
N PRO A 206 16.74 -4.69 6.58
CA PRO A 206 17.37 -4.78 7.91
C PRO A 206 16.40 -5.28 8.96
N LEU A 207 16.97 -5.75 10.07
CA LEU A 207 16.20 -6.25 11.19
C LEU A 207 16.35 -5.41 12.45
N GLY A 208 17.21 -4.39 12.43
CA GLY A 208 17.42 -3.52 13.56
C GLY A 208 18.46 -4.01 14.56
N ASP A 209 18.56 -5.31 14.75
CA ASP A 209 19.52 -5.88 15.70
C ASP A 209 20.94 -5.92 15.15
N GLY A 210 21.17 -5.41 13.95
CA GLY A 210 22.47 -5.46 13.31
C GLY A 210 22.58 -6.46 12.18
N VAL A 211 21.53 -7.24 11.94
CA VAL A 211 21.52 -8.22 10.87
C VAL A 211 20.53 -7.76 9.80
N PHE A 212 20.63 -8.38 8.62
CA PHE A 212 19.80 -8.03 7.48
C PHE A 212 19.19 -9.29 6.89
N ARG A 213 18.25 -9.10 5.96
CA ARG A 213 17.58 -10.19 5.26
C ARG A 213 17.79 -9.97 3.77
N VAL A 214 18.77 -10.66 3.20
CA VAL A 214 19.13 -10.51 1.80
C VAL A 214 18.62 -11.71 1.01
N VAL A 215 17.85 -11.44 -0.04
CA VAL A 215 17.37 -12.47 -0.95
C VAL A 215 18.04 -12.23 -2.31
N VAL A 216 18.75 -13.24 -2.79
CA VAL A 216 19.51 -13.12 -4.03
C VAL A 216 19.11 -14.26 -4.96
N PRO A 217 18.93 -14.01 -6.26
CA PRO A 217 18.59 -15.10 -7.18
C PRO A 217 19.67 -16.16 -7.25
N ALA A 218 19.25 -17.39 -7.52
CA ALA A 218 20.14 -18.53 -7.63
C ALA A 218 20.26 -18.96 -9.08
N GLU A 219 21.22 -19.85 -9.35
CA GLU A 219 21.47 -20.38 -10.68
C GLU A 219 21.20 -21.87 -10.69
N GLY A 220 20.49 -22.34 -11.72
CA GLY A 220 20.17 -23.74 -11.84
C GLY A 220 19.11 -24.18 -10.85
N VAL A 221 18.88 -25.48 -10.83
CA VAL A 221 17.92 -26.12 -9.94
C VAL A 221 18.64 -27.15 -9.09
N ALA A 222 18.45 -27.08 -7.78
CA ALA A 222 19.07 -28.04 -6.87
C ALA A 222 18.31 -29.35 -6.87
N GLU A 223 19.04 -30.45 -6.92
CA GLU A 223 18.43 -31.77 -6.98
C GLU A 223 18.04 -32.31 -5.60
N ASP A 224 18.66 -31.80 -4.53
CA ASP A 224 18.33 -32.28 -3.20
C ASP A 224 17.08 -31.62 -2.63
N ARG A 225 16.82 -30.37 -3.00
CA ARG A 225 15.66 -29.60 -2.56
C ARG A 225 15.60 -29.45 -1.03
N THR A 226 16.72 -29.66 -0.36
CA THR A 226 16.78 -29.55 1.10
C THR A 226 18.22 -29.38 1.57
N ALA A 227 19.15 -29.42 0.64
CA ALA A 227 20.57 -29.29 0.99
C ALA A 227 20.87 -27.85 1.42
N SER A 228 21.77 -27.72 2.38
CA SER A 228 22.14 -26.41 2.89
C SER A 228 23.01 -25.68 1.87
N PRO A 229 22.60 -24.51 1.38
CA PRO A 229 23.43 -23.79 0.41
C PRO A 229 24.69 -23.25 1.08
N THR A 230 25.81 -23.41 0.38
CA THR A 230 27.09 -22.99 0.92
C THR A 230 27.19 -21.46 0.91
N LEU A 231 28.09 -20.94 1.76
CA LEU A 231 28.32 -19.50 1.79
C LEU A 231 29.03 -19.02 0.53
N ASP A 232 29.94 -19.85 0.00
CA ASP A 232 30.60 -19.50 -1.25
C ASP A 232 29.61 -19.41 -2.40
N GLU A 233 28.55 -20.22 -2.36
CA GLU A 233 27.48 -20.10 -3.35
C GLU A 233 26.75 -18.78 -3.20
N PHE A 234 26.58 -18.31 -1.96
CA PHE A 234 25.87 -17.06 -1.73
C PHE A 234 26.64 -15.87 -2.28
N LYS A 235 27.97 -15.85 -2.08
CA LYS A 235 28.77 -14.75 -2.60
C LYS A 235 28.93 -14.84 -4.11
N GLN A 236 28.94 -16.05 -4.67
CA GLN A 236 29.01 -16.19 -6.12
C GLN A 236 27.74 -15.68 -6.80
N GLN A 237 26.60 -15.79 -6.12
CA GLN A 237 25.36 -15.23 -6.65
C GLN A 237 25.29 -13.73 -6.42
N LEU A 238 25.88 -13.23 -5.33
CA LEU A 238 25.89 -11.79 -5.08
C LEU A 238 26.83 -11.08 -6.05
N ARG A 239 27.96 -11.71 -6.38
CA ARG A 239 28.90 -11.09 -7.32
C ARG A 239 28.43 -11.17 -8.75
N ALA A 240 27.55 -12.12 -9.09
CA ALA A 240 27.08 -12.28 -10.46
C ALA A 240 25.88 -11.40 -10.76
N HIS A 241 24.99 -11.20 -9.79
CA HIS A 241 23.77 -10.43 -10.01
C HIS A 241 23.84 -9.02 -9.42
N ALA A 242 24.84 -8.70 -8.61
CA ALA A 242 24.97 -7.38 -8.04
C ALA A 242 26.35 -6.75 -8.20
N GLY A 243 27.38 -7.53 -8.55
CA GLY A 243 28.71 -6.99 -8.76
C GLY A 243 29.55 -6.82 -7.52
N THR A 244 29.06 -7.21 -6.35
CA THR A 244 29.82 -7.08 -5.12
C THR A 244 29.28 -8.09 -4.10
N ASP A 245 30.19 -8.83 -3.46
CA ASP A 245 29.82 -9.85 -2.50
C ASP A 245 29.54 -9.29 -1.11
N PHE A 246 29.84 -8.02 -0.87
CA PHE A 246 29.57 -7.32 0.38
C PHE A 246 30.41 -7.86 1.55
N GLY A 247 31.02 -9.03 1.38
CA GLY A 247 31.77 -9.65 2.46
C GLY A 247 30.90 -9.96 3.66
N VAL A 248 30.12 -11.04 3.57
CA VAL A 248 29.11 -11.32 4.56
C VAL A 248 29.76 -11.66 5.91
N HIS A 249 29.03 -11.39 6.99
CA HIS A 249 29.50 -11.69 8.33
C HIS A 249 29.03 -13.08 8.77
N SER A 250 28.60 -13.19 10.02
CA SER A 250 28.11 -14.47 10.53
C SER A 250 26.69 -14.72 10.04
N PRO A 251 26.44 -15.77 9.27
CA PRO A 251 25.07 -16.05 8.82
C PRO A 251 24.28 -16.83 9.84
N ARG A 252 23.07 -16.36 10.16
CA ARG A 252 22.23 -17.07 11.12
C ARG A 252 21.75 -18.39 10.56
N TRP A 253 21.16 -18.37 9.35
CA TRP A 253 20.69 -19.57 8.70
C TRP A 253 20.47 -19.28 7.22
N LEU A 254 20.81 -20.26 6.39
CA LEU A 254 20.64 -20.15 4.94
C LEU A 254 19.57 -21.12 4.46
N SER A 255 19.06 -20.86 3.27
CA SER A 255 18.00 -21.68 2.70
C SER A 255 17.97 -21.49 1.19
N ARG A 256 17.28 -22.40 0.51
CA ARG A 256 17.11 -22.32 -0.94
C ARG A 256 15.72 -22.87 -1.26
N PHE A 257 14.80 -21.99 -1.62
CA PHE A 257 13.43 -22.37 -1.93
C PHE A 257 13.19 -22.32 -3.44
N GLY A 258 12.23 -23.11 -3.89
CA GLY A 258 11.85 -23.17 -5.28
C GLY A 258 10.61 -22.36 -5.58
N ASP A 259 10.02 -22.62 -6.75
CA ASP A 259 8.81 -21.94 -7.18
C ASP A 259 7.76 -22.92 -7.68
N ALA A 260 7.70 -24.10 -7.09
CA ALA A 260 6.72 -25.11 -7.48
C ALA A 260 5.33 -24.69 -6.99
N THR A 261 4.41 -24.49 -7.93
CA THR A 261 3.04 -24.08 -7.62
C THR A 261 2.14 -25.31 -7.74
N ARG A 262 1.85 -25.94 -6.61
CA ARG A 262 0.99 -27.12 -6.58
C ARG A 262 -0.13 -26.90 -5.57
N GLN A 263 -1.28 -27.50 -5.85
CA GLN A 263 -2.47 -27.35 -5.02
C GLN A 263 -3.20 -28.69 -4.94
N ALA A 264 -3.68 -29.03 -3.75
CA ALA A 264 -4.39 -30.28 -3.56
C ALA A 264 -5.67 -30.31 -4.38
N GLU A 265 -6.04 -31.52 -4.84
CA GLU A 265 -7.23 -31.67 -5.65
C GLU A 265 -8.49 -31.72 -4.81
N ARG A 266 -8.44 -32.30 -3.61
CA ARG A 266 -9.56 -32.37 -2.71
C ARG A 266 -9.16 -31.83 -1.35
N TYR A 267 -10.00 -30.98 -0.77
CA TYR A 267 -9.76 -30.47 0.57
C TYR A 267 -10.41 -31.32 1.65
N ARG A 268 -11.42 -32.12 1.29
CA ARG A 268 -12.08 -33.03 2.22
C ARG A 268 -12.21 -34.40 1.58
N VAL A 269 -11.90 -35.44 2.34
CA VAL A 269 -12.04 -36.82 1.88
C VAL A 269 -12.82 -37.60 2.92
N ASP A 270 -13.95 -37.04 3.36
CA ASP A 270 -14.81 -37.63 4.38
C ASP A 270 -14.31 -37.91 5.79
N ARG A 271 -14.16 -36.86 6.59
CA ARG A 271 -13.63 -36.81 7.96
C ARG A 271 -12.14 -36.49 8.01
N VAL A 272 -11.44 -36.33 6.88
CA VAL A 272 -10.07 -35.88 6.85
C VAL A 272 -9.99 -34.63 5.99
N PHE A 273 -9.44 -33.55 6.56
CA PHE A 273 -9.38 -32.26 5.91
C PHE A 273 -7.92 -31.84 5.73
N LEU A 274 -7.71 -30.92 4.79
CA LEU A 274 -6.40 -30.37 4.51
C LEU A 274 -6.47 -28.85 4.57
N ALA A 275 -5.44 -28.23 5.15
CA ALA A 275 -5.40 -26.78 5.28
C ALA A 275 -3.96 -26.31 5.24
N GLY A 276 -3.78 -25.05 4.88
CA GLY A 276 -2.44 -24.48 4.82
C GLY A 276 -1.65 -25.03 3.64
N ASP A 277 -0.34 -25.16 3.84
CA ASP A 277 0.52 -25.70 2.80
C ASP A 277 0.21 -27.15 2.49
N ALA A 278 -0.49 -27.85 3.38
CA ALA A 278 -0.89 -29.23 3.09
C ALA A 278 -1.87 -29.29 1.93
N ALA A 279 -2.60 -28.21 1.68
CA ALA A 279 -3.57 -28.17 0.60
C ALA A 279 -3.11 -27.35 -0.59
N HIS A 280 -2.07 -26.54 -0.43
CA HIS A 280 -1.60 -25.68 -1.51
C HIS A 280 -0.22 -25.10 -1.22
N ILE A 281 0.72 -25.29 -2.13
CA ILE A 281 2.04 -24.68 -2.03
C ILE A 281 2.25 -23.75 -3.22
N HIS A 282 2.98 -22.68 -2.99
CA HIS A 282 3.27 -21.70 -4.03
C HIS A 282 4.49 -20.89 -3.59
N PRO A 283 5.16 -20.23 -4.53
CA PRO A 283 6.46 -19.60 -4.22
C PRO A 283 6.34 -18.60 -3.09
N PRO A 284 7.36 -18.52 -2.23
CA PRO A 284 7.35 -17.51 -1.15
C PRO A 284 7.52 -16.09 -1.66
N THR A 285 8.10 -15.90 -2.84
CA THR A 285 8.41 -14.58 -3.38
C THR A 285 7.17 -13.70 -3.42
N GLY A 286 6.21 -14.04 -4.26
CA GLY A 286 4.92 -13.36 -4.23
C GLY A 286 3.88 -14.26 -3.60
N GLY A 287 4.02 -14.54 -2.30
CA GLY A 287 3.26 -15.58 -1.65
C GLY A 287 2.31 -15.04 -0.59
N GLN A 288 1.23 -15.79 -0.36
CA GLN A 288 0.29 -15.58 0.72
C GLN A 288 0.08 -16.86 1.51
N GLY A 289 1.09 -17.73 1.53
CA GLY A 289 0.93 -19.04 2.16
C GLY A 289 0.58 -18.96 3.63
N LEU A 290 1.14 -17.97 4.33
CA LEU A 290 0.78 -17.77 5.72
C LEU A 290 -0.59 -17.11 5.85
N ASN A 291 -0.87 -16.13 4.99
CA ASN A 291 -2.19 -15.49 5.02
C ASN A 291 -3.28 -16.45 4.56
N LEU A 292 -2.98 -17.30 3.59
CA LEU A 292 -3.98 -18.26 3.10
C LEU A 292 -4.24 -19.35 4.13
N GLY A 293 -3.18 -19.90 4.71
CA GLY A 293 -3.36 -20.95 5.71
C GLY A 293 -4.13 -20.49 6.93
N ILE A 294 -3.91 -19.23 7.34
CA ILE A 294 -4.67 -18.68 8.45
C ILE A 294 -6.15 -18.54 8.08
N GLN A 295 -6.42 -17.98 6.90
CA GLN A 295 -7.79 -17.81 6.45
C GLN A 295 -8.44 -19.13 6.06
N ASP A 296 -7.65 -20.14 5.68
CA ASP A 296 -8.20 -21.47 5.46
C ASP A 296 -8.73 -22.05 6.76
N ALA A 297 -7.91 -22.06 7.80
CA ALA A 297 -8.37 -22.55 9.10
C ALA A 297 -9.44 -21.65 9.70
N PHE A 298 -9.37 -20.34 9.44
CA PHE A 298 -10.41 -19.43 9.89
C PHE A 298 -11.74 -19.73 9.22
N ASN A 299 -11.72 -20.36 8.03
CA ASN A 299 -12.96 -20.74 7.37
C ASN A 299 -13.46 -22.10 7.86
N LEU A 300 -12.54 -23.02 8.14
CA LEU A 300 -12.92 -24.37 8.54
C LEU A 300 -13.26 -24.46 10.02
N GLY A 301 -12.67 -23.58 10.85
CA GLY A 301 -12.82 -23.63 12.29
C GLY A 301 -14.25 -23.67 12.79
N TRP A 302 -15.01 -22.61 12.52
CA TRP A 302 -16.39 -22.55 12.99
C TRP A 302 -17.26 -23.60 12.30
N LYS A 303 -16.91 -23.98 11.08
CA LYS A 303 -17.69 -25.00 10.37
C LYS A 303 -17.53 -26.36 11.03
N LEU A 304 -16.29 -26.78 11.28
CA LEU A 304 -16.05 -28.08 11.89
C LEU A 304 -16.57 -28.12 13.32
N ALA A 305 -16.43 -27.01 14.06
CA ALA A 305 -16.99 -26.94 15.40
C ALA A 305 -18.51 -26.96 15.40
N ALA A 306 -19.13 -26.60 14.28
CA ALA A 306 -20.58 -26.67 14.19
C ALA A 306 -21.06 -28.10 14.01
N GLU A 307 -20.24 -28.95 13.38
CA GLU A 307 -20.65 -30.33 13.15
C GLU A 307 -20.59 -31.14 14.45
N VAL A 308 -19.55 -30.95 15.25
CA VAL A 308 -19.43 -31.69 16.50
C VAL A 308 -20.47 -31.24 17.53
N ASP A 309 -21.02 -30.03 17.38
CA ASP A 309 -22.09 -29.58 18.25
C ASP A 309 -23.46 -30.07 17.78
N GLY A 310 -23.59 -30.44 16.51
CA GLY A 310 -24.80 -31.03 16.00
C GLY A 310 -25.76 -30.09 15.29
N TRP A 311 -25.43 -28.80 15.20
CA TRP A 311 -26.31 -27.83 14.57
C TRP A 311 -25.87 -27.41 13.18
N ALA A 312 -24.78 -27.99 12.67
CA ALA A 312 -24.32 -27.64 11.33
C ALA A 312 -25.32 -28.12 10.28
N PRO A 313 -25.50 -27.37 9.19
CA PRO A 313 -26.40 -27.82 8.13
C PRO A 313 -25.92 -29.08 7.43
N GLU A 314 -26.65 -29.50 6.39
CA GLU A 314 -26.34 -30.74 5.68
C GLU A 314 -24.94 -30.69 5.05
N GLY A 315 -24.76 -29.86 4.04
CA GLY A 315 -23.49 -29.78 3.35
C GLY A 315 -22.65 -28.58 3.73
N LEU A 316 -22.51 -28.33 5.03
CA LEU A 316 -21.70 -27.20 5.47
C LEU A 316 -20.21 -27.50 5.35
N LEU A 317 -19.79 -28.70 5.76
CA LEU A 317 -18.37 -29.05 5.67
C LEU A 317 -17.92 -29.21 4.22
N ASP A 318 -18.84 -29.57 3.32
CA ASP A 318 -18.50 -29.64 1.91
C ASP A 318 -18.21 -28.27 1.31
N THR A 319 -18.68 -27.19 1.95
CA THR A 319 -18.40 -25.85 1.46
C THR A 319 -16.99 -25.39 1.74
N TYR A 320 -16.27 -26.07 2.64
CA TYR A 320 -14.86 -25.71 2.88
C TYR A 320 -14.04 -25.87 1.62
N HIS A 321 -14.23 -26.99 0.91
CA HIS A 321 -13.55 -27.17 -0.37
C HIS A 321 -14.18 -26.30 -1.46
N ALA A 322 -15.50 -26.08 -1.39
CA ALA A 322 -16.19 -25.30 -2.39
C ALA A 322 -15.93 -23.80 -2.25
N GLU A 323 -15.26 -23.36 -1.19
CA GLU A 323 -14.98 -21.96 -0.97
C GLU A 323 -13.51 -21.62 -0.82
N ARG A 324 -12.68 -22.57 -0.36
CA ARG A 324 -11.26 -22.31 -0.15
C ARG A 324 -10.36 -22.87 -1.23
N HIS A 325 -10.91 -23.65 -2.16
CA HIS A 325 -10.10 -24.15 -3.28
C HIS A 325 -9.98 -23.11 -4.38
N PRO A 326 -11.06 -22.41 -4.78
CA PRO A 326 -10.88 -21.34 -5.77
C PRO A 326 -10.01 -20.21 -5.27
N VAL A 327 -10.02 -19.92 -3.96
CA VAL A 327 -9.16 -18.88 -3.43
C VAL A 327 -7.69 -19.26 -3.59
N ALA A 328 -7.38 -20.55 -3.43
CA ALA A 328 -6.00 -20.99 -3.59
C ALA A 328 -5.57 -20.95 -5.06
N THR A 329 -6.48 -21.27 -5.98
CA THR A 329 -6.14 -21.25 -7.39
C THR A 329 -5.79 -19.83 -7.85
N GLU A 330 -6.64 -18.87 -7.52
CA GLU A 330 -6.41 -17.50 -7.96
C GLU A 330 -5.18 -16.91 -7.29
N VAL A 331 -4.95 -17.24 -6.01
CA VAL A 331 -3.71 -16.84 -5.36
C VAL A 331 -2.51 -17.45 -6.09
N LEU A 332 -2.50 -18.78 -6.21
CA LEU A 332 -1.41 -19.45 -6.91
C LEU A 332 -1.23 -18.92 -8.33
N ASP A 333 -2.34 -18.58 -9.00
CA ASP A 333 -2.23 -18.05 -10.35
C ASP A 333 -1.62 -16.65 -10.34
N ASN A 334 -1.91 -15.86 -9.31
CA ASN A 334 -1.34 -14.51 -9.23
C ASN A 334 0.15 -14.57 -8.94
N THR A 335 0.58 -15.53 -8.12
CA THR A 335 2.00 -15.66 -7.80
C THR A 335 2.81 -15.95 -9.05
N ARG A 336 2.27 -16.74 -9.96
CA ARG A 336 2.96 -17.01 -11.22
C ARG A 336 3.08 -15.75 -12.07
N ALA A 337 2.04 -14.91 -12.07
CA ALA A 337 2.10 -13.66 -12.81
C ALA A 337 3.09 -12.68 -12.20
N GLN A 338 3.23 -12.69 -10.87
CA GLN A 338 4.16 -11.77 -10.21
C GLN A 338 5.60 -12.16 -10.50
N ILE A 339 5.92 -13.46 -10.45
CA ILE A 339 7.25 -13.91 -10.82
C ILE A 339 7.52 -13.65 -12.29
N GLN A 340 6.48 -13.79 -13.13
CA GLN A 340 6.62 -13.48 -14.54
C GLN A 340 6.98 -12.02 -14.75
N LEU A 341 6.35 -11.11 -13.99
CA LEU A 341 6.70 -9.70 -14.08
C LEU A 341 8.09 -9.42 -13.51
N MET A 342 8.62 -10.30 -12.67
CA MET A 342 9.96 -10.16 -12.12
C MET A 342 11.04 -10.78 -13.01
N SER A 343 10.66 -11.38 -14.13
CA SER A 343 11.64 -12.02 -14.99
C SER A 343 12.53 -10.98 -15.67
N THR A 344 13.78 -11.37 -15.90
CA THR A 344 14.78 -10.49 -16.49
C THR A 344 14.81 -10.56 -18.02
N GLU A 345 14.02 -11.44 -18.62
CA GLU A 345 14.01 -11.53 -20.08
C GLU A 345 13.39 -10.27 -20.68
N PRO A 346 13.80 -9.91 -21.90
CA PRO A 346 13.26 -8.68 -22.51
C PRO A 346 11.77 -8.69 -22.74
N GLY A 347 11.16 -9.87 -22.88
CA GLY A 347 9.72 -9.98 -23.03
C GLY A 347 8.98 -9.56 -21.78
N PRO A 348 9.16 -10.31 -20.70
CA PRO A 348 8.47 -9.95 -19.44
C PRO A 348 8.85 -8.57 -18.92
N GLN A 349 10.04 -8.08 -19.24
CA GLN A 349 10.42 -6.73 -18.81
C GLN A 349 9.54 -5.67 -19.47
N ALA A 350 9.13 -5.92 -20.73
CA ALA A 350 8.23 -4.98 -21.40
C ALA A 350 6.84 -5.00 -20.79
N VAL A 351 6.40 -6.15 -20.29
CA VAL A 351 5.10 -6.21 -19.63
C VAL A 351 5.16 -5.56 -18.26
N ARG A 352 6.30 -5.66 -17.57
CA ARG A 352 6.45 -4.99 -16.29
C ARG A 352 6.41 -3.47 -16.46
N ARG A 353 7.02 -2.97 -17.54
CA ARG A 353 6.97 -1.54 -17.81
C ARG A 353 5.55 -1.08 -18.13
N LEU A 354 4.74 -1.96 -18.73
CA LEU A 354 3.34 -1.63 -18.95
C LEU A 354 2.57 -1.62 -17.64
N MET A 355 2.83 -2.59 -16.76
CA MET A 355 2.19 -2.59 -15.45
C MET A 355 2.58 -1.37 -14.63
N ALA A 356 3.84 -0.93 -14.76
CA ALA A 356 4.29 0.24 -14.01
C ALA A 356 3.53 1.49 -14.43
N GLU A 357 3.08 1.54 -15.69
CA GLU A 357 2.28 2.67 -16.15
C GLU A 357 0.84 2.57 -15.66
N LEU A 358 0.36 1.35 -15.40
CA LEU A 358 -1.03 1.15 -15.00
C LEU A 358 -1.23 1.34 -13.50
N VAL A 359 -0.23 0.97 -12.69
CA VAL A 359 -0.34 1.14 -11.25
C VAL A 359 -0.32 2.60 -10.83
N GLU A 360 -0.04 3.52 -11.75
CA GLU A 360 -0.18 4.94 -11.44
C GLU A 360 -1.64 5.31 -11.22
N PHE A 361 -2.57 4.59 -11.87
CA PHE A 361 -3.98 4.75 -11.58
C PHE A 361 -4.27 4.22 -10.19
N GLU A 362 -5.03 4.98 -9.40
CA GLU A 362 -5.32 4.55 -8.04
C GLU A 362 -6.27 3.36 -8.01
N ASN A 363 -7.21 3.30 -8.95
CA ASN A 363 -8.13 2.17 -9.00
C ASN A 363 -7.42 0.87 -9.36
N VAL A 364 -6.39 0.95 -10.21
CA VAL A 364 -5.61 -0.24 -10.54
C VAL A 364 -4.75 -0.65 -9.36
N ASN A 365 -4.14 0.33 -8.67
CA ASN A 365 -3.34 0.02 -7.50
C ASN A 365 -4.22 -0.51 -6.37
N ARG A 366 -5.43 0.05 -6.22
CA ARG A 366 -6.35 -0.44 -5.19
C ARG A 366 -6.82 -1.86 -5.52
N TYR A 367 -7.12 -2.14 -6.79
CA TYR A 367 -7.60 -3.46 -7.17
C TYR A 367 -6.57 -4.54 -6.88
N LEU A 368 -5.29 -4.25 -7.14
CA LEU A 368 -4.24 -5.24 -6.92
C LEU A 368 -4.02 -5.47 -5.43
N ILE A 369 -4.06 -4.40 -4.63
CA ILE A 369 -3.82 -4.54 -3.20
C ILE A 369 -4.99 -5.26 -2.53
N GLU A 370 -6.22 -4.97 -2.96
CA GLU A 370 -7.38 -5.66 -2.40
C GLU A 370 -7.36 -7.14 -2.74
N LYS A 371 -6.75 -7.50 -3.87
CA LYS A 371 -6.65 -8.91 -4.25
C LYS A 371 -5.50 -9.60 -3.52
N ILE A 372 -4.36 -8.92 -3.39
CA ILE A 372 -3.22 -9.51 -2.71
C ILE A 372 -3.50 -9.69 -1.23
N THR A 373 -3.98 -8.64 -0.57
CA THR A 373 -4.30 -8.71 0.86
C THR A 373 -5.53 -9.57 1.14
N ALA A 374 -6.19 -10.10 0.10
CA ALA A 374 -7.32 -11.02 0.24
C ALA A 374 -8.49 -10.39 0.99
N ILE A 375 -8.66 -9.07 0.87
CA ILE A 375 -9.82 -8.40 1.43
C ILE A 375 -10.98 -8.33 0.43
N SER A 376 -10.78 -8.81 -0.79
CA SER A 376 -11.82 -8.83 -1.82
C SER A 376 -12.31 -10.24 -2.11
N VAL A 377 -11.93 -11.21 -1.30
CA VAL A 377 -12.39 -12.59 -1.51
C VAL A 377 -13.90 -12.65 -1.30
N ARG A 378 -14.60 -13.25 -2.26
CA ARG A 378 -16.06 -13.28 -2.26
C ARG A 378 -16.51 -14.71 -2.54
N TYR A 379 -17.16 -15.33 -1.55
CA TYR A 379 -17.67 -16.67 -1.71
C TYR A 379 -19.04 -16.65 -2.37
N ASP A 380 -19.47 -17.82 -2.84
CA ASP A 380 -20.78 -17.99 -3.45
C ASP A 380 -21.76 -18.41 -2.36
N VAL A 381 -22.70 -17.52 -2.04
CA VAL A 381 -23.71 -17.79 -1.02
C VAL A 381 -25.10 -17.90 -1.63
N GLY A 382 -25.40 -17.10 -2.64
CA GLY A 382 -26.69 -17.15 -3.29
C GLY A 382 -26.98 -15.83 -3.98
N GLU A 383 -28.27 -15.60 -4.23
CA GLU A 383 -28.74 -14.39 -4.87
C GLU A 383 -29.31 -13.43 -3.82
N GLY A 384 -29.02 -12.15 -3.98
CA GLY A 384 -29.52 -11.16 -3.06
C GLY A 384 -28.78 -9.84 -3.08
N HIS A 385 -28.27 -9.43 -1.92
CA HIS A 385 -27.62 -8.13 -1.80
C HIS A 385 -26.24 -8.15 -2.45
N GLU A 386 -25.68 -6.95 -2.64
CA GLU A 386 -24.36 -6.79 -3.22
C GLU A 386 -23.23 -7.11 -2.24
N LEU A 387 -23.55 -7.49 -1.01
CA LEU A 387 -22.55 -7.85 -0.02
C LEU A 387 -22.40 -9.35 0.15
N LEU A 388 -23.21 -10.15 -0.55
CA LEU A 388 -23.19 -11.60 -0.41
C LEU A 388 -21.85 -12.19 -0.83
N GLY A 389 -21.07 -12.64 0.15
CA GLY A 389 -19.80 -13.27 -0.14
C GLY A 389 -18.61 -12.59 0.50
N ARG A 390 -18.53 -11.27 0.39
CA ARG A 390 -17.41 -10.53 0.94
C ARG A 390 -17.51 -10.44 2.47
N ARG A 391 -16.37 -10.19 3.10
CA ARG A 391 -16.33 -9.97 4.52
C ARG A 391 -16.78 -8.55 4.86
N MET A 392 -17.01 -8.31 6.15
CA MET A 392 -17.44 -7.02 6.64
C MET A 392 -16.28 -6.33 7.36
N ARG A 393 -15.96 -5.12 6.93
CA ARG A 393 -14.89 -4.36 7.56
C ARG A 393 -15.29 -3.93 8.97
N ASP A 394 -14.30 -3.47 9.73
CA ASP A 394 -14.54 -3.04 11.10
C ASP A 394 -15.38 -1.78 11.13
N LEU A 395 -16.71 -1.93 11.17
CA LEU A 395 -17.60 -0.78 11.14
C LEU A 395 -17.57 -0.06 12.48
N ALA A 396 -17.44 1.27 12.42
CA ALA A 396 -17.46 2.09 13.63
C ALA A 396 -18.91 2.27 14.07
N LEU A 397 -19.29 1.59 15.14
CA LEU A 397 -20.65 1.62 15.63
C LEU A 397 -20.83 2.80 16.60
N LYS A 398 -22.01 2.89 17.22
CA LYS A 398 -22.25 3.96 18.19
C LYS A 398 -21.39 3.77 19.44
N HIS A 399 -21.21 2.52 19.88
CA HIS A 399 -20.41 2.20 21.06
C HIS A 399 -19.33 1.20 20.64
N GLY A 400 -18.14 1.71 20.35
CA GLY A 400 -17.01 0.86 19.99
C GLY A 400 -17.08 0.36 18.56
N ARG A 401 -16.03 -0.37 18.19
CA ARG A 401 -15.93 -0.93 16.85
C ARG A 401 -16.88 -2.12 16.70
N LEU A 402 -16.82 -2.75 15.52
CA LEU A 402 -17.64 -3.93 15.25
C LEU A 402 -16.92 -5.23 15.61
N TYR A 403 -15.60 -5.30 15.36
CA TYR A 403 -14.84 -6.50 15.64
C TYR A 403 -14.66 -6.78 17.12
N GLU A 404 -15.13 -5.90 18.00
CA GLU A 404 -15.04 -6.09 19.44
C GLU A 404 -16.19 -6.89 20.01
N ARG A 405 -17.08 -7.40 19.16
CA ARG A 405 -18.21 -8.22 19.60
C ARG A 405 -18.24 -9.59 18.93
N MET A 406 -17.17 -9.97 18.23
CA MET A 406 -17.09 -11.24 17.53
C MET A 406 -16.02 -12.16 18.11
N HIS A 407 -15.59 -11.92 19.34
CA HIS A 407 -14.49 -12.68 19.91
C HIS A 407 -14.88 -14.12 20.19
N GLU A 408 -16.16 -14.38 20.46
CA GLU A 408 -16.60 -15.73 20.78
CA GLU A 408 -16.62 -15.73 20.79
C GLU A 408 -16.85 -16.59 19.55
N GLY A 409 -16.63 -16.05 18.35
CA GLY A 409 -16.81 -16.83 17.14
C GLY A 409 -18.23 -17.24 16.85
N ARG A 410 -19.21 -16.50 17.36
CA ARG A 410 -20.61 -16.82 17.14
C ARG A 410 -21.15 -16.07 15.93
N GLY A 411 -22.33 -16.49 15.48
CA GLY A 411 -22.98 -15.79 14.39
C GLY A 411 -23.43 -14.40 14.84
N LEU A 412 -23.22 -13.42 13.96
CA LEU A 412 -23.50 -12.03 14.27
C LEU A 412 -24.66 -11.51 13.42
N LEU A 413 -25.47 -10.64 14.02
CA LEU A 413 -26.60 -10.01 13.33
C LEU A 413 -26.58 -8.53 13.69
N LEU A 414 -26.02 -7.72 12.80
CA LEU A 414 -25.98 -6.27 13.00
C LEU A 414 -27.34 -5.69 12.65
N ASP A 415 -28.09 -5.25 13.66
CA ASP A 415 -29.45 -4.75 13.49
C ASP A 415 -29.46 -3.26 13.85
N GLN A 416 -29.53 -2.41 12.83
CA GLN A 416 -29.51 -0.97 13.07
C GLN A 416 -30.88 -0.43 13.50
N THR A 417 -31.96 -1.14 13.19
CA THR A 417 -33.30 -0.66 13.50
C THR A 417 -33.92 -1.34 14.71
N GLY A 418 -33.52 -2.57 15.02
CA GLY A 418 -34.01 -3.26 16.19
C GLY A 418 -35.29 -4.04 16.01
N ARG A 419 -35.94 -3.95 14.85
CA ARG A 419 -37.17 -4.70 14.61
C ARG A 419 -36.89 -6.16 14.25
N LEU A 420 -35.70 -6.47 13.73
CA LEU A 420 -35.34 -7.84 13.44
C LEU A 420 -35.00 -8.57 14.73
N SER A 421 -35.15 -9.90 14.71
CA SER A 421 -34.88 -10.71 15.87
C SER A 421 -34.57 -12.14 15.43
N VAL A 422 -33.90 -12.88 16.29
CA VAL A 422 -33.57 -14.29 16.07
C VAL A 422 -34.43 -15.13 17.00
N ALA A 423 -35.14 -16.10 16.43
CA ALA A 423 -36.05 -16.97 17.16
C ALA A 423 -35.60 -18.41 16.99
N GLY A 424 -34.97 -18.96 18.01
CA GLY A 424 -34.49 -20.33 17.98
C GLY A 424 -33.01 -20.48 17.69
N TRP A 425 -32.35 -19.42 17.23
CA TRP A 425 -30.92 -19.46 16.93
C TRP A 425 -30.09 -18.63 17.90
N GLU A 426 -30.61 -18.39 19.11
CA GLU A 426 -29.85 -17.65 20.10
C GLU A 426 -28.62 -18.41 20.56
N ASP A 427 -28.64 -19.74 20.47
CA ASP A 427 -27.51 -20.56 20.89
C ASP A 427 -26.33 -20.46 19.93
N ARG A 428 -26.51 -19.86 18.75
CA ARG A 428 -25.44 -19.79 17.76
C ARG A 428 -25.25 -18.37 17.26
N VAL A 429 -26.34 -17.61 17.17
CA VAL A 429 -26.32 -16.26 16.62
C VAL A 429 -26.66 -15.27 17.73
N ASP A 430 -25.89 -14.20 17.81
CA ASP A 430 -26.15 -13.14 18.78
C ASP A 430 -27.13 -12.13 18.18
N HIS A 431 -27.23 -10.95 18.78
CA HIS A 431 -28.13 -9.91 18.27
C HIS A 431 -27.59 -8.53 18.65
N VAL A 432 -26.66 -8.00 17.85
CA VAL A 432 -26.05 -6.71 18.14
C VAL A 432 -26.90 -5.62 17.52
N VAL A 433 -27.43 -4.73 18.37
CA VAL A 433 -28.23 -3.61 17.91
C VAL A 433 -27.44 -2.33 18.09
N GLU A 434 -26.74 -1.90 17.03
CA GLU A 434 -25.94 -0.69 17.07
C GLU A 434 -26.04 0.03 15.73
N VAL A 435 -26.28 1.33 15.79
CA VAL A 435 -26.40 2.14 14.58
C VAL A 435 -25.01 2.51 14.08
N SER A 436 -24.78 2.31 12.78
CA SER A 436 -23.52 2.65 12.14
C SER A 436 -23.76 3.55 10.95
N GLU A 437 -22.81 4.46 10.70
CA GLU A 437 -22.91 5.38 9.57
C GLU A 437 -22.20 4.87 8.33
N GLU A 438 -21.22 3.97 8.50
CA GLU A 438 -20.56 3.37 7.35
C GLU A 438 -21.43 2.35 6.64
N LEU A 439 -22.54 1.93 7.25
CA LEU A 439 -23.42 0.92 6.70
C LEU A 439 -24.65 1.59 6.11
N ASP A 440 -24.88 1.38 4.81
CA ASP A 440 -26.02 1.97 4.11
C ASP A 440 -27.21 1.02 4.03
N VAL A 441 -27.14 -0.13 4.69
CA VAL A 441 -28.23 -1.10 4.67
C VAL A 441 -28.80 -1.23 6.08
N PRO A 442 -30.07 -1.63 6.23
CA PRO A 442 -30.65 -1.68 7.58
C PRO A 442 -30.06 -2.76 8.47
N ALA A 443 -29.78 -3.93 7.92
CA ALA A 443 -29.29 -5.05 8.74
C ALA A 443 -28.39 -5.94 7.91
N VAL A 444 -27.42 -6.56 8.60
CA VAL A 444 -26.50 -7.50 7.99
C VAL A 444 -26.43 -8.75 8.84
N LEU A 445 -26.35 -9.92 8.20
CA LEU A 445 -26.18 -11.19 8.88
C LEU A 445 -24.78 -11.72 8.55
N LEU A 446 -23.95 -11.85 9.57
CA LEU A 446 -22.55 -12.21 9.41
C LEU A 446 -22.30 -13.64 9.86
N ARG A 447 -21.59 -14.40 9.04
CA ARG A 447 -21.07 -15.69 9.46
C ARG A 447 -19.98 -15.49 10.51
N PRO A 448 -19.64 -16.54 11.27
CA PRO A 448 -18.57 -16.40 12.27
C PRO A 448 -17.24 -15.93 11.70
N ASP A 449 -17.01 -16.05 10.39
CA ASP A 449 -15.79 -15.57 9.77
C ASP A 449 -15.96 -14.19 9.14
N GLY A 450 -17.11 -13.53 9.35
CA GLY A 450 -17.31 -12.18 8.88
C GLY A 450 -17.97 -12.05 7.53
N HIS A 451 -18.05 -13.12 6.75
CA HIS A 451 -18.64 -13.02 5.42
C HIS A 451 -20.16 -12.91 5.50
N VAL A 452 -20.72 -12.09 4.62
CA VAL A 452 -22.15 -11.77 4.65
C VAL A 452 -22.94 -12.86 3.95
N VAL A 453 -24.05 -13.27 4.58
CA VAL A 453 -24.99 -14.20 3.96
C VAL A 453 -26.38 -13.63 3.81
N TRP A 454 -26.65 -12.44 4.36
CA TRP A 454 -27.94 -11.79 4.21
C TRP A 454 -27.78 -10.31 4.55
N ALA A 455 -28.47 -9.46 3.78
CA ALA A 455 -28.43 -8.02 4.02
C ALA A 455 -29.72 -7.41 3.51
N GLY A 456 -30.50 -6.82 4.41
CA GLY A 456 -31.76 -6.21 4.03
C GLY A 456 -32.52 -5.64 5.21
N GLU A 457 -33.84 -5.87 5.22
CA GLU A 457 -34.68 -5.32 6.29
C GLU A 457 -35.93 -6.15 6.56
N ASP A 458 -36.19 -7.22 5.82
CA ASP A 458 -37.39 -8.02 6.01
C ASP A 458 -37.13 -9.15 6.99
N GLN A 459 -38.10 -9.40 7.86
CA GLN A 459 -37.97 -10.48 8.82
C GLN A 459 -38.16 -11.84 8.15
N GLN A 460 -39.13 -11.95 7.23
CA GLN A 460 -39.34 -13.20 6.52
C GLN A 460 -38.17 -13.53 5.61
N GLU A 461 -37.59 -12.51 4.96
CA GLU A 461 -36.39 -12.73 4.18
C GLU A 461 -35.23 -13.20 5.06
N LEU A 462 -35.19 -12.71 6.31
CA LEU A 462 -34.21 -13.22 7.26
C LEU A 462 -34.50 -14.68 7.61
N LEU A 463 -35.78 -15.03 7.77
CA LEU A 463 -36.15 -16.40 8.11
C LEU A 463 -35.80 -17.38 7.00
N THR A 464 -35.56 -16.91 5.78
CA THR A 464 -35.19 -17.80 4.69
C THR A 464 -33.71 -18.15 4.72
N ARG A 465 -32.85 -17.16 4.96
CA ARG A 465 -31.40 -17.36 4.91
C ARG A 465 -30.80 -17.72 6.25
N MET A 466 -31.59 -17.70 7.34
CA MET A 466 -31.04 -18.06 8.64
C MET A 466 -30.70 -19.55 8.74
N PRO A 467 -31.62 -20.49 8.45
CA PRO A 467 -31.25 -21.91 8.61
C PRO A 467 -30.29 -22.43 7.56
N ALA A 468 -30.03 -21.67 6.49
CA ALA A 468 -29.10 -22.13 5.46
C ALA A 468 -27.67 -22.18 5.96
N TRP A 469 -27.32 -21.38 6.97
CA TRP A 469 -25.96 -21.35 7.51
C TRP A 469 -25.90 -21.51 9.03
N PHE A 470 -27.03 -21.74 9.70
CA PHE A 470 -27.02 -21.91 11.15
C PHE A 470 -27.89 -23.08 11.61
N GLY A 471 -28.36 -23.94 10.70
CA GLY A 471 -29.17 -25.07 11.09
C GLY A 471 -30.59 -24.67 11.49
N ALA A 472 -31.35 -25.67 11.89
CA ALA A 472 -32.73 -25.45 12.29
C ALA A 472 -32.80 -24.76 13.65
N ALA A 473 -33.99 -24.26 13.97
CA ALA A 473 -34.21 -23.57 15.23
C ALA A 473 -34.30 -24.56 16.38
N THR A 474 -34.49 -24.04 17.59
CA THR A 474 -34.58 -24.88 18.78
C THR A 474 -36.02 -25.25 19.09
N MET B 1 19.87 19.35 -60.28
CA MET B 1 19.92 19.02 -58.85
C MET B 1 18.52 19.06 -58.23
N PHE B 2 18.33 18.27 -57.19
CA PHE B 2 17.09 18.24 -56.42
C PHE B 2 17.31 18.83 -55.04
N ASP B 3 16.20 19.23 -54.40
CA ASP B 3 16.27 19.69 -53.02
C ASP B 3 16.33 18.50 -52.07
N VAL B 4 15.29 17.67 -52.08
CA VAL B 4 15.21 16.47 -51.26
C VAL B 4 14.98 15.27 -52.16
N ILE B 5 15.67 14.17 -51.87
CA ILE B 5 15.50 12.92 -52.59
C ILE B 5 15.16 11.85 -51.57
N VAL B 6 13.93 11.38 -51.58
CA VAL B 6 13.50 10.28 -50.70
C VAL B 6 13.82 8.97 -51.40
N VAL B 7 14.09 7.94 -50.62
CA VAL B 7 14.52 6.65 -51.13
C VAL B 7 13.51 5.61 -50.66
N GLY B 8 12.55 5.27 -51.52
CA GLY B 8 11.56 4.28 -51.18
C GLY B 8 10.15 4.69 -51.57
N GLY B 9 9.48 3.85 -52.36
CA GLY B 9 8.12 4.11 -52.79
C GLY B 9 7.05 3.67 -51.82
N GLY B 10 7.42 3.28 -50.60
CA GLY B 10 6.46 2.87 -49.63
C GLY B 10 5.66 4.04 -49.09
N PRO B 11 4.71 3.74 -48.20
CA PRO B 11 3.86 4.81 -47.65
C PRO B 11 4.63 5.85 -46.85
N THR B 12 5.79 5.50 -46.30
CA THR B 12 6.58 6.47 -45.55
C THR B 12 7.18 7.53 -46.48
N GLY B 13 7.74 7.09 -47.60
CA GLY B 13 8.31 8.04 -48.55
C GLY B 13 7.27 8.83 -49.32
N LEU B 14 6.13 8.20 -49.61
CA LEU B 14 5.08 8.89 -50.35
C LEU B 14 4.41 9.96 -49.49
N MET B 15 4.24 9.68 -48.20
CA MET B 15 3.66 10.69 -47.31
C MET B 15 4.64 11.85 -47.10
N LEU B 16 5.94 11.55 -47.05
CA LEU B 16 6.94 12.61 -46.92
C LEU B 16 7.00 13.45 -48.19
N ALA B 17 6.93 12.81 -49.36
CA ALA B 17 6.97 13.56 -50.61
C ALA B 17 5.74 14.45 -50.77
N GLY B 18 4.59 13.99 -50.28
CA GLY B 18 3.39 14.83 -50.32
C GLY B 18 3.49 16.01 -49.38
N GLU B 19 4.12 15.81 -48.22
CA GLU B 19 4.29 16.92 -47.28
C GLU B 19 5.26 17.96 -47.82
N LEU B 20 6.31 17.53 -48.51
CA LEU B 20 7.29 18.48 -49.03
C LEU B 20 6.75 19.26 -50.21
N ARG B 21 5.95 18.62 -51.07
CA ARG B 21 5.37 19.31 -52.22
C ARG B 21 4.34 20.36 -51.82
N LEU B 22 3.84 20.32 -50.59
CA LEU B 22 2.93 21.36 -50.13
C LEU B 22 3.63 22.71 -50.02
N HIS B 23 4.95 22.73 -49.97
CA HIS B 23 5.71 23.97 -49.87
C HIS B 23 6.60 24.21 -51.09
N GLY B 24 6.40 23.46 -52.17
CA GLY B 24 7.19 23.63 -53.37
C GLY B 24 8.63 23.20 -53.19
N VAL B 25 8.87 21.89 -53.09
CA VAL B 25 10.20 21.33 -52.88
C VAL B 25 10.46 20.32 -53.98
N ARG B 26 11.55 20.49 -54.71
CA ARG B 26 11.94 19.55 -55.76
C ARG B 26 12.27 18.20 -55.15
N VAL B 27 11.30 17.28 -55.16
CA VAL B 27 11.47 15.98 -54.53
C VAL B 27 11.67 14.92 -55.60
N LEU B 28 12.25 13.79 -55.18
CA LEU B 28 12.51 12.66 -56.08
C LEU B 28 12.35 11.38 -55.28
N VAL B 29 11.41 10.54 -55.69
CA VAL B 29 11.15 9.26 -55.03
C VAL B 29 11.86 8.16 -55.83
N LEU B 30 12.71 7.40 -55.14
CA LEU B 30 13.47 6.32 -55.76
C LEU B 30 12.94 4.99 -55.23
N GLU B 31 12.27 4.24 -56.09
CA GLU B 31 11.72 2.93 -55.76
C GLU B 31 12.50 1.85 -56.51
N LYS B 32 12.89 0.80 -55.80
CA LYS B 32 13.70 -0.25 -56.41
C LYS B 32 12.87 -1.15 -57.32
N GLU B 33 11.64 -1.44 -56.94
CA GLU B 33 10.81 -2.35 -57.71
C GLU B 33 10.19 -1.64 -58.91
N THR B 34 9.83 -2.43 -59.92
CA THR B 34 9.28 -1.88 -61.15
C THR B 34 7.90 -1.26 -60.90
N GLU B 35 7.00 -2.03 -60.32
CA GLU B 35 5.66 -1.59 -59.99
C GLU B 35 5.36 -1.94 -58.55
N PRO B 36 4.42 -1.25 -57.90
CA PRO B 36 4.18 -1.47 -56.47
C PRO B 36 3.81 -2.92 -56.17
N THR B 37 4.13 -3.33 -54.94
CA THR B 37 3.91 -4.72 -54.53
C THR B 37 2.42 -5.00 -54.33
N ARG B 38 2.05 -6.26 -54.53
CA ARG B 38 0.68 -6.71 -54.36
C ARG B 38 0.45 -7.40 -53.02
N GLN B 39 1.45 -7.39 -52.14
CA GLN B 39 1.32 -8.00 -50.82
C GLN B 39 0.54 -7.08 -49.90
N SER B 40 -0.55 -7.60 -49.32
CA SER B 40 -1.39 -6.82 -48.42
C SER B 40 -0.81 -6.94 -47.02
N ARG B 41 0.05 -5.99 -46.66
CA ARG B 41 0.69 -5.98 -45.35
C ARG B 41 -0.26 -5.45 -44.29
N ALA B 42 -0.36 -4.12 -44.19
CA ALA B 42 -1.27 -3.51 -43.24
C ALA B 42 -2.72 -3.72 -43.68
N GLN B 43 -3.65 -3.50 -42.74
CA GLN B 43 -5.06 -3.70 -43.02
C GLN B 43 -5.92 -2.60 -42.43
N GLY B 44 -5.38 -1.39 -42.33
CA GLY B 44 -6.18 -0.27 -41.85
C GLY B 44 -5.31 0.86 -41.32
N LEU B 45 -5.99 1.83 -40.71
CA LEU B 45 -5.36 2.99 -40.11
C LEU B 45 -5.92 3.21 -38.72
N HIS B 46 -5.08 3.60 -37.79
CA HIS B 46 -5.52 3.92 -36.44
C HIS B 46 -5.94 5.38 -36.36
N VAL B 47 -6.32 5.82 -35.16
CA VAL B 47 -6.98 7.12 -35.00
C VAL B 47 -6.07 8.26 -35.43
N ARG B 48 -4.79 8.22 -35.03
CA ARG B 48 -3.90 9.31 -35.38
C ARG B 48 -3.66 9.38 -36.88
N SER B 49 -3.48 8.24 -37.53
CA SER B 49 -3.30 8.24 -38.98
C SER B 49 -4.55 8.73 -39.70
N ILE B 50 -5.72 8.45 -39.16
CA ILE B 50 -6.95 8.98 -39.73
C ILE B 50 -6.98 10.50 -39.63
N GLU B 51 -6.54 11.04 -38.49
CA GLU B 51 -6.47 12.49 -38.34
C GLU B 51 -5.45 13.10 -39.29
N VAL B 52 -4.31 12.43 -39.48
CA VAL B 52 -3.29 12.94 -40.38
C VAL B 52 -3.83 13.06 -41.80
N MET B 53 -4.60 12.06 -42.24
CA MET B 53 -5.21 12.14 -43.56
C MET B 53 -6.28 13.21 -43.61
N ALA B 54 -6.91 13.53 -42.47
CA ALA B 54 -7.91 14.58 -42.44
C ALA B 54 -7.29 15.96 -42.37
N GLN B 55 -6.10 16.09 -41.79
CA GLN B 55 -5.43 17.39 -41.72
C GLN B 55 -5.05 17.89 -43.10
N ARG B 56 -4.85 16.99 -44.07
CA ARG B 56 -4.45 17.37 -45.41
C ARG B 56 -5.57 17.18 -46.42
N GLY B 57 -6.77 16.82 -45.98
CA GLY B 57 -7.90 16.67 -46.88
C GLY B 57 -7.99 15.35 -47.61
N LEU B 58 -7.18 14.36 -47.23
CA LEU B 58 -7.17 13.06 -47.87
C LEU B 58 -8.11 12.06 -47.22
N LEU B 59 -8.92 12.50 -46.25
CA LEU B 59 -9.78 11.57 -45.52
C LEU B 59 -10.93 11.06 -46.38
N GLU B 60 -11.45 11.88 -47.28
CA GLU B 60 -12.61 11.47 -48.07
C GLU B 60 -12.25 10.31 -49.00
N ARG B 61 -11.17 10.44 -49.76
CA ARG B 61 -10.75 9.38 -50.67
C ARG B 61 -10.38 8.10 -49.93
N PHE B 62 -10.00 8.21 -48.65
CA PHE B 62 -9.79 7.01 -47.84
C PHE B 62 -11.11 6.41 -47.37
N LEU B 63 -12.10 7.26 -47.06
CA LEU B 63 -13.39 6.75 -46.61
C LEU B 63 -14.21 6.17 -47.75
N GLU B 64 -14.01 6.67 -48.98
CA GLU B 64 -14.72 6.11 -50.12
C GLU B 64 -14.28 4.68 -50.41
N ARG B 65 -13.03 4.35 -50.12
CA ARG B 65 -12.46 3.04 -50.40
C ARG B 65 -12.20 2.25 -49.10
N GLY B 66 -13.04 2.45 -48.10
CA GLY B 66 -12.87 1.74 -46.84
C GLY B 66 -14.09 1.92 -45.97
N HIS B 67 -14.10 1.18 -44.86
CA HIS B 67 -15.20 1.22 -43.90
C HIS B 67 -14.64 1.42 -42.50
N THR B 68 -15.48 1.98 -41.63
CA THR B 68 -15.08 2.27 -40.26
C THR B 68 -15.47 1.12 -39.34
N VAL B 69 -14.60 0.82 -38.39
CA VAL B 69 -14.80 -0.26 -37.42
C VAL B 69 -14.36 0.24 -36.05
N ALA B 70 -15.25 0.13 -35.06
CA ALA B 70 -14.98 0.57 -33.69
C ALA B 70 -15.24 -0.60 -32.75
N VAL B 71 -14.39 -1.61 -32.81
CA VAL B 71 -14.50 -2.79 -31.96
C VAL B 71 -13.29 -2.84 -31.03
N GLY B 72 -13.38 -3.70 -30.03
CA GLY B 72 -12.32 -3.88 -29.05
C GLY B 72 -11.52 -5.14 -29.32
N GLY B 73 -10.24 -5.10 -28.95
CA GLY B 73 -9.38 -6.24 -29.12
C GLY B 73 -8.11 -5.95 -29.89
N PHE B 74 -7.80 -4.66 -30.07
CA PHE B 74 -6.61 -4.25 -30.80
C PHE B 74 -5.34 -4.24 -29.94
N PHE B 75 -5.44 -4.58 -28.65
CA PHE B 75 -4.30 -4.58 -27.74
C PHE B 75 -4.07 -6.00 -27.24
N ALA B 76 -3.05 -6.65 -27.78
CA ALA B 76 -2.64 -8.00 -27.37
C ALA B 76 -3.79 -9.00 -27.48
N GLY B 77 -4.72 -8.76 -28.39
CA GLY B 77 -5.86 -9.63 -28.55
C GLY B 77 -6.85 -9.61 -27.42
N LEU B 78 -6.74 -8.66 -26.49
CA LEU B 78 -7.65 -8.57 -25.36
C LEU B 78 -9.04 -8.17 -25.85
N ALA B 79 -9.88 -9.14 -26.17
CA ALA B 79 -11.21 -8.89 -26.71
C ALA B 79 -12.09 -8.16 -25.70
N THR B 80 -12.24 -6.84 -25.88
CA THR B 80 -13.08 -6.05 -25.01
C THR B 80 -14.02 -5.16 -25.82
N SER B 81 -14.03 -3.87 -25.54
CA SER B 81 -14.89 -2.93 -26.23
C SER B 81 -14.08 -1.69 -26.60
N TRP B 82 -14.69 -0.85 -27.44
CA TRP B 82 -14.07 0.40 -27.86
C TRP B 82 -14.36 1.50 -26.86
N PRO B 83 -13.36 2.33 -26.52
CA PRO B 83 -13.58 3.38 -25.52
C PRO B 83 -14.64 4.37 -25.96
N GLU B 84 -15.44 4.83 -24.99
CA GLU B 84 -16.53 5.75 -25.27
C GLU B 84 -16.12 7.21 -25.13
N ARG B 85 -15.13 7.50 -24.28
CA ARG B 85 -14.68 8.87 -24.08
C ARG B 85 -13.28 9.07 -24.64
N LEU B 86 -13.07 8.65 -25.88
CA LEU B 86 -11.77 8.81 -26.53
C LEU B 86 -11.59 10.26 -26.97
N ASP B 87 -10.49 10.87 -26.53
CA ASP B 87 -10.25 12.29 -26.81
C ASP B 87 -9.89 12.51 -28.28
N THR B 88 -10.86 12.33 -29.17
CA THR B 88 -10.64 12.53 -30.60
C THR B 88 -11.99 12.64 -31.29
N ALA B 89 -11.96 13.19 -32.51
CA ALA B 89 -13.16 13.28 -33.33
C ALA B 89 -13.33 12.09 -34.26
N HIS B 90 -12.24 11.40 -34.59
CA HIS B 90 -12.30 10.23 -35.46
C HIS B 90 -12.10 8.95 -34.65
N SER B 91 -12.95 8.73 -33.66
CA SER B 91 -12.81 7.59 -32.74
C SER B 91 -13.31 6.33 -33.42
N TYR B 92 -12.48 5.83 -34.33
CA TYR B 92 -12.75 4.57 -35.02
C TYR B 92 -11.46 4.08 -35.66
N VAL B 93 -11.55 2.94 -36.35
CA VAL B 93 -10.43 2.35 -37.06
C VAL B 93 -10.83 2.23 -38.51
N LEU B 94 -10.16 3.00 -39.38
CA LEU B 94 -10.43 2.95 -40.81
C LEU B 94 -9.84 1.67 -41.39
N ALA B 95 -10.68 0.86 -42.02
CA ALA B 95 -10.26 -0.43 -42.57
C ALA B 95 -9.92 -0.24 -44.04
N VAL B 96 -8.64 -0.06 -44.34
CA VAL B 96 -8.16 0.12 -45.71
C VAL B 96 -6.86 -0.67 -45.88
N PRO B 97 -6.74 -1.49 -46.92
CA PRO B 97 -5.49 -2.23 -47.13
C PRO B 97 -4.33 -1.29 -47.45
N GLN B 98 -3.12 -1.74 -47.10
CA GLN B 98 -1.93 -0.94 -47.38
C GLN B 98 -1.73 -0.77 -48.88
N VAL B 99 -2.12 -1.76 -49.67
CA VAL B 99 -2.00 -1.64 -51.13
C VAL B 99 -2.80 -0.46 -51.63
N ILE B 100 -3.95 -0.19 -51.01
CA ILE B 100 -4.75 0.98 -51.38
C ILE B 100 -4.16 2.24 -50.77
N THR B 101 -3.66 2.16 -49.54
CA THR B 101 -3.04 3.32 -48.91
C THR B 101 -1.81 3.77 -49.68
N GLU B 102 -0.95 2.82 -50.08
CA GLU B 102 0.20 3.16 -50.90
C GLU B 102 -0.23 3.72 -52.25
N GLN B 103 -1.40 3.30 -52.74
CA GLN B 103 -1.90 3.83 -54.00
C GLN B 103 -2.40 5.26 -53.84
N LEU B 104 -3.12 5.55 -52.76
CA LEU B 104 -3.65 6.89 -52.55
C LEU B 104 -2.54 7.89 -52.29
N LEU B 105 -1.51 7.49 -51.53
CA LEU B 105 -0.39 8.39 -51.29
C LEU B 105 0.45 8.60 -52.54
N ALA B 106 0.43 7.64 -53.46
CA ALA B 106 1.16 7.80 -54.72
C ALA B 106 0.42 8.71 -55.67
N GLU B 107 -0.89 8.55 -55.80
CA GLU B 107 -1.68 9.43 -56.66
C GLU B 107 -1.68 10.86 -56.14
N HIS B 108 -1.65 11.04 -54.82
CA HIS B 108 -1.66 12.38 -54.25
C HIS B 108 -0.31 13.07 -54.43
N ALA B 109 0.78 12.35 -54.14
CA ALA B 109 2.11 12.94 -54.26
C ALA B 109 2.44 13.28 -55.71
N THR B 110 2.07 12.40 -56.65
CA THR B 110 2.31 12.68 -58.05
C THR B 110 1.51 13.89 -58.52
N ALA B 111 0.29 14.04 -58.01
CA ALA B 111 -0.53 15.20 -58.38
C ALA B 111 0.08 16.49 -57.88
N LEU B 112 0.87 16.44 -56.81
CA LEU B 112 1.54 17.61 -56.27
C LEU B 112 2.90 17.86 -56.90
N GLY B 113 3.21 17.17 -58.00
CA GLY B 113 4.45 17.41 -58.72
C GLY B 113 5.66 16.74 -58.10
N ALA B 114 5.57 15.43 -57.86
CA ALA B 114 6.66 14.65 -57.27
C ALA B 114 7.17 13.66 -58.30
N GLU B 115 8.47 13.74 -58.60
CA GLU B 115 9.09 12.78 -59.52
C GLU B 115 9.27 11.44 -58.82
N ILE B 116 8.57 10.43 -59.30
CA ILE B 116 8.68 9.07 -58.78
C ILE B 116 9.28 8.20 -59.88
N ARG B 117 10.48 7.70 -59.63
CA ARG B 117 11.21 6.85 -60.58
C ARG B 117 11.27 5.44 -60.00
N ARG B 118 10.36 4.59 -60.45
CA ARG B 118 10.30 3.21 -59.98
C ARG B 118 11.29 2.35 -60.75
N GLY B 119 12.00 1.49 -60.03
CA GLY B 119 13.05 0.68 -60.62
C GLY B 119 14.46 1.20 -60.41
N ARG B 120 14.63 2.21 -59.55
CA ARG B 120 15.93 2.82 -59.30
C ARG B 120 16.40 2.40 -57.90
N ALA B 121 17.30 1.42 -57.86
CA ALA B 121 17.85 0.97 -56.59
C ALA B 121 19.02 1.85 -56.19
N LEU B 122 19.16 2.07 -54.88
CA LEU B 122 20.25 2.86 -54.33
C LEU B 122 21.39 1.94 -53.93
N VAL B 123 22.58 2.24 -54.43
CA VAL B 123 23.77 1.44 -54.15
C VAL B 123 24.65 2.09 -53.08
N GLY B 124 24.97 3.38 -53.27
CA GLY B 124 25.81 4.08 -52.32
C GLY B 124 25.50 5.55 -52.30
N LEU B 125 26.12 6.24 -51.34
CA LEU B 125 25.98 7.68 -51.22
C LEU B 125 27.14 8.23 -50.41
N ARG B 126 27.49 9.49 -50.69
CA ARG B 126 28.51 10.20 -49.95
C ARG B 126 28.11 11.67 -49.84
N GLN B 127 28.51 12.31 -48.75
CA GLN B 127 28.04 13.63 -48.39
C GLN B 127 29.17 14.66 -48.48
N ASP B 128 28.79 15.88 -48.83
CA ASP B 128 29.69 17.02 -48.88
C ASP B 128 29.13 18.13 -47.98
N GLU B 129 29.80 19.28 -47.98
CA GLU B 129 29.31 20.44 -47.27
C GLU B 129 28.29 21.24 -48.07
N ASP B 130 28.04 20.85 -49.32
CA ASP B 130 27.06 21.52 -50.16
C ASP B 130 25.91 20.61 -50.57
N GLY B 131 26.13 19.31 -50.67
CA GLY B 131 25.07 18.40 -51.06
C GLY B 131 25.48 16.96 -50.85
N VAL B 132 24.62 16.05 -51.28
CA VAL B 132 24.84 14.61 -51.15
C VAL B 132 24.74 13.98 -52.53
N THR B 133 25.72 13.16 -52.88
CA THR B 133 25.75 12.43 -54.14
C THR B 133 25.31 11.00 -53.91
N VAL B 134 24.35 10.54 -54.72
CA VAL B 134 23.77 9.21 -54.57
C VAL B 134 24.05 8.41 -55.83
N ASP B 135 24.60 7.21 -55.66
CA ASP B 135 24.89 6.31 -56.76
C ASP B 135 23.76 5.30 -56.94
N LEU B 136 23.55 4.88 -58.18
CA LEU B 136 22.50 3.94 -58.52
C LEU B 136 23.10 2.66 -59.09
N ALA B 137 22.24 1.67 -59.32
CA ALA B 137 22.70 0.38 -59.81
C ALA B 137 23.26 0.46 -61.23
N ASP B 138 22.68 1.32 -62.07
CA ASP B 138 23.15 1.45 -63.44
C ASP B 138 24.45 2.24 -63.52
N GLY B 139 24.61 3.25 -62.66
CA GLY B 139 25.81 4.06 -62.66
C GLY B 139 25.54 5.54 -62.59
N GLU B 140 24.27 5.92 -62.67
CA GLU B 140 23.89 7.32 -62.61
C GLU B 140 24.09 7.87 -61.20
N GLN B 141 24.63 9.07 -61.11
CA GLN B 141 24.84 9.75 -59.83
C GLN B 141 23.95 10.99 -59.77
N LEU B 142 23.07 11.02 -58.78
CA LEU B 142 22.17 12.14 -58.55
C LEU B 142 22.61 12.90 -57.30
N ARG B 143 22.48 14.22 -57.35
CA ARG B 143 22.89 15.08 -56.25
C ARG B 143 21.67 15.81 -55.68
N ALA B 144 21.64 15.93 -54.35
CA ALA B 144 20.56 16.61 -53.67
C ALA B 144 21.09 17.28 -52.42
N ARG B 145 20.29 18.20 -51.87
CA ARG B 145 20.66 18.87 -50.63
C ARG B 145 20.45 17.96 -49.43
N TYR B 146 19.37 17.18 -49.42
CA TYR B 146 19.05 16.28 -48.32
C TYR B 146 18.45 15.00 -48.88
N VAL B 147 18.77 13.87 -48.25
CA VAL B 147 18.33 12.56 -48.70
C VAL B 147 17.74 11.83 -47.50
N VAL B 148 16.48 11.43 -47.60
CA VAL B 148 15.77 10.71 -46.55
C VAL B 148 15.65 9.25 -46.98
N GLY B 149 15.95 8.34 -46.06
CA GLY B 149 15.86 6.92 -46.35
C GLY B 149 14.60 6.26 -45.83
N CYS B 150 13.66 5.96 -46.73
CA CYS B 150 12.43 5.27 -46.36
C CYS B 150 12.37 3.93 -47.07
N ASP B 151 13.41 3.10 -46.90
CA ASP B 151 13.56 1.91 -47.72
C ASP B 151 13.55 0.63 -46.88
N GLY B 152 12.53 0.45 -46.06
CA GLY B 152 12.29 -0.83 -45.42
C GLY B 152 13.31 -1.18 -44.34
N GLY B 153 13.05 -2.31 -43.68
CA GLY B 153 13.90 -2.72 -42.57
C GLY B 153 15.33 -2.95 -42.98
N ARG B 154 15.55 -3.67 -44.09
CA ARG B 154 16.89 -3.88 -44.63
C ARG B 154 17.29 -2.68 -45.48
N SER B 155 17.24 -1.51 -44.85
CA SER B 155 17.47 -0.24 -45.53
C SER B 155 18.91 -0.14 -46.01
N THR B 156 19.09 0.02 -47.32
CA THR B 156 20.43 0.25 -47.85
C THR B 156 20.99 1.58 -47.39
N VAL B 157 20.12 2.57 -47.15
CA VAL B 157 20.60 3.88 -46.71
C VAL B 157 21.21 3.79 -45.31
N ARG B 158 20.55 3.05 -44.41
CA ARG B 158 21.06 2.96 -43.04
C ARG B 158 22.40 2.23 -42.99
N LYS B 159 22.57 1.20 -43.82
CA LYS B 159 23.80 0.42 -43.79
C LYS B 159 25.01 1.23 -44.25
N LEU B 160 24.79 2.22 -45.12
CA LEU B 160 25.87 3.02 -45.67
C LEU B 160 26.31 4.16 -44.75
N LEU B 161 25.54 4.45 -43.70
CA LEU B 161 25.85 5.53 -42.79
C LEU B 161 26.52 5.07 -41.50
N GLY B 162 26.65 3.75 -41.31
CA GLY B 162 27.18 3.24 -40.06
C GLY B 162 26.23 3.31 -38.90
N VAL B 163 24.96 3.66 -39.13
CA VAL B 163 23.98 3.75 -38.06
C VAL B 163 23.69 2.36 -37.54
N ALA B 164 23.97 2.14 -36.24
CA ALA B 164 23.73 0.84 -35.64
C ALA B 164 22.24 0.53 -35.59
N PHE B 165 21.93 -0.76 -35.53
CA PHE B 165 20.55 -1.25 -35.49
C PHE B 165 20.40 -2.23 -34.34
N PRO B 166 20.52 -1.75 -33.10
CA PRO B 166 20.44 -2.66 -31.95
C PRO B 166 19.02 -3.09 -31.66
N GLY B 167 18.90 -4.21 -30.98
CA GLY B 167 17.61 -4.75 -30.62
C GLY B 167 17.67 -6.27 -30.51
N GLU B 168 16.50 -6.84 -30.26
CA GLU B 168 16.40 -8.29 -30.11
C GLU B 168 16.31 -8.95 -31.49
N PRO B 169 16.92 -10.12 -31.66
CA PRO B 169 16.83 -10.83 -32.94
C PRO B 169 15.49 -11.54 -33.06
N SER B 170 15.31 -12.23 -34.20
CA SER B 170 14.09 -12.97 -34.46
C SER B 170 14.14 -14.31 -33.74
N ARG B 171 13.21 -14.53 -32.81
CA ARG B 171 13.12 -15.78 -32.08
C ARG B 171 11.79 -16.51 -32.26
N VAL B 172 10.76 -15.84 -32.76
CA VAL B 172 9.45 -16.44 -32.97
C VAL B 172 9.00 -16.16 -34.40
N GLU B 173 8.61 -17.21 -35.11
CA GLU B 173 8.12 -17.10 -36.47
C GLU B 173 6.60 -17.23 -36.50
N THR B 174 5.99 -16.65 -37.54
CA THR B 174 4.54 -16.68 -37.71
C THR B 174 4.22 -16.90 -39.18
N LEU B 175 3.20 -17.72 -39.44
CA LEU B 175 2.79 -18.07 -40.79
C LEU B 175 1.48 -17.38 -41.12
N LEU B 176 1.45 -16.66 -42.23
CA LEU B 176 0.26 -15.94 -42.68
C LEU B 176 0.07 -16.15 -44.18
N GLY B 177 -1.17 -16.33 -44.60
CA GLY B 177 -1.49 -16.52 -46.00
C GLY B 177 -2.84 -15.97 -46.40
N THR B 182 -11.27 -25.42 -48.04
CA THR B 182 -12.10 -26.53 -48.49
C THR B 182 -13.23 -26.81 -47.50
N ALA B 183 -12.94 -26.59 -46.22
CA ALA B 183 -13.93 -26.81 -45.18
C ALA B 183 -15.07 -25.80 -45.30
N SER B 184 -16.12 -26.03 -44.52
CA SER B 184 -17.28 -25.15 -44.55
C SER B 184 -16.93 -23.77 -44.02
N GLN B 185 -17.51 -22.74 -44.66
CA GLN B 185 -17.25 -21.36 -44.24
C GLN B 185 -17.85 -21.06 -42.88
N GLU B 186 -18.84 -21.83 -42.43
CA GLU B 186 -19.45 -21.64 -41.13
C GLU B 186 -18.74 -22.42 -40.03
N GLU B 187 -17.84 -23.35 -40.39
CA GLU B 187 -17.13 -24.12 -39.37
C GLU B 187 -15.89 -23.38 -38.87
N LEU B 188 -15.27 -22.55 -39.71
CA LEU B 188 -14.10 -21.80 -39.28
C LEU B 188 -14.41 -20.80 -38.18
N THR B 189 -15.68 -20.40 -38.04
CA THR B 189 -16.06 -19.51 -36.96
C THR B 189 -16.08 -20.21 -35.60
N SER B 190 -16.19 -21.54 -35.58
CA SER B 190 -16.23 -22.30 -34.34
C SER B 190 -14.87 -22.85 -33.94
N VAL B 191 -14.04 -23.25 -34.89
CA VAL B 191 -12.73 -23.80 -34.55
C VAL B 191 -11.79 -22.71 -34.07
N MET B 192 -11.89 -21.52 -34.64
CA MET B 192 -11.00 -20.42 -34.27
C MET B 192 -11.43 -19.74 -32.98
N THR B 193 -12.75 -19.58 -32.78
CA THR B 193 -13.23 -18.88 -31.59
C THR B 193 -12.99 -19.67 -30.32
N GLU B 194 -13.06 -21.01 -30.39
CA GLU B 194 -12.84 -21.83 -29.20
C GLU B 194 -11.36 -21.95 -28.89
N VAL B 195 -10.51 -22.07 -29.92
CA VAL B 195 -9.07 -22.17 -29.71
C VAL B 195 -8.42 -20.82 -29.45
N ARG B 196 -9.15 -19.73 -29.64
CA ARG B 196 -8.60 -18.40 -29.37
C ARG B 196 -8.35 -18.17 -27.88
N LYS B 197 -8.97 -18.98 -27.01
CA LYS B 197 -8.75 -18.83 -25.59
C LYS B 197 -7.35 -19.26 -25.18
N THR B 198 -6.75 -20.21 -25.90
CA THR B 198 -5.41 -20.69 -25.62
C THR B 198 -4.38 -20.21 -26.63
N GLN B 199 -4.68 -20.34 -27.93
CA GLN B 199 -3.80 -19.86 -28.99
C GLN B 199 -4.35 -18.51 -29.44
N GLN B 200 -3.70 -17.43 -28.98
CA GLN B 200 -4.23 -16.08 -29.23
C GLN B 200 -3.87 -15.59 -30.63
N ARG B 201 -2.61 -15.72 -31.03
CA ARG B 201 -2.17 -15.21 -32.32
C ARG B 201 -2.52 -16.16 -33.45
N PHE B 202 -3.79 -16.53 -33.56
CA PHE B 202 -4.28 -17.40 -34.63
C PHE B 202 -5.69 -16.95 -35.00
N GLY B 203 -5.91 -16.71 -36.28
CA GLY B 203 -7.21 -16.28 -36.73
C GLY B 203 -7.26 -16.15 -38.23
N ALA B 204 -8.35 -15.54 -38.71
CA ALA B 204 -8.56 -15.32 -40.12
C ALA B 204 -9.12 -13.92 -40.33
N MET B 205 -9.23 -13.53 -41.60
CA MET B 205 -9.76 -12.22 -41.96
C MET B 205 -10.42 -12.24 -43.34
N PRO B 206 -11.74 -12.38 -43.41
CA PRO B 206 -12.43 -12.32 -44.70
C PRO B 206 -12.52 -10.88 -45.20
N LEU B 207 -11.76 -10.58 -46.25
CA LEU B 207 -11.67 -9.22 -46.78
C LEU B 207 -12.67 -8.93 -47.89
N GLY B 208 -13.60 -9.85 -48.14
CA GLY B 208 -14.64 -9.59 -49.13
C GLY B 208 -14.45 -10.33 -50.44
N ASP B 209 -13.21 -10.48 -50.87
CA ASP B 209 -12.91 -11.12 -52.15
C ASP B 209 -13.03 -12.65 -52.09
N GLY B 210 -13.66 -13.20 -51.07
CA GLY B 210 -13.83 -14.63 -50.97
C GLY B 210 -12.67 -15.32 -50.30
N VAL B 211 -11.48 -14.76 -50.46
CA VAL B 211 -10.28 -15.33 -49.86
C VAL B 211 -10.16 -14.86 -48.41
N PHE B 212 -9.56 -15.71 -47.58
CA PHE B 212 -9.38 -15.43 -46.16
C PHE B 212 -7.90 -15.23 -45.86
N ARG B 213 -7.64 -14.34 -44.89
CA ARG B 213 -6.29 -14.02 -44.47
C ARG B 213 -6.02 -14.74 -43.15
N VAL B 214 -5.62 -16.00 -43.26
CA VAL B 214 -5.40 -16.87 -42.11
C VAL B 214 -4.00 -16.68 -41.59
N VAL B 215 -3.87 -16.60 -40.26
CA VAL B 215 -2.58 -16.45 -39.59
C VAL B 215 -2.48 -17.53 -38.52
N VAL B 216 -1.33 -18.21 -38.47
CA VAL B 216 -1.12 -19.30 -37.52
C VAL B 216 0.32 -19.25 -37.02
N PRO B 217 0.55 -19.46 -35.73
CA PRO B 217 1.93 -19.43 -35.22
C PRO B 217 2.78 -20.54 -35.83
N ALA B 218 4.09 -20.32 -35.84
CA ALA B 218 5.05 -21.27 -36.35
C ALA B 218 5.97 -21.74 -35.23
N GLU B 219 6.41 -22.99 -35.33
CA GLU B 219 7.28 -23.60 -34.33
C GLU B 219 8.73 -23.46 -34.77
N GLY B 220 9.53 -22.77 -33.97
CA GLY B 220 10.94 -22.61 -34.23
C GLY B 220 11.27 -21.27 -34.88
N VAL B 221 12.49 -21.19 -35.38
CA VAL B 221 13.00 -19.99 -36.02
C VAL B 221 13.32 -20.33 -37.48
N ALA B 222 13.16 -19.33 -38.34
CA ALA B 222 13.44 -19.46 -39.78
C ALA B 222 14.57 -18.50 -40.13
N GLU B 223 15.80 -19.02 -40.22
CA GLU B 223 16.97 -18.22 -40.53
C GLU B 223 17.14 -17.95 -42.01
N ASP B 224 16.14 -18.28 -42.84
CA ASP B 224 16.22 -18.05 -44.27
C ASP B 224 16.08 -16.57 -44.61
N THR B 230 5.70 -23.04 -47.47
CA THR B 230 5.07 -23.96 -48.41
C THR B 230 3.68 -24.37 -47.92
N LEU B 231 2.87 -24.90 -48.84
CA LEU B 231 1.54 -25.37 -48.47
C LEU B 231 1.61 -26.59 -47.57
N ASP B 232 2.61 -27.46 -47.77
CA ASP B 232 2.76 -28.63 -46.93
C ASP B 232 3.14 -28.23 -45.51
N GLU B 233 3.98 -27.21 -45.35
CA GLU B 233 4.36 -26.74 -44.03
C GLU B 233 3.22 -25.99 -43.35
N PHE B 234 2.40 -25.28 -44.12
CA PHE B 234 1.27 -24.55 -43.54
C PHE B 234 0.22 -25.48 -42.96
N LYS B 235 0.12 -26.70 -43.49
CA LYS B 235 -0.86 -27.66 -42.99
C LYS B 235 -0.43 -28.33 -41.70
N GLN B 236 0.88 -28.33 -41.40
CA GLN B 236 1.35 -28.95 -40.16
C GLN B 236 1.12 -28.07 -38.95
N GLN B 237 1.04 -26.75 -39.14
CA GLN B 237 0.80 -25.83 -38.03
C GLN B 237 -0.68 -25.59 -37.79
N LEU B 238 -1.51 -25.58 -38.84
CA LEU B 238 -2.94 -25.39 -38.66
C LEU B 238 -3.60 -26.59 -37.99
N ARG B 239 -2.93 -27.74 -37.96
CA ARG B 239 -3.45 -28.91 -37.27
C ARG B 239 -2.87 -29.08 -35.86
N ALA B 240 -1.72 -28.47 -35.58
CA ALA B 240 -1.11 -28.54 -34.26
C ALA B 240 -1.67 -27.51 -33.29
N HIS B 241 -2.06 -26.33 -33.79
CA HIS B 241 -2.60 -25.27 -32.95
C HIS B 241 -4.10 -25.06 -33.15
N ALA B 242 -4.74 -25.84 -34.02
CA ALA B 242 -6.17 -25.70 -34.24
C ALA B 242 -6.87 -27.03 -34.53
N GLY B 243 -6.15 -28.14 -34.59
CA GLY B 243 -6.79 -29.43 -34.76
C GLY B 243 -6.99 -29.82 -36.20
N THR B 244 -7.52 -28.89 -37.01
CA THR B 244 -7.79 -29.15 -38.42
C THR B 244 -7.22 -28.02 -39.26
N ASP B 245 -6.68 -28.39 -40.42
CA ASP B 245 -6.09 -27.42 -41.34
C ASP B 245 -7.10 -26.83 -42.31
N PHE B 246 -8.39 -27.06 -42.09
CA PHE B 246 -9.46 -26.51 -42.92
C PHE B 246 -9.29 -26.86 -44.40
N ARG B 252 -3.43 -16.95 -52.68
CA ARG B 252 -2.84 -15.88 -53.48
C ARG B 252 -1.33 -15.80 -53.27
N TRP B 253 -0.92 -15.67 -52.01
CA TRP B 253 0.49 -15.58 -51.68
C TRP B 253 0.68 -16.00 -50.22
N LEU B 254 1.79 -16.68 -49.95
CA LEU B 254 2.18 -17.07 -48.61
C LEU B 254 3.24 -16.11 -48.08
N SER B 255 3.46 -16.13 -46.77
CA SER B 255 4.39 -15.22 -46.15
C SER B 255 4.85 -15.77 -44.81
N ARG B 256 6.05 -15.38 -44.42
CA ARG B 256 6.60 -15.69 -43.10
C ARG B 256 7.53 -14.56 -42.69
N PHE B 257 7.28 -13.98 -41.52
CA PHE B 257 8.03 -12.83 -41.04
C PHE B 257 8.61 -13.11 -39.67
N GLY B 258 9.63 -12.33 -39.30
CA GLY B 258 10.28 -12.47 -38.02
C GLY B 258 9.73 -11.49 -36.99
N ASP B 259 10.10 -11.73 -35.73
CA ASP B 259 9.65 -10.93 -34.61
C ASP B 259 10.77 -10.08 -34.01
N ALA B 260 11.79 -9.77 -34.82
CA ALA B 260 12.90 -8.97 -34.34
C ALA B 260 12.47 -7.52 -34.14
N THR B 261 12.85 -6.93 -33.01
CA THR B 261 12.54 -5.55 -32.67
C THR B 261 13.84 -4.77 -32.63
N ARG B 262 14.12 -4.03 -33.70
CA ARG B 262 15.34 -3.21 -33.78
C ARG B 262 14.96 -1.78 -34.12
N GLN B 263 15.84 -0.86 -33.73
CA GLN B 263 15.62 0.56 -33.97
C GLN B 263 16.97 1.23 -34.21
N ALA B 264 17.00 2.18 -35.14
CA ALA B 264 18.23 2.86 -35.49
C ALA B 264 18.75 3.68 -34.32
N GLU B 265 20.08 3.79 -34.22
CA GLU B 265 20.70 4.55 -33.15
C GLU B 265 20.45 6.05 -33.30
N ARG B 266 20.36 6.54 -34.54
CA ARG B 266 20.09 7.93 -34.81
C ARG B 266 19.23 8.04 -36.06
N TYR B 267 18.44 9.11 -36.13
CA TYR B 267 17.54 9.34 -37.25
C TYR B 267 18.09 10.34 -38.25
N ARG B 268 19.23 10.96 -37.97
CA ARG B 268 19.82 11.93 -38.88
C ARG B 268 21.32 11.86 -38.77
N VAL B 269 22.01 12.04 -39.91
CA VAL B 269 23.46 12.09 -39.95
C VAL B 269 23.90 13.21 -40.89
N ASP B 270 23.35 14.41 -40.67
CA ASP B 270 23.69 15.61 -41.44
C ASP B 270 23.52 15.77 -42.94
N ARG B 271 22.27 15.93 -43.38
CA ARG B 271 21.75 15.87 -44.76
C ARG B 271 21.21 14.49 -45.12
N VAL B 272 21.27 13.50 -44.22
CA VAL B 272 20.68 12.19 -44.45
C VAL B 272 19.76 11.87 -43.29
N PHE B 273 18.60 11.29 -43.59
CA PHE B 273 17.58 11.01 -42.60
C PHE B 273 17.07 9.59 -42.75
N LEU B 274 16.37 9.13 -41.73
CA LEU B 274 15.74 7.81 -41.72
C LEU B 274 14.30 7.96 -41.24
N ALA B 275 13.40 7.18 -41.84
CA ALA B 275 11.99 7.25 -41.48
C ALA B 275 11.32 5.92 -41.80
N GLY B 276 10.24 5.63 -41.08
CA GLY B 276 9.50 4.40 -41.31
C GLY B 276 10.25 3.17 -40.83
N ASP B 277 10.00 2.05 -41.50
CA ASP B 277 10.66 0.80 -41.15
C ASP B 277 12.18 0.88 -41.31
N ALA B 278 12.67 1.84 -42.09
CA ALA B 278 14.11 2.02 -42.23
C ALA B 278 14.76 2.43 -40.92
N ALA B 279 13.98 2.97 -39.97
CA ALA B 279 14.49 3.36 -38.67
C ALA B 279 14.04 2.45 -37.54
N HIS B 280 13.06 1.57 -37.78
CA HIS B 280 12.53 0.71 -36.74
C HIS B 280 11.65 -0.38 -37.32
N ILE B 281 11.95 -1.64 -37.01
CA ILE B 281 11.13 -2.78 -37.41
C ILE B 281 10.74 -3.55 -36.17
N HIS B 282 9.45 -3.74 -35.97
CA HIS B 282 8.88 -4.52 -34.88
C HIS B 282 7.96 -5.56 -35.49
N PRO B 283 7.60 -6.60 -34.73
CA PRO B 283 6.75 -7.67 -35.29
C PRO B 283 5.44 -7.11 -35.84
N PRO B 284 5.02 -7.58 -37.01
CA PRO B 284 3.75 -7.10 -37.58
C PRO B 284 2.52 -7.63 -36.85
N THR B 285 2.67 -8.65 -35.99
CA THR B 285 1.54 -9.30 -35.33
C THR B 285 0.78 -8.29 -34.46
N GLY B 286 1.41 -7.85 -33.37
CA GLY B 286 0.93 -6.68 -32.66
C GLY B 286 1.74 -5.48 -33.10
N GLY B 287 1.13 -4.56 -33.83
CA GLY B 287 1.91 -3.51 -34.47
C GLY B 287 1.14 -2.25 -34.75
N GLN B 288 1.88 -1.15 -34.83
CA GLN B 288 1.46 0.13 -35.39
C GLN B 288 2.50 0.58 -36.42
N GLY B 289 2.99 -0.38 -37.20
CA GLY B 289 4.16 -0.14 -38.03
C GLY B 289 3.89 0.87 -39.14
N LEU B 290 2.82 0.67 -39.89
CA LEU B 290 2.49 1.63 -40.95
C LEU B 290 2.10 2.99 -40.37
N ASN B 291 1.36 2.99 -39.26
CA ASN B 291 0.99 4.25 -38.62
C ASN B 291 2.23 4.99 -38.13
N LEU B 292 3.23 4.26 -37.63
CA LEU B 292 4.44 4.91 -37.14
C LEU B 292 5.25 5.50 -38.30
N GLY B 293 5.28 4.82 -39.43
CA GLY B 293 6.02 5.34 -40.58
C GLY B 293 5.39 6.59 -41.15
N ILE B 294 4.06 6.64 -41.20
CA ILE B 294 3.38 7.81 -41.70
C ILE B 294 3.59 9.00 -40.77
N GLN B 295 3.42 8.77 -39.46
CA GLN B 295 3.61 9.84 -38.49
C GLN B 295 5.06 10.27 -38.36
N ASP B 296 6.02 9.42 -38.75
CA ASP B 296 7.41 9.85 -38.81
C ASP B 296 7.63 10.83 -39.96
N ALA B 297 7.13 10.48 -41.15
CA ALA B 297 7.25 11.38 -42.30
C ALA B 297 6.42 12.64 -42.09
N PHE B 298 5.23 12.50 -41.50
CA PHE B 298 4.39 13.65 -41.21
C PHE B 298 5.03 14.58 -40.19
N ASN B 299 6.01 14.10 -39.43
CA ASN B 299 6.74 14.93 -38.49
C ASN B 299 7.99 15.56 -39.10
N LEU B 300 8.58 14.91 -40.09
CA LEU B 300 9.78 15.42 -40.75
C LEU B 300 9.45 16.34 -41.92
N GLY B 301 8.29 16.16 -42.54
CA GLY B 301 7.92 16.91 -43.74
C GLY B 301 8.02 18.42 -43.62
N TRP B 302 7.29 19.00 -42.69
CA TRP B 302 7.31 20.47 -42.55
C TRP B 302 8.66 20.95 -42.04
N LYS B 303 9.37 20.14 -41.27
CA LYS B 303 10.68 20.55 -40.77
C LYS B 303 11.71 20.60 -41.89
N LEU B 304 11.73 19.60 -42.76
CA LEU B 304 12.70 19.57 -43.85
C LEU B 304 12.35 20.61 -44.91
N ALA B 305 11.06 20.83 -45.16
CA ALA B 305 10.65 21.88 -46.08
C ALA B 305 10.91 23.27 -45.51
N ALA B 306 11.13 23.37 -44.20
CA ALA B 306 11.46 24.66 -43.60
C ALA B 306 12.94 25.00 -43.78
N GLU B 307 13.81 24.00 -43.89
CA GLU B 307 15.23 24.25 -44.06
C GLU B 307 15.58 24.64 -45.49
N VAL B 308 14.91 24.03 -46.47
CA VAL B 308 15.19 24.35 -47.87
C VAL B 308 14.70 25.74 -48.24
N ASP B 309 13.71 26.27 -47.53
CA ASP B 309 13.25 27.63 -47.79
C ASP B 309 14.11 28.68 -47.09
N GLY B 310 14.80 28.32 -46.02
CA GLY B 310 15.71 29.21 -45.35
C GLY B 310 15.19 29.91 -44.11
N TRP B 311 14.10 29.41 -43.51
CA TRP B 311 13.55 30.01 -42.31
C TRP B 311 13.48 29.07 -41.12
N ALA B 312 13.99 27.85 -41.26
CA ALA B 312 13.99 26.92 -40.14
C ALA B 312 15.00 27.38 -39.09
N PRO B 313 14.67 27.29 -37.80
CA PRO B 313 15.61 27.68 -36.75
C PRO B 313 16.89 26.85 -36.80
N GLU B 314 17.88 27.31 -36.03
CA GLU B 314 19.20 26.70 -36.03
C GLU B 314 19.23 25.28 -35.45
N GLY B 315 18.10 24.78 -34.95
CA GLY B 315 18.08 23.45 -34.36
C GLY B 315 16.78 22.70 -34.56
N LEU B 316 15.95 23.16 -35.51
CA LEU B 316 14.68 22.49 -35.77
C LEU B 316 14.89 21.13 -36.42
N LEU B 317 15.91 21.01 -37.28
CA LEU B 317 16.12 19.77 -38.01
C LEU B 317 16.57 18.64 -37.09
N ASP B 318 17.26 18.96 -35.99
CA ASP B 318 17.67 17.96 -35.03
C ASP B 318 16.53 17.47 -34.15
N THR B 319 15.40 18.19 -34.12
CA THR B 319 14.26 17.79 -33.29
C THR B 319 13.50 16.60 -33.87
N TYR B 320 13.71 16.27 -35.14
CA TYR B 320 13.06 15.09 -35.71
C TYR B 320 13.51 13.82 -35.00
N HIS B 321 14.81 13.71 -34.70
CA HIS B 321 15.30 12.56 -33.95
C HIS B 321 14.89 12.65 -32.49
N ALA B 322 14.98 13.84 -31.89
CA ALA B 322 14.67 14.00 -30.48
C ALA B 322 13.20 13.72 -30.16
N GLU B 323 12.32 13.84 -31.16
CA GLU B 323 10.89 13.63 -30.95
C GLU B 323 10.43 12.25 -31.41
N ARG B 324 10.84 11.81 -32.60
CA ARG B 324 10.34 10.59 -33.19
C ARG B 324 11.11 9.34 -32.77
N HIS B 325 12.18 9.48 -32.00
CA HIS B 325 12.90 8.30 -31.53
C HIS B 325 12.29 7.76 -30.24
N PRO B 326 11.97 8.59 -29.24
CA PRO B 326 11.26 8.05 -28.07
C PRO B 326 9.87 7.51 -28.39
N VAL B 327 9.27 7.94 -29.50
CA VAL B 327 7.97 7.39 -29.89
C VAL B 327 8.14 5.94 -30.37
N ALA B 328 9.20 5.67 -31.12
CA ALA B 328 9.42 4.32 -31.63
C ALA B 328 9.85 3.37 -30.53
N THR B 329 10.50 3.88 -29.47
CA THR B 329 10.90 3.02 -28.37
C THR B 329 9.69 2.44 -27.65
N GLU B 330 8.74 3.31 -27.25
CA GLU B 330 7.53 2.82 -26.60
C GLU B 330 6.66 2.03 -27.56
N VAL B 331 6.68 2.37 -28.85
CA VAL B 331 5.97 1.56 -29.83
C VAL B 331 6.57 0.17 -29.92
N LEU B 332 7.90 0.09 -29.98
CA LEU B 332 8.56 -1.21 -29.97
C LEU B 332 8.48 -1.90 -28.61
N ASP B 333 8.06 -1.18 -27.56
CA ASP B 333 8.01 -1.78 -26.24
C ASP B 333 6.72 -2.53 -26.01
N ASN B 334 5.57 -1.88 -26.23
CA ASN B 334 4.29 -2.56 -26.01
C ASN B 334 4.08 -3.70 -26.99
N THR B 335 4.61 -3.57 -28.21
CA THR B 335 4.55 -4.69 -29.15
C THR B 335 5.37 -5.87 -28.63
N ARG B 336 6.50 -5.59 -27.98
CA ARG B 336 7.23 -6.64 -27.30
C ARG B 336 6.44 -7.20 -26.12
N ALA B 337 5.54 -6.38 -25.55
CA ALA B 337 4.72 -6.86 -24.44
C ALA B 337 3.47 -7.57 -24.93
N GLN B 338 2.87 -7.09 -26.02
CA GLN B 338 1.71 -7.78 -26.58
C GLN B 338 2.07 -9.16 -27.07
N ILE B 339 3.27 -9.32 -27.63
CA ILE B 339 3.75 -10.65 -28.03
C ILE B 339 3.87 -11.55 -26.81
N GLN B 340 4.32 -11.00 -25.69
CA GLN B 340 4.44 -11.77 -24.46
C GLN B 340 3.06 -12.17 -23.93
N LEU B 341 2.08 -11.27 -24.03
CA LEU B 341 0.74 -11.58 -23.55
C LEU B 341 0.04 -12.64 -24.39
N MET B 342 0.45 -12.81 -25.65
CA MET B 342 -0.11 -13.83 -26.52
C MET B 342 0.57 -15.18 -26.36
N SER B 343 1.49 -15.31 -25.41
CA SER B 343 2.21 -16.56 -25.22
C SER B 343 1.31 -17.61 -24.57
N THR B 344 1.65 -18.87 -24.81
CA THR B 344 0.89 -20.01 -24.29
C THR B 344 1.53 -20.62 -23.05
N GLU B 345 2.69 -20.14 -22.62
CA GLU B 345 3.33 -20.67 -21.43
C GLU B 345 2.52 -20.29 -20.19
N PRO B 346 2.61 -21.09 -19.13
CA PRO B 346 1.80 -20.78 -17.93
C PRO B 346 2.15 -19.46 -17.28
N GLY B 347 3.38 -18.97 -17.46
CA GLY B 347 3.78 -17.70 -16.93
C GLY B 347 3.03 -16.54 -17.56
N PRO B 348 3.26 -16.31 -18.86
CA PRO B 348 2.56 -15.21 -19.54
C PRO B 348 1.06 -15.38 -19.57
N GLN B 349 0.55 -16.62 -19.54
CA GLN B 349 -0.90 -16.82 -19.51
C GLN B 349 -1.50 -16.27 -18.22
N ALA B 350 -0.74 -16.28 -17.12
CA ALA B 350 -1.23 -15.73 -15.87
C ALA B 350 -1.32 -14.21 -15.93
N VAL B 351 -0.36 -13.57 -16.60
CA VAL B 351 -0.38 -12.11 -16.72
C VAL B 351 -1.52 -11.67 -17.63
N ARG B 352 -1.79 -12.45 -18.69
CA ARG B 352 -2.90 -12.11 -19.57
C ARG B 352 -4.23 -12.21 -18.85
N ARG B 353 -4.38 -13.22 -17.96
CA ARG B 353 -5.58 -13.30 -17.14
C ARG B 353 -5.66 -12.13 -16.15
N LEU B 354 -4.52 -11.57 -15.77
CA LEU B 354 -4.51 -10.38 -14.91
C LEU B 354 -4.86 -9.13 -15.71
N MET B 355 -4.23 -8.95 -16.87
CA MET B 355 -4.56 -7.81 -17.72
C MET B 355 -6.01 -7.84 -18.17
N ALA B 356 -6.58 -9.05 -18.34
CA ALA B 356 -7.99 -9.15 -18.69
C ALA B 356 -8.88 -8.58 -17.61
N GLU B 357 -8.49 -8.70 -16.34
CA GLU B 357 -9.23 -8.10 -15.24
C GLU B 357 -9.02 -6.60 -15.16
N LEU B 358 -7.90 -6.09 -15.68
CA LEU B 358 -7.61 -4.66 -15.63
C LEU B 358 -8.26 -3.88 -16.77
N VAL B 359 -8.35 -4.49 -17.95
CA VAL B 359 -8.96 -3.81 -19.10
C VAL B 359 -10.46 -3.64 -18.94
N GLU B 360 -11.06 -4.25 -17.92
CA GLU B 360 -12.48 -4.02 -17.64
C GLU B 360 -12.72 -2.63 -17.07
N PHE B 361 -11.72 -1.99 -16.49
CA PHE B 361 -11.84 -0.61 -16.08
C PHE B 361 -11.85 0.29 -17.31
N GLU B 362 -12.84 1.18 -17.38
CA GLU B 362 -12.99 2.02 -18.56
C GLU B 362 -11.83 2.99 -18.75
N ASN B 363 -11.10 3.33 -17.68
CA ASN B 363 -9.94 4.20 -17.82
C ASN B 363 -8.73 3.44 -18.34
N VAL B 364 -8.60 2.16 -17.99
CA VAL B 364 -7.47 1.38 -18.48
C VAL B 364 -7.60 1.10 -19.97
N ASN B 365 -8.79 0.70 -20.40
CA ASN B 365 -9.01 0.44 -21.82
C ASN B 365 -8.83 1.71 -22.65
N ARG B 366 -9.21 2.87 -22.11
CA ARG B 366 -8.97 4.12 -22.81
C ARG B 366 -7.49 4.46 -22.84
N TYR B 367 -6.76 4.15 -21.75
CA TYR B 367 -5.33 4.44 -21.72
C TYR B 367 -4.57 3.59 -22.74
N LEU B 368 -4.96 2.33 -22.90
CA LEU B 368 -4.26 1.45 -23.83
C LEU B 368 -4.58 1.82 -25.27
N ILE B 369 -5.83 2.18 -25.56
CA ILE B 369 -6.21 2.52 -26.93
C ILE B 369 -5.57 3.85 -27.33
N GLU B 370 -5.52 4.82 -26.42
CA GLU B 370 -4.86 6.09 -26.72
C GLU B 370 -3.36 5.88 -26.95
N LYS B 371 -2.79 4.83 -26.36
CA LYS B 371 -1.38 4.52 -26.60
C LYS B 371 -1.19 3.81 -27.94
N ILE B 372 -2.06 2.85 -28.26
CA ILE B 372 -1.91 2.09 -29.49
C ILE B 372 -2.20 2.97 -30.70
N THR B 373 -3.29 3.73 -30.65
CA THR B 373 -3.66 4.60 -31.75
C THR B 373 -2.74 5.80 -31.90
N ALA B 374 -1.72 5.92 -31.05
CA ALA B 374 -0.69 6.96 -31.15
C ALA B 374 -1.30 8.35 -31.09
N ILE B 375 -2.31 8.53 -30.25
CA ILE B 375 -2.90 9.84 -30.02
C ILE B 375 -2.47 10.45 -28.69
N SER B 376 -1.87 9.66 -27.79
CA SER B 376 -1.34 10.16 -26.54
C SER B 376 0.09 10.66 -26.68
N VAL B 377 0.58 10.84 -27.91
CA VAL B 377 1.93 11.32 -28.13
C VAL B 377 2.05 12.76 -27.67
N ARG B 378 3.13 13.07 -26.96
CA ARG B 378 3.36 14.41 -26.43
C ARG B 378 4.84 14.71 -26.51
N TYR B 379 5.22 15.66 -27.36
CA TYR B 379 6.61 16.03 -27.53
C TYR B 379 7.04 17.00 -26.43
N ASP B 380 8.36 17.05 -26.21
CA ASP B 380 8.94 17.91 -25.18
C ASP B 380 9.30 19.25 -25.82
N VAL B 381 8.29 20.11 -25.95
CA VAL B 381 8.52 21.46 -26.46
C VAL B 381 9.14 22.34 -25.39
N GLY B 382 8.65 22.23 -24.16
CA GLY B 382 9.16 23.03 -23.05
C GLY B 382 8.19 22.98 -21.88
N GLU B 383 8.23 24.04 -21.08
CA GLU B 383 7.36 24.20 -19.92
C GLU B 383 6.37 25.31 -20.19
N GLY B 384 5.09 25.03 -19.98
CA GLY B 384 4.05 26.02 -20.19
C GLY B 384 2.65 25.51 -19.94
N HIS B 385 1.81 25.53 -20.97
CA HIS B 385 0.43 25.11 -20.84
C HIS B 385 0.34 23.59 -20.74
N GLU B 386 -0.82 23.11 -20.29
CA GLU B 386 -1.08 21.69 -20.18
C GLU B 386 -1.22 21.01 -21.54
N LEU B 387 -1.18 21.75 -22.64
CA LEU B 387 -1.39 21.19 -23.97
C LEU B 387 -0.12 21.19 -24.81
N LEU B 388 1.00 21.68 -24.28
CA LEU B 388 2.23 21.75 -25.08
C LEU B 388 2.71 20.37 -25.44
N GLY B 389 3.07 20.19 -26.72
CA GLY B 389 3.58 18.92 -27.18
C GLY B 389 2.49 17.98 -27.67
N ARG B 390 1.30 18.10 -27.08
CA ARG B 390 0.18 17.24 -27.47
C ARG B 390 -0.43 17.71 -28.79
N ARG B 391 -0.93 16.76 -29.56
CA ARG B 391 -1.58 17.08 -30.82
C ARG B 391 -2.98 17.62 -30.56
N MET B 392 -3.48 18.39 -31.53
CA MET B 392 -4.80 18.99 -31.45
C MET B 392 -5.77 18.19 -32.30
N ARG B 393 -6.95 17.91 -31.73
CA ARG B 393 -7.97 17.16 -32.44
C ARG B 393 -8.70 18.08 -33.41
N ASP B 394 -9.81 17.60 -33.98
CA ASP B 394 -10.58 18.37 -34.95
C ASP B 394 -11.66 19.14 -34.20
N LEU B 395 -11.32 20.35 -33.77
CA LEU B 395 -12.26 21.18 -33.04
C LEU B 395 -13.29 21.77 -34.00
N ALA B 396 -14.56 21.58 -33.67
CA ALA B 396 -15.66 22.13 -34.48
C ALA B 396 -15.75 23.62 -34.25
N LEU B 397 -15.24 24.41 -35.19
CA LEU B 397 -15.24 25.85 -35.07
C LEU B 397 -16.63 26.41 -35.43
N LYS B 398 -16.76 27.73 -35.35
CA LYS B 398 -18.02 28.36 -35.69
C LYS B 398 -18.36 28.23 -37.17
N HIS B 399 -17.35 28.03 -38.02
CA HIS B 399 -17.53 27.84 -39.46
C HIS B 399 -16.68 26.64 -39.88
N GLY B 400 -17.27 25.46 -39.85
CA GLY B 400 -16.56 24.25 -40.22
C GLY B 400 -15.64 23.76 -39.12
N ARG B 401 -15.03 22.59 -39.37
CA ARG B 401 -14.12 21.99 -38.43
C ARG B 401 -12.71 22.56 -38.61
N LEU B 402 -11.82 22.22 -37.67
CA LEU B 402 -10.50 22.83 -37.65
C LEU B 402 -9.61 22.29 -38.76
N TYR B 403 -9.66 20.98 -39.00
CA TYR B 403 -8.75 20.37 -39.97
C TYR B 403 -9.03 20.80 -41.40
N GLU B 404 -10.12 21.53 -41.66
CA GLU B 404 -10.38 22.05 -42.99
C GLU B 404 -9.42 23.16 -43.38
N ARG B 405 -8.61 23.66 -42.46
CA ARG B 405 -7.70 24.76 -42.72
C ARG B 405 -6.25 24.32 -42.91
N MET B 406 -5.83 23.24 -42.25
CA MET B 406 -4.43 22.82 -42.25
C MET B 406 -4.06 22.01 -43.49
N HIS B 407 -4.76 22.19 -44.61
CA HIS B 407 -4.46 21.40 -45.80
C HIS B 407 -3.12 21.79 -46.43
N GLU B 408 -2.74 23.06 -46.32
CA GLU B 408 -1.52 23.54 -46.96
C GLU B 408 -0.26 23.25 -46.14
N GLY B 409 -0.38 22.56 -45.01
CA GLY B 409 0.79 22.26 -44.21
C GLY B 409 1.45 23.45 -43.57
N ARG B 410 0.71 24.51 -43.31
CA ARG B 410 1.24 25.72 -42.71
C ARG B 410 0.93 25.76 -41.22
N GLY B 411 1.70 26.58 -40.50
CA GLY B 411 1.44 26.76 -39.08
C GLY B 411 0.11 27.45 -38.85
N LEU B 412 -0.49 27.16 -37.70
CA LEU B 412 -1.81 27.67 -37.38
C LEU B 412 -1.80 28.32 -36.00
N LEU B 413 -2.65 29.34 -35.83
CA LEU B 413 -2.81 30.05 -34.57
C LEU B 413 -4.32 30.25 -34.37
N LEU B 414 -4.95 29.30 -33.71
CA LEU B 414 -6.39 29.39 -33.45
C LEU B 414 -6.65 30.48 -32.41
N ASP B 415 -7.37 31.53 -32.81
CA ASP B 415 -7.64 32.69 -31.98
C ASP B 415 -9.14 32.85 -31.85
N GLN B 416 -9.67 32.58 -30.64
CA GLN B 416 -11.10 32.72 -30.42
C GLN B 416 -11.49 34.17 -30.13
N THR B 417 -10.63 34.92 -29.45
CA THR B 417 -10.97 36.29 -29.07
C THR B 417 -10.77 37.25 -30.24
N GLY B 418 -9.67 37.12 -30.96
CA GLY B 418 -9.31 38.06 -32.00
C GLY B 418 -8.26 39.08 -31.58
N ARG B 419 -7.98 39.18 -30.28
CA ARG B 419 -6.97 40.13 -29.82
C ARG B 419 -5.58 39.74 -30.26
N LEU B 420 -5.29 38.44 -30.33
CA LEU B 420 -3.99 37.98 -30.79
C LEU B 420 -3.85 38.20 -32.29
N SER B 421 -2.62 38.41 -32.74
CA SER B 421 -2.36 38.69 -34.14
C SER B 421 -0.91 38.34 -34.46
N VAL B 422 -0.71 37.81 -35.66
CA VAL B 422 0.64 37.52 -36.14
C VAL B 422 1.20 38.75 -36.84
N ALA B 423 2.54 38.83 -36.88
CA ALA B 423 3.21 39.97 -37.51
C ALA B 423 4.57 39.50 -38.00
N GLY B 424 4.77 39.57 -39.33
CA GLY B 424 6.02 39.16 -39.92
C GLY B 424 6.12 37.68 -40.26
N TRP B 425 5.19 36.86 -39.75
CA TRP B 425 5.18 35.42 -40.04
C TRP B 425 3.99 35.03 -40.91
N GLU B 426 3.47 35.98 -41.70
CA GLU B 426 2.33 35.68 -42.56
C GLU B 426 2.69 34.67 -43.64
N ASP B 427 3.96 34.60 -44.03
CA ASP B 427 4.41 33.66 -45.04
C ASP B 427 4.62 32.25 -44.49
N ARG B 428 4.22 32.01 -43.24
CA ARG B 428 4.45 30.71 -42.61
C ARG B 428 3.26 30.29 -41.74
N VAL B 429 2.70 31.23 -41.00
CA VAL B 429 1.64 30.96 -40.04
C VAL B 429 0.36 31.66 -40.51
N ASP B 430 -0.75 30.93 -40.48
CA ASP B 430 -2.06 31.49 -40.79
C ASP B 430 -2.71 32.06 -39.53
N HIS B 431 -3.73 32.89 -39.74
CA HIS B 431 -4.47 33.52 -38.66
C HIS B 431 -5.94 33.16 -38.81
N VAL B 432 -6.41 32.20 -38.00
CA VAL B 432 -7.79 31.74 -38.03
C VAL B 432 -8.49 32.29 -36.80
N VAL B 433 -9.50 33.12 -37.02
CA VAL B 433 -10.27 33.73 -35.93
C VAL B 433 -11.60 33.00 -35.88
N GLU B 434 -11.66 31.94 -35.08
CA GLU B 434 -12.86 31.13 -34.93
C GLU B 434 -13.04 30.77 -33.46
N VAL B 435 -14.30 30.70 -33.04
CA VAL B 435 -14.67 30.38 -31.67
C VAL B 435 -15.06 28.91 -31.61
N SER B 436 -14.49 28.17 -30.64
CA SER B 436 -14.77 26.75 -30.47
C SER B 436 -15.19 26.49 -29.04
N GLU B 437 -16.35 25.83 -28.87
CA GLU B 437 -16.83 25.52 -27.54
C GLU B 437 -15.97 24.44 -26.87
N GLU B 438 -15.37 23.56 -27.66
CA GLU B 438 -14.55 22.48 -27.13
C GLU B 438 -13.19 22.94 -26.64
N LEU B 439 -12.83 24.21 -26.86
CA LEU B 439 -11.53 24.74 -26.47
C LEU B 439 -11.75 25.80 -25.39
N ASP B 440 -11.41 25.45 -24.15
CA ASP B 440 -11.59 26.37 -23.03
C ASP B 440 -10.54 27.47 -23.00
N VAL B 441 -9.41 27.26 -23.65
CA VAL B 441 -8.32 28.25 -23.64
C VAL B 441 -8.56 29.26 -24.76
N PRO B 442 -8.03 30.48 -24.64
CA PRO B 442 -8.30 31.51 -25.66
C PRO B 442 -7.60 31.23 -26.99
N ALA B 443 -6.28 31.04 -26.96
CA ALA B 443 -5.49 30.90 -28.17
C ALA B 443 -4.60 29.67 -28.09
N VAL B 444 -4.37 29.07 -29.26
CA VAL B 444 -3.48 27.90 -29.40
C VAL B 444 -2.59 28.12 -30.62
N LEU B 445 -1.29 27.91 -30.46
CA LEU B 445 -0.35 27.95 -31.55
C LEU B 445 -0.02 26.53 -31.98
N LEU B 446 -0.34 26.20 -33.24
CA LEU B 446 -0.22 24.84 -33.75
C LEU B 446 0.93 24.75 -34.75
N ARG B 447 1.74 23.71 -34.61
CA ARG B 447 2.72 23.38 -35.63
C ARG B 447 2.02 22.78 -36.84
N PRO B 448 2.70 22.72 -38.00
CA PRO B 448 2.05 22.15 -39.20
C PRO B 448 1.59 20.71 -39.04
N ASP B 449 2.02 20.00 -37.99
CA ASP B 449 1.55 18.65 -37.74
C ASP B 449 0.53 18.57 -36.61
N GLY B 450 0.04 19.71 -36.14
CA GLY B 450 -1.02 19.74 -35.16
C GLY B 450 -0.59 19.75 -33.70
N HIS B 451 0.72 19.67 -33.44
CA HIS B 451 1.20 19.69 -32.06
C HIS B 451 1.29 21.10 -31.53
N VAL B 452 0.90 21.28 -30.27
CA VAL B 452 0.82 22.61 -29.67
C VAL B 452 2.19 23.01 -29.15
N VAL B 453 2.59 24.25 -29.45
CA VAL B 453 3.83 24.82 -28.91
C VAL B 453 3.57 26.03 -28.03
N TRP B 454 2.35 26.57 -28.01
CA TRP B 454 1.99 27.68 -27.15
C TRP B 454 0.48 27.72 -27.01
N ALA B 455 0.02 28.04 -25.81
CA ALA B 455 -1.42 28.13 -25.54
C ALA B 455 -1.65 29.13 -24.41
N GLY B 456 -2.33 30.23 -24.72
CA GLY B 456 -2.60 31.25 -23.73
C GLY B 456 -3.45 32.38 -24.25
N GLU B 457 -3.09 33.61 -23.92
CA GLU B 457 -3.83 34.79 -24.38
C GLU B 457 -2.95 36.02 -24.38
N ASP B 458 -1.73 35.89 -23.85
CA ASP B 458 -0.80 37.01 -23.80
C ASP B 458 -0.11 37.17 -25.16
N GLN B 459 -0.19 38.37 -25.73
CA GLN B 459 0.37 38.59 -27.05
C GLN B 459 1.90 38.56 -27.02
N GLN B 460 2.50 39.36 -26.13
CA GLN B 460 3.96 39.41 -26.06
C GLN B 460 4.56 38.05 -25.70
N GLU B 461 3.82 37.24 -24.94
CA GLU B 461 4.28 35.88 -24.68
C GLU B 461 4.32 35.04 -25.95
N LEU B 462 3.41 35.31 -26.89
CA LEU B 462 3.41 34.58 -28.15
C LEU B 462 4.62 34.95 -29.01
N LEU B 463 4.98 36.23 -29.03
CA LEU B 463 6.13 36.67 -29.82
C LEU B 463 7.43 36.04 -29.35
N THR B 464 7.48 35.51 -28.13
CA THR B 464 8.67 34.84 -27.64
C THR B 464 8.79 33.40 -28.16
N ARG B 465 7.66 32.77 -28.46
CA ARG B 465 7.64 31.39 -28.92
C ARG B 465 7.49 31.26 -30.43
N MET B 466 7.13 32.33 -31.13
CA MET B 466 7.02 32.25 -32.58
C MET B 466 8.34 31.93 -33.26
N PRO B 467 9.46 32.62 -32.97
CA PRO B 467 10.72 32.24 -33.64
C PRO B 467 11.31 30.93 -33.14
N ALA B 468 10.79 30.35 -32.07
CA ALA B 468 11.30 29.07 -31.58
C ALA B 468 11.00 27.93 -32.55
N TRP B 469 10.02 28.10 -33.43
CA TRP B 469 9.68 27.07 -34.42
C TRP B 469 9.45 27.60 -35.81
N PHE B 470 9.34 28.92 -36.02
CA PHE B 470 9.08 29.48 -37.32
C PHE B 470 10.16 30.46 -37.78
N GLY B 471 11.24 30.63 -37.03
CA GLY B 471 12.31 31.51 -37.44
C GLY B 471 11.96 32.98 -37.28
N ALA B 472 12.87 33.81 -37.79
CA ALA B 472 12.70 35.25 -37.72
C ALA B 472 11.59 35.71 -38.66
N ALA B 473 11.09 36.92 -38.41
CA ALA B 473 10.00 37.48 -39.19
C ALA B 473 10.56 38.15 -40.45
N THR B 474 9.80 39.03 -41.07
CA THR B 474 10.23 39.73 -42.28
C THR B 474 9.94 41.23 -42.17
N MET C 1 -27.14 24.69 29.77
CA MET C 1 -25.81 24.68 30.38
C MET C 1 -25.16 23.31 30.24
N PHE C 2 -23.97 23.17 30.81
CA PHE C 2 -23.21 21.93 30.81
C PHE C 2 -23.04 21.43 32.23
N ASP C 3 -22.37 20.28 32.36
CA ASP C 3 -22.01 19.73 33.66
C ASP C 3 -20.56 20.04 34.02
N VAL C 4 -19.62 19.64 33.16
CA VAL C 4 -18.21 19.91 33.36
C VAL C 4 -17.67 20.62 32.11
N ILE C 5 -16.80 21.60 32.32
CA ILE C 5 -16.13 22.29 31.22
C ILE C 5 -14.63 22.23 31.48
N VAL C 6 -13.91 21.55 30.60
CA VAL C 6 -12.46 21.51 30.67
C VAL C 6 -11.90 22.64 29.81
N VAL C 7 -10.81 23.22 30.26
CA VAL C 7 -10.18 24.36 29.58
C VAL C 7 -8.81 23.89 29.09
N GLY C 8 -8.78 23.27 27.91
CA GLY C 8 -7.54 22.79 27.34
C GLY C 8 -7.71 21.60 26.43
N GLY C 9 -7.42 21.79 25.14
CA GLY C 9 -7.48 20.72 24.18
C GLY C 9 -6.28 19.80 24.16
N GLY C 10 -5.42 19.87 25.18
CA GLY C 10 -4.27 19.01 25.25
C GLY C 10 -4.63 17.62 25.70
N PRO C 11 -3.60 16.78 25.86
CA PRO C 11 -3.85 15.38 26.26
C PRO C 11 -4.51 15.25 27.62
N THR C 12 -4.31 16.21 28.52
CA THR C 12 -4.95 16.14 29.84
C THR C 12 -6.45 16.35 29.72
N GLY C 13 -6.87 17.41 29.02
CA GLY C 13 -8.28 17.65 28.84
C GLY C 13 -8.96 16.64 27.96
N LEU C 14 -8.24 16.11 26.96
CA LEU C 14 -8.82 15.08 26.10
C LEU C 14 -8.97 13.75 26.82
N MET C 15 -8.09 13.47 27.79
CA MET C 15 -8.24 12.24 28.58
C MET C 15 -9.33 12.40 29.62
N LEU C 16 -9.47 13.59 30.20
CA LEU C 16 -10.54 13.84 31.16
C LEU C 16 -11.91 13.84 30.49
N ALA C 17 -11.98 14.32 29.24
CA ALA C 17 -13.25 14.32 28.54
C ALA C 17 -13.74 12.89 28.27
N GLY C 18 -12.84 12.01 27.85
CA GLY C 18 -13.22 10.63 27.62
C GLY C 18 -13.59 9.91 28.90
N GLU C 19 -12.88 10.22 30.00
CA GLU C 19 -13.18 9.59 31.28
C GLU C 19 -14.55 10.03 31.80
N LEU C 20 -14.95 11.27 31.53
CA LEU C 20 -16.27 11.72 31.94
C LEU C 20 -17.37 11.24 31.00
N ARG C 21 -17.06 11.11 29.70
CA ARG C 21 -18.05 10.63 28.75
C ARG C 21 -18.40 9.16 28.95
N LEU C 22 -17.55 8.41 29.66
CA LEU C 22 -17.85 7.01 29.95
C LEU C 22 -19.01 6.85 30.92
N HIS C 23 -19.43 7.92 31.59
CA HIS C 23 -20.52 7.87 32.55
C HIS C 23 -21.66 8.81 32.17
N GLY C 24 -21.69 9.27 30.92
CA GLY C 24 -22.76 10.14 30.45
C GLY C 24 -22.74 11.52 31.07
N VAL C 25 -21.57 12.16 31.07
CA VAL C 25 -21.41 13.50 31.63
C VAL C 25 -21.33 14.49 30.48
N ARG C 26 -22.16 15.53 30.54
CA ARG C 26 -22.15 16.57 29.52
C ARG C 26 -20.93 17.44 29.70
N VAL C 27 -19.96 17.30 28.81
CA VAL C 27 -18.68 18.01 28.92
C VAL C 27 -18.55 19.01 27.77
N LEU C 28 -17.56 19.88 27.88
CA LEU C 28 -17.27 20.88 26.86
C LEU C 28 -15.79 21.20 26.89
N VAL C 29 -15.09 20.88 25.81
CA VAL C 29 -13.66 21.13 25.71
C VAL C 29 -13.43 22.47 25.02
N LEU C 30 -12.57 23.30 25.61
CA LEU C 30 -12.26 24.62 25.06
C LEU C 30 -10.77 24.69 24.77
N GLU C 31 -10.42 24.74 23.49
CA GLU C 31 -9.04 24.83 23.05
C GLU C 31 -8.77 26.24 22.53
N LYS C 32 -7.66 26.83 22.98
CA LYS C 32 -7.32 28.20 22.59
C LYS C 32 -7.03 28.29 21.10
N GLU C 33 -6.04 27.54 20.63
CA GLU C 33 -5.65 27.60 19.23
C GLU C 33 -6.68 26.92 18.34
N THR C 34 -6.80 27.42 17.10
CA THR C 34 -7.75 26.85 16.15
C THR C 34 -7.28 25.47 15.67
N GLU C 35 -6.15 25.42 14.99
CA GLU C 35 -5.60 24.15 14.57
C GLU C 35 -4.56 23.66 15.57
N PRO C 36 -4.51 22.36 15.85
CA PRO C 36 -3.55 21.85 16.82
C PRO C 36 -2.12 22.03 16.34
N THR C 37 -1.21 22.19 17.30
CA THR C 37 0.19 22.42 16.99
C THR C 37 0.83 21.16 16.42
N ARG C 38 1.89 21.36 15.63
CA ARG C 38 2.65 20.27 15.04
C ARG C 38 3.97 20.02 15.78
N GLN C 39 4.17 20.69 16.92
CA GLN C 39 5.39 20.51 17.70
C GLN C 39 5.25 19.24 18.54
N SER C 40 6.10 18.24 18.26
CA SER C 40 6.09 16.99 19.01
C SER C 40 6.92 17.18 20.26
N ARG C 41 6.25 17.55 21.35
CA ARG C 41 6.92 17.74 22.64
C ARG C 41 7.41 16.40 23.19
N ALA C 42 6.49 15.52 23.54
CA ALA C 42 6.84 14.18 23.99
C ALA C 42 7.00 13.25 22.79
N GLN C 43 7.56 12.07 23.06
CA GLN C 43 7.82 11.07 22.02
C GLN C 43 7.32 9.69 22.43
N GLY C 44 6.27 9.62 23.22
CA GLY C 44 5.68 8.36 23.61
C GLY C 44 5.15 8.42 25.02
N LEU C 45 4.75 7.25 25.52
CA LEU C 45 4.19 7.11 26.86
C LEU C 45 4.92 5.98 27.59
N HIS C 46 4.93 6.07 28.91
CA HIS C 46 5.58 5.07 29.75
C HIS C 46 4.58 3.98 30.10
N VAL C 47 4.96 3.10 31.03
CA VAL C 47 4.19 1.90 31.29
C VAL C 47 2.81 2.23 31.86
N ARG C 48 2.76 3.08 32.89
CA ARG C 48 1.48 3.37 33.53
C ARG C 48 0.52 4.07 32.56
N SER C 49 1.05 4.91 31.67
CA SER C 49 0.19 5.54 30.68
C SER C 49 -0.29 4.52 29.65
N ILE C 50 0.55 3.54 29.30
CA ILE C 50 0.13 2.48 28.41
C ILE C 50 -0.96 1.64 29.05
N GLU C 51 -0.79 1.30 30.33
CA GLU C 51 -1.82 0.56 31.05
C GLU C 51 -3.13 1.34 31.10
N VAL C 52 -3.05 2.66 31.22
CA VAL C 52 -4.26 3.49 31.23
C VAL C 52 -4.99 3.35 29.91
N MET C 53 -4.26 3.41 28.78
CA MET C 53 -4.90 3.24 27.49
C MET C 53 -5.44 1.83 27.31
N ALA C 54 -4.78 0.83 27.89
CA ALA C 54 -5.28 -0.53 27.80
C ALA C 54 -6.50 -0.74 28.70
N GLN C 55 -6.58 -0.01 29.81
CA GLN C 55 -7.75 -0.11 30.68
C GLN C 55 -9.02 0.39 30.01
N ARG C 56 -8.91 1.21 28.96
CA ARG C 56 -10.05 1.73 28.25
C ARG C 56 -10.15 1.20 26.82
N GLY C 57 -9.32 0.21 26.47
CA GLY C 57 -9.33 -0.35 25.13
C GLY C 57 -8.72 0.52 24.06
N LEU C 58 -8.14 1.66 24.41
CA LEU C 58 -7.58 2.58 23.43
C LEU C 58 -6.17 2.19 22.99
N LEU C 59 -5.59 1.13 23.57
CA LEU C 59 -4.21 0.79 23.25
C LEU C 59 -4.05 0.29 21.81
N GLU C 60 -5.11 -0.24 21.20
CA GLU C 60 -5.00 -0.75 19.84
C GLU C 60 -4.65 0.36 18.86
N ARG C 61 -5.40 1.47 18.89
CA ARG C 61 -5.12 2.57 17.99
C ARG C 61 -3.79 3.24 18.29
N PHE C 62 -3.28 3.12 19.51
CA PHE C 62 -1.95 3.64 19.82
C PHE C 62 -0.86 2.77 19.21
N LEU C 63 -1.01 1.44 19.33
CA LEU C 63 0.00 0.53 18.81
C LEU C 63 0.01 0.51 17.28
N GLU C 64 -1.12 0.81 16.65
CA GLU C 64 -1.15 0.89 15.19
C GLU C 64 -0.31 2.03 14.66
N ARG C 65 -0.05 3.06 15.46
CA ARG C 65 0.73 4.22 15.04
C ARG C 65 1.95 4.42 15.92
N GLY C 66 2.55 3.32 16.38
CA GLY C 66 3.74 3.40 17.21
C GLY C 66 4.25 2.04 17.65
N HIS C 67 5.57 1.87 17.61
CA HIS C 67 6.20 0.62 17.98
C HIS C 67 6.67 0.66 19.44
N THR C 68 6.90 -0.53 20.00
CA THR C 68 7.29 -0.69 21.39
C THR C 68 8.80 -0.85 21.49
N VAL C 69 9.42 -0.07 22.36
CA VAL C 69 10.86 -0.13 22.58
C VAL C 69 11.13 -0.45 24.03
N ALA C 70 12.20 -1.21 24.28
CA ALA C 70 12.61 -1.60 25.63
C ALA C 70 14.13 -1.41 25.73
N VAL C 71 14.55 -0.17 25.93
CA VAL C 71 15.96 0.17 26.04
C VAL C 71 16.28 0.55 27.48
N GLY C 72 17.40 1.25 27.68
CA GLY C 72 17.81 1.67 29.00
C GLY C 72 18.36 3.08 28.98
N GLY C 73 18.73 3.57 30.16
CA GLY C 73 19.28 4.90 30.30
C GLY C 73 18.27 6.00 30.51
N PHE C 74 17.07 5.68 30.98
CA PHE C 74 16.07 6.71 31.20
C PHE C 74 16.33 7.53 32.46
N PHE C 75 16.90 6.91 33.49
CA PHE C 75 17.15 7.59 34.77
C PHE C 75 18.48 8.31 34.69
N ALA C 76 18.42 9.64 34.51
CA ALA C 76 19.60 10.50 34.51
C ALA C 76 20.64 10.07 33.47
N GLY C 77 20.17 9.43 32.39
CA GLY C 77 21.08 8.99 31.35
C GLY C 77 22.02 7.88 31.74
N LEU C 78 21.81 7.24 32.89
CA LEU C 78 22.66 6.13 33.31
C LEU C 78 22.42 4.95 32.39
N ALA C 79 23.30 4.80 31.40
CA ALA C 79 23.13 3.79 30.36
C ALA C 79 23.17 2.37 30.93
N THR C 80 22.01 1.71 30.97
CA THR C 80 21.93 0.33 31.42
C THR C 80 21.10 -0.49 30.43
N SER C 81 20.13 -1.25 30.95
CA SER C 81 19.26 -2.07 30.12
C SER C 81 17.83 -1.96 30.66
N TRP C 82 16.91 -2.68 30.01
CA TRP C 82 15.53 -2.68 30.46
C TRP C 82 15.31 -3.82 31.46
N PRO C 83 14.58 -3.56 32.55
CA PRO C 83 14.37 -4.59 33.56
C PRO C 83 13.63 -5.79 33.01
N GLU C 84 14.04 -6.98 33.44
CA GLU C 84 13.38 -8.22 33.05
C GLU C 84 12.20 -8.55 33.94
N ARG C 85 12.34 -8.35 35.25
CA ARG C 85 11.27 -8.59 36.21
C ARG C 85 10.60 -7.25 36.52
N LEU C 86 9.74 -6.82 35.62
CA LEU C 86 8.97 -5.59 35.78
C LEU C 86 7.52 -5.97 36.01
N ASP C 87 7.00 -5.65 37.21
CA ASP C 87 5.67 -6.08 37.61
C ASP C 87 4.59 -5.40 36.78
N THR C 88 4.51 -5.74 35.50
CA THR C 88 3.51 -5.20 34.60
C THR C 88 3.46 -6.04 33.34
N ALA C 89 2.25 -6.22 32.79
CA ALA C 89 2.11 -6.94 31.53
C ALA C 89 2.57 -6.09 30.34
N HIS C 90 2.57 -4.77 30.48
CA HIS C 90 3.02 -3.89 29.41
C HIS C 90 4.38 -3.29 29.75
N SER C 91 5.40 -4.14 29.87
CA SER C 91 6.73 -3.70 30.27
C SER C 91 7.52 -3.24 29.03
N TYR C 92 7.05 -2.14 28.45
CA TYR C 92 7.72 -1.55 27.29
C TYR C 92 7.43 -0.06 27.27
N VAL C 93 8.12 0.63 26.37
CA VAL C 93 7.96 2.07 26.18
C VAL C 93 7.36 2.29 24.79
N LEU C 94 6.10 2.70 24.76
CA LEU C 94 5.45 2.99 23.49
C LEU C 94 6.04 4.26 22.88
N ALA C 95 6.34 4.20 21.59
CA ALA C 95 7.01 5.30 20.88
C ALA C 95 6.01 5.91 19.90
N VAL C 96 5.22 6.84 20.39
CA VAL C 96 4.26 7.57 19.55
C VAL C 96 4.47 9.07 19.75
N PRO C 97 4.58 9.86 18.68
CA PRO C 97 4.68 11.31 18.85
C PRO C 97 3.46 11.86 19.58
N GLN C 98 3.69 12.89 20.41
CA GLN C 98 2.61 13.47 21.19
C GLN C 98 1.52 14.05 20.30
N VAL C 99 1.87 14.55 19.12
CA VAL C 99 0.87 15.05 18.18
C VAL C 99 -0.13 13.96 17.83
N ILE C 100 0.33 12.71 17.76
CA ILE C 100 -0.59 11.60 17.52
C ILE C 100 -1.30 11.20 18.81
N THR C 101 -0.63 11.32 19.96
CA THR C 101 -1.26 10.97 21.23
C THR C 101 -2.46 11.86 21.51
N GLU C 102 -2.31 13.17 21.29
CA GLU C 102 -3.46 14.07 21.39
C GLU C 102 -4.48 13.78 20.31
N GLN C 103 -4.02 13.39 19.11
CA GLN C 103 -4.93 13.12 18.00
C GLN C 103 -5.82 11.92 18.31
N LEU C 104 -5.27 10.89 18.95
CA LEU C 104 -6.06 9.70 19.25
C LEU C 104 -7.04 9.97 20.39
N LEU C 105 -6.62 10.71 21.41
CA LEU C 105 -7.53 11.05 22.50
C LEU C 105 -8.61 12.02 22.05
N ALA C 106 -8.30 12.89 21.08
CA ALA C 106 -9.32 13.79 20.55
C ALA C 106 -10.38 13.04 19.78
N GLU C 107 -9.98 12.00 19.04
CA GLU C 107 -10.94 11.20 18.29
C GLU C 107 -11.80 10.35 19.21
N HIS C 108 -11.24 9.89 20.33
CA HIS C 108 -12.02 9.06 21.25
C HIS C 108 -13.04 9.91 22.01
N ALA C 109 -12.63 11.09 22.48
CA ALA C 109 -13.57 11.96 23.18
C ALA C 109 -14.69 12.42 22.25
N THR C 110 -14.36 12.76 21.01
CA THR C 110 -15.38 13.16 20.04
C THR C 110 -16.35 12.01 19.75
N ALA C 111 -15.81 10.79 19.63
CA ALA C 111 -16.67 9.63 19.37
C ALA C 111 -17.58 9.31 20.54
N LEU C 112 -17.26 9.78 21.74
CA LEU C 112 -18.07 9.54 22.92
C LEU C 112 -19.09 10.64 23.17
N GLY C 113 -19.07 11.71 22.39
CA GLY C 113 -20.02 12.79 22.56
C GLY C 113 -19.50 13.92 23.42
N ALA C 114 -18.30 14.42 23.10
CA ALA C 114 -17.68 15.52 23.83
C ALA C 114 -17.58 16.73 22.90
N GLU C 115 -18.24 17.81 23.28
CA GLU C 115 -18.18 19.05 22.49
C GLU C 115 -16.81 19.68 22.65
N ILE C 116 -16.00 19.62 21.59
CA ILE C 116 -14.68 20.24 21.56
C ILE C 116 -14.78 21.46 20.67
N ARG C 117 -14.69 22.65 21.26
CA ARG C 117 -14.78 23.91 20.53
C ARG C 117 -13.40 24.55 20.49
N ARG C 118 -12.72 24.40 19.36
CA ARG C 118 -11.41 25.00 19.18
C ARG C 118 -11.55 26.47 18.80
N GLY C 119 -10.45 27.21 18.99
CA GLY C 119 -10.46 28.63 18.78
C GLY C 119 -11.09 29.45 19.89
N ARG C 120 -11.58 28.79 20.95
CA ARG C 120 -12.17 29.48 22.08
C ARG C 120 -11.11 29.72 23.15
N ALA C 121 -10.96 30.97 23.57
CA ALA C 121 -9.95 31.36 24.55
C ALA C 121 -10.65 31.81 25.83
N LEU C 122 -10.17 31.31 26.97
CA LEU C 122 -10.70 31.71 28.26
C LEU C 122 -10.12 33.05 28.67
N VAL C 123 -10.98 33.96 29.14
CA VAL C 123 -10.59 35.28 29.60
C VAL C 123 -10.85 35.45 31.09
N GLY C 124 -12.08 35.20 31.52
CA GLY C 124 -12.43 35.32 32.92
C GLY C 124 -13.43 34.24 33.31
N LEU C 125 -13.41 33.90 34.60
CA LEU C 125 -14.35 32.94 35.15
C LEU C 125 -14.72 33.34 36.56
N ARG C 126 -15.96 33.02 36.94
CA ARG C 126 -16.47 33.33 38.27
C ARG C 126 -17.46 32.25 38.65
N GLN C 127 -17.40 31.83 39.92
CA GLN C 127 -18.17 30.70 40.41
C GLN C 127 -19.06 31.11 41.56
N ASP C 128 -20.26 30.54 41.61
CA ASP C 128 -21.20 30.77 42.70
C ASP C 128 -21.23 29.57 43.63
N GLU C 129 -22.38 29.32 44.25
CA GLU C 129 -22.59 28.14 45.06
C GLU C 129 -23.34 27.04 44.31
N ASP C 130 -23.75 27.31 43.07
CA ASP C 130 -24.47 26.33 42.26
C ASP C 130 -23.83 26.07 40.90
N GLY C 131 -22.81 26.83 40.51
CA GLY C 131 -22.19 26.62 39.22
C GLY C 131 -21.05 27.60 39.01
N VAL C 132 -20.41 27.48 37.85
CA VAL C 132 -19.29 28.32 37.47
C VAL C 132 -19.61 28.99 36.14
N THR C 133 -19.41 30.30 36.07
CA THR C 133 -19.64 31.07 34.85
C THR C 133 -18.31 31.39 34.20
N VAL C 134 -18.22 31.12 32.89
CA VAL C 134 -16.99 31.27 32.14
C VAL C 134 -17.19 32.34 31.07
N ASP C 135 -16.26 33.29 30.99
CA ASP C 135 -16.26 34.33 29.96
C ASP C 135 -15.19 34.01 28.93
N LEU C 136 -15.57 33.93 27.66
CA LEU C 136 -14.66 33.61 26.58
C LEU C 136 -14.16 34.89 25.91
N ALA C 137 -13.17 34.72 25.02
CA ALA C 137 -12.60 35.85 24.30
C ALA C 137 -13.51 36.34 23.20
N ASP C 138 -14.35 35.46 22.64
CA ASP C 138 -15.28 35.85 21.58
C ASP C 138 -16.58 36.42 22.13
N GLY C 139 -16.67 36.65 23.45
CA GLY C 139 -17.83 37.25 24.06
C GLY C 139 -18.83 36.27 24.64
N GLU C 140 -18.82 35.01 24.17
CA GLU C 140 -19.80 34.04 24.63
C GLU C 140 -19.59 33.74 26.11
N GLN C 141 -20.69 33.78 26.87
CA GLN C 141 -20.68 33.49 28.29
C GLN C 141 -21.31 32.12 28.52
N LEU C 142 -20.60 31.27 29.26
CA LEU C 142 -21.02 29.89 29.49
C LEU C 142 -21.22 29.65 30.99
N ARG C 143 -21.82 28.50 31.29
CA ARG C 143 -22.15 28.14 32.67
C ARG C 143 -22.11 26.62 32.80
N ALA C 144 -21.49 26.13 33.87
CA ALA C 144 -21.41 24.70 34.13
C ALA C 144 -21.28 24.47 35.63
N ARG C 145 -21.43 23.21 36.02
CA ARG C 145 -21.33 22.86 37.44
C ARG C 145 -19.88 22.81 37.90
N TYR C 146 -18.97 22.33 37.06
CA TYR C 146 -17.57 22.20 37.40
C TYR C 146 -16.71 22.60 36.20
N VAL C 147 -15.56 23.20 36.50
CA VAL C 147 -14.63 23.65 35.47
C VAL C 147 -13.24 23.15 35.84
N VAL C 148 -12.58 22.47 34.91
CA VAL C 148 -11.24 21.94 35.11
C VAL C 148 -10.29 22.72 34.22
N GLY C 149 -9.16 23.15 34.80
CA GLY C 149 -8.18 23.92 34.07
C GLY C 149 -7.01 23.09 33.58
N CYS C 150 -7.08 22.62 32.33
CA CYS C 150 -5.99 21.85 31.74
C CYS C 150 -5.30 22.67 30.67
N ASP C 151 -4.95 23.91 30.99
CA ASP C 151 -4.45 24.88 30.01
C ASP C 151 -2.93 25.07 30.10
N GLY C 152 -2.19 24.04 30.47
CA GLY C 152 -0.74 24.08 30.43
C GLY C 152 -0.13 24.94 31.52
N GLY C 153 1.21 24.96 31.53
CA GLY C 153 1.93 25.65 32.59
C GLY C 153 1.56 27.11 32.71
N ARG C 154 1.53 27.82 31.58
CA ARG C 154 1.07 29.22 31.55
C ARG C 154 -0.46 29.23 31.53
N SER C 155 -1.03 28.75 32.62
CA SER C 155 -2.47 28.56 32.72
C SER C 155 -3.19 29.89 32.91
N THR C 156 -4.38 29.98 32.33
CA THR C 156 -5.26 31.12 32.56
C THR C 156 -6.25 30.86 33.69
N VAL C 157 -6.68 29.61 33.86
CA VAL C 157 -7.58 29.28 34.95
C VAL C 157 -6.88 29.46 36.30
N ARG C 158 -5.63 29.02 36.39
CA ARG C 158 -4.91 29.08 37.66
C ARG C 158 -4.68 30.52 38.11
N LYS C 159 -4.44 31.43 37.16
CA LYS C 159 -4.20 32.83 37.52
C LYS C 159 -5.47 33.52 37.98
N LEU C 160 -6.62 33.15 37.42
CA LEU C 160 -7.89 33.76 37.81
C LEU C 160 -8.32 33.34 39.20
N LEU C 161 -7.87 32.19 39.68
CA LEU C 161 -8.26 31.70 41.01
C LEU C 161 -7.34 32.18 42.12
N GLY C 162 -6.14 32.66 41.78
CA GLY C 162 -5.17 33.04 42.77
C GLY C 162 -4.30 31.92 43.29
N VAL C 163 -4.36 30.74 42.66
CA VAL C 163 -3.53 29.62 43.07
C VAL C 163 -2.08 29.94 42.77
N ALA C 164 -1.25 29.99 43.82
CA ALA C 164 0.15 30.31 43.65
C ALA C 164 0.87 29.17 42.92
N PHE C 165 2.09 29.47 42.47
CA PHE C 165 2.93 28.51 41.76
C PHE C 165 4.31 28.49 42.41
N PRO C 166 4.40 27.99 43.64
CA PRO C 166 5.69 27.99 44.34
C PRO C 166 6.63 26.93 43.78
N GLY C 167 7.88 27.33 43.57
CA GLY C 167 8.87 26.41 43.05
C GLY C 167 10.12 27.15 42.63
N GLU C 168 11.11 26.37 42.21
CA GLU C 168 12.37 26.94 41.77
C GLU C 168 12.19 27.58 40.38
N PRO C 169 12.82 28.72 40.13
CA PRO C 169 12.74 29.32 38.80
C PRO C 169 13.64 28.60 37.80
N SER C 170 13.76 29.16 36.59
CA SER C 170 14.59 28.55 35.56
C SER C 170 16.01 29.08 35.66
N ARG C 171 16.98 28.15 35.63
CA ARG C 171 18.39 28.52 35.69
C ARG C 171 19.25 27.87 34.62
N VAL C 172 18.72 26.90 33.86
CA VAL C 172 19.46 26.24 32.79
C VAL C 172 18.54 26.12 31.59
N GLU C 173 18.90 26.76 30.49
CA GLU C 173 18.15 26.70 29.25
C GLU C 173 18.72 25.61 28.33
N THR C 174 17.87 25.13 27.43
CA THR C 174 18.24 24.06 26.52
C THR C 174 17.56 24.29 25.17
N LEU C 175 18.27 23.97 24.10
CA LEU C 175 17.77 24.15 22.75
C LEU C 175 17.15 22.85 22.24
N LEU C 176 16.25 22.99 21.27
CA LEU C 176 15.54 21.85 20.71
C LEU C 176 14.94 22.25 19.37
N GLY C 177 14.91 21.30 18.45
CA GLY C 177 14.32 21.54 17.14
C GLY C 177 14.56 20.42 16.15
N GLU C 178 13.50 19.95 15.50
CA GLU C 178 13.61 18.92 14.48
C GLU C 178 14.29 19.50 13.24
N MET C 179 15.52 19.07 12.98
CA MET C 179 16.32 19.68 11.93
C MET C 179 17.24 18.64 11.30
N GLU C 180 17.59 18.87 10.04
CA GLU C 180 18.59 18.06 9.36
C GLU C 180 19.96 18.71 9.47
N MET C 181 20.99 17.96 9.09
CA MET C 181 22.36 18.44 9.15
C MET C 181 23.10 18.02 7.89
N THR C 182 24.18 18.75 7.59
CA THR C 182 24.99 18.44 6.42
C THR C 182 25.84 17.19 6.62
N ALA C 183 26.07 16.78 7.87
CA ALA C 183 26.85 15.58 8.13
C ALA C 183 26.08 14.33 7.69
N SER C 184 26.83 13.25 7.47
CA SER C 184 26.22 12.00 7.04
C SER C 184 25.36 11.41 8.14
N GLN C 185 24.55 10.40 7.76
CA GLN C 185 23.69 9.74 8.73
C GLN C 185 24.50 9.01 9.80
N GLU C 186 25.69 8.53 9.44
CA GLU C 186 26.59 7.87 10.39
C GLU C 186 27.61 8.84 10.99
N GLU C 187 27.68 10.07 10.49
CA GLU C 187 28.65 11.03 11.03
C GLU C 187 28.26 11.49 12.43
N LEU C 188 26.97 11.43 12.76
CA LEU C 188 26.53 11.77 14.12
C LEU C 188 26.70 10.60 15.07
N THR C 189 26.69 9.37 14.56
CA THR C 189 26.89 8.20 15.41
C THR C 189 28.31 8.13 15.95
N SER C 190 29.27 8.79 15.30
CA SER C 190 30.64 8.79 15.81
C SER C 190 30.83 9.83 16.90
N VAL C 191 30.19 10.98 16.78
CA VAL C 191 30.33 12.03 17.78
C VAL C 191 29.47 11.73 19.01
N MET C 192 28.26 11.21 18.79
CA MET C 192 27.36 10.92 19.91
C MET C 192 27.92 9.82 20.79
N THR C 193 28.54 8.80 20.19
CA THR C 193 29.12 7.70 20.94
C THR C 193 30.46 8.05 21.59
N GLU C 194 30.87 9.31 21.52
CA GLU C 194 32.15 9.73 22.09
C GLU C 194 32.04 10.97 22.97
N VAL C 195 31.23 11.95 22.58
CA VAL C 195 31.14 13.20 23.33
C VAL C 195 30.04 13.18 24.39
N ARG C 196 29.13 12.20 24.34
CA ARG C 196 28.06 12.14 25.32
C ARG C 196 28.57 11.76 26.71
N LYS C 197 29.79 11.24 26.81
CA LYS C 197 30.34 10.87 28.12
C LYS C 197 30.55 12.11 28.99
N THR C 198 30.86 13.25 28.39
CA THR C 198 31.07 14.47 29.17
C THR C 198 29.74 15.19 29.43
N GLN C 199 28.94 15.38 28.40
CA GLN C 199 27.64 16.04 28.51
C GLN C 199 26.55 14.99 28.44
N GLN C 200 25.86 14.77 29.56
CA GLN C 200 24.81 13.76 29.64
C GLN C 200 23.45 14.27 29.18
N ARG C 201 23.33 15.57 28.89
CA ARG C 201 22.08 16.15 28.39
C ARG C 201 22.21 16.54 26.93
N PHE C 202 22.82 15.67 26.13
CA PHE C 202 23.07 15.93 24.72
C PHE C 202 22.85 14.64 23.92
N GLY C 203 22.31 14.79 22.73
CA GLY C 203 22.07 13.63 21.89
C GLY C 203 21.35 14.02 20.61
N ALA C 204 20.88 13.01 19.90
CA ALA C 204 20.17 13.21 18.64
C ALA C 204 19.24 12.03 18.41
N MET C 205 17.97 12.31 18.15
CA MET C 205 16.97 11.29 17.90
C MET C 205 16.53 11.35 16.45
N PRO C 206 16.66 10.27 15.68
CA PRO C 206 16.40 10.33 14.24
C PRO C 206 14.93 10.17 13.89
N LEU C 207 14.56 10.80 12.78
CA LEU C 207 13.24 10.64 12.17
C LEU C 207 13.45 10.44 10.67
N GLY C 208 12.98 9.30 10.15
CA GLY C 208 13.34 8.93 8.80
C GLY C 208 12.84 9.91 7.76
N ASP C 209 13.65 10.08 6.71
CA ASP C 209 13.29 10.84 5.51
C ASP C 209 13.13 12.33 5.76
N GLY C 210 12.38 12.71 6.78
CA GLY C 210 12.08 14.10 7.04
C GLY C 210 13.23 14.90 7.60
N VAL C 211 13.36 14.93 8.92
CA VAL C 211 14.37 15.73 9.61
C VAL C 211 15.06 14.88 10.65
N PHE C 212 15.57 15.52 11.70
CA PHE C 212 16.17 14.83 12.83
C PHE C 212 15.97 15.67 14.09
N ARG C 213 15.72 15.00 15.21
CA ARG C 213 15.52 15.68 16.49
C ARG C 213 16.84 15.69 17.24
N VAL C 214 17.41 16.87 17.43
CA VAL C 214 18.70 17.04 18.10
C VAL C 214 18.52 18.00 19.26
N VAL C 215 19.06 17.63 20.42
CA VAL C 215 19.04 18.47 21.62
C VAL C 215 20.47 18.85 21.96
N VAL C 216 20.67 20.12 22.29
CA VAL C 216 22.00 20.64 22.59
C VAL C 216 21.90 21.60 23.77
N PRO C 217 22.82 21.53 24.74
CA PRO C 217 22.76 22.45 25.87
C PRO C 217 22.92 23.90 25.44
N ALA C 218 22.34 24.80 26.24
CA ALA C 218 22.42 26.24 26.01
C ALA C 218 23.06 26.91 27.22
N GLU C 219 23.62 28.09 26.98
CA GLU C 219 24.33 28.84 28.01
C GLU C 219 23.46 29.99 28.52
N GLY C 220 23.54 30.22 29.83
CA GLY C 220 22.82 31.32 30.44
C GLY C 220 21.33 31.06 30.55
N VAL C 221 20.63 32.05 31.10
CA VAL C 221 19.19 32.01 31.28
C VAL C 221 18.58 33.07 30.37
N ALA C 222 17.77 32.63 29.40
CA ALA C 222 17.15 33.55 28.46
C ALA C 222 16.12 34.41 29.18
N GLU C 223 16.26 35.73 29.06
CA GLU C 223 15.35 36.68 29.68
C GLU C 223 14.21 37.10 28.77
N ASP C 224 14.07 36.47 27.60
CA ASP C 224 12.99 36.81 26.68
C ASP C 224 11.74 35.97 26.90
N ARG C 225 11.92 34.68 27.18
CA ARG C 225 10.81 33.76 27.42
C ARG C 225 9.81 33.75 26.26
N SER C 228 12.72 33.07 19.20
CA SER C 228 12.85 31.62 19.19
C SER C 228 13.85 31.08 18.15
N PRO C 229 13.75 31.49 16.86
CA PRO C 229 14.65 30.92 15.86
C PRO C 229 15.95 31.70 15.71
N THR C 230 17.04 31.13 16.21
CA THR C 230 18.39 31.69 16.03
C THR C 230 19.28 30.56 15.52
N LEU C 231 19.45 30.48 14.20
CA LEU C 231 20.22 29.39 13.61
C LEU C 231 21.71 29.50 13.95
N ASP C 232 22.19 30.72 14.21
CA ASP C 232 23.60 30.89 14.51
C ASP C 232 23.95 30.38 15.90
N GLU C 233 23.10 30.66 16.89
CA GLU C 233 23.38 30.21 18.25
C GLU C 233 23.29 28.70 18.37
N PHE C 234 22.42 28.05 17.60
CA PHE C 234 22.30 26.60 17.65
C PHE C 234 23.59 25.94 17.17
N LYS C 235 24.25 26.52 16.18
CA LYS C 235 25.51 25.97 15.68
C LYS C 235 26.67 26.28 16.61
N GLN C 236 26.60 27.40 17.34
CA GLN C 236 27.69 27.75 18.25
C GLN C 236 27.71 26.84 19.48
N GLN C 237 26.54 26.34 19.89
CA GLN C 237 26.48 25.44 21.04
C GLN C 237 26.87 24.01 20.69
N LEU C 238 26.79 23.63 19.40
CA LEU C 238 27.21 22.30 19.00
C LEU C 238 28.72 22.18 19.01
N ARG C 239 29.43 23.20 18.52
CA ARG C 239 30.88 23.15 18.51
C ARG C 239 31.49 23.40 19.88
N ALA C 240 30.75 24.06 20.78
CA ALA C 240 31.27 24.31 22.13
C ALA C 240 31.22 23.07 23.00
N HIS C 241 30.29 22.16 22.74
CA HIS C 241 30.16 20.94 23.53
C HIS C 241 30.34 19.71 22.65
N SER C 250 17.58 21.86 7.47
CA SER C 250 16.40 22.71 7.51
C SER C 250 15.50 22.35 8.70
N PRO C 251 15.51 23.20 9.74
CA PRO C 251 14.64 22.95 10.90
C PRO C 251 13.21 23.36 10.61
N ARG C 252 12.28 22.44 10.82
CA ARG C 252 10.86 22.77 10.64
C ARG C 252 10.37 23.70 11.74
N TRP C 253 10.87 23.53 12.96
CA TRP C 253 10.49 24.38 14.07
C TRP C 253 11.62 24.37 15.10
N LEU C 254 11.84 25.52 15.74
CA LEU C 254 12.88 25.67 16.74
C LEU C 254 12.29 26.29 18.00
N SER C 255 12.77 25.85 19.16
CA SER C 255 12.31 26.36 20.43
C SER C 255 13.44 26.25 21.46
N ARG C 256 13.20 26.79 22.64
CA ARG C 256 14.19 26.78 23.71
C ARG C 256 13.46 26.75 25.04
N PHE C 257 13.59 25.66 25.76
CA PHE C 257 12.92 25.46 27.04
C PHE C 257 13.91 25.62 28.20
N GLY C 258 13.37 25.90 29.37
CA GLY C 258 14.14 26.06 30.59
C GLY C 258 14.13 24.80 31.43
N ASP C 259 14.12 24.99 32.75
CA ASP C 259 14.09 23.86 33.67
C ASP C 259 13.50 24.25 35.02
N ALA C 260 12.49 25.11 35.01
CA ALA C 260 11.85 25.54 36.25
C ALA C 260 10.98 24.42 36.81
N THR C 261 11.12 24.16 38.10
CA THR C 261 10.39 23.09 38.77
C THR C 261 9.38 23.69 39.75
N ARG C 262 8.31 24.25 39.19
CA ARG C 262 7.23 24.83 39.99
C ARG C 262 6.03 23.88 40.02
N GLN C 263 5.30 23.93 41.12
CA GLN C 263 4.12 23.09 41.30
C GLN C 263 3.04 23.90 42.01
N ALA C 264 1.79 23.75 41.56
CA ALA C 264 0.69 24.49 42.16
C ALA C 264 0.47 24.05 43.61
N GLU C 265 -0.19 24.92 44.36
CA GLU C 265 -0.45 24.67 45.78
C GLU C 265 -1.80 23.99 46.01
N ARG C 266 -2.85 24.51 45.38
CA ARG C 266 -4.20 23.99 45.55
C ARG C 266 -4.68 23.40 44.23
N TYR C 267 -5.22 22.17 44.29
CA TYR C 267 -5.80 21.54 43.11
C TYR C 267 -7.29 21.82 42.96
N ARG C 268 -7.98 22.16 44.05
CA ARG C 268 -9.41 22.43 44.01
C ARG C 268 -9.70 23.71 44.78
N VAL C 269 -10.56 24.55 44.19
CA VAL C 269 -11.02 25.78 44.85
C VAL C 269 -12.54 25.79 44.82
N ASP C 270 -13.16 24.67 45.20
CA ASP C 270 -14.60 24.51 45.23
C ASP C 270 -15.41 24.62 43.95
N ARG C 271 -15.35 23.57 43.12
CA ARG C 271 -15.97 23.42 41.79
C ARG C 271 -15.07 23.95 40.67
N VAL C 272 -13.78 24.15 40.91
CA VAL C 272 -12.77 24.36 39.88
C VAL C 272 -11.54 23.53 40.22
N PHE C 273 -11.01 22.82 39.23
CA PHE C 273 -9.87 21.94 39.40
C PHE C 273 -8.75 22.31 38.45
N LEU C 274 -7.57 21.76 38.72
CA LEU C 274 -6.38 21.97 37.90
C LEU C 274 -5.72 20.63 37.64
N ALA C 275 -5.35 20.39 36.38
CA ALA C 275 -4.71 19.13 36.00
C ALA C 275 -3.69 19.41 34.91
N GLY C 276 -2.85 18.42 34.64
CA GLY C 276 -1.83 18.57 33.62
C GLY C 276 -0.73 19.52 34.06
N ASP C 277 -0.07 20.13 33.07
CA ASP C 277 0.98 21.09 33.37
C ASP C 277 0.46 22.34 34.07
N ALA C 278 -0.85 22.58 34.03
CA ALA C 278 -1.43 23.73 34.74
C ALA C 278 -1.30 23.58 36.25
N ALA C 279 -1.13 22.36 36.75
CA ALA C 279 -0.97 22.10 38.17
C ALA C 279 0.46 21.76 38.55
N HIS C 280 1.32 21.42 37.59
CA HIS C 280 2.71 21.06 37.86
C HIS C 280 3.56 21.09 36.60
N ILE C 281 4.60 21.92 36.59
CA ILE C 281 5.52 21.98 35.47
C ILE C 281 6.91 21.60 35.96
N HIS C 282 7.68 20.97 35.09
CA HIS C 282 9.01 20.49 35.44
C HIS C 282 9.80 20.27 34.17
N PRO C 283 11.12 20.16 34.27
CA PRO C 283 11.96 20.04 33.06
C PRO C 283 11.57 18.83 32.23
N PRO C 284 11.60 18.96 30.90
CA PRO C 284 11.39 17.78 30.05
C PRO C 284 12.56 16.81 30.04
N THR C 285 13.74 17.25 30.48
CA THR C 285 14.95 16.41 30.43
C THR C 285 14.69 15.04 31.05
N GLY C 286 14.43 15.00 32.34
CA GLY C 286 13.92 13.79 32.96
C GLY C 286 12.43 13.92 33.21
N GLY C 287 11.69 14.20 32.13
CA GLY C 287 10.32 14.64 32.25
C GLY C 287 9.30 13.51 32.18
N GLN C 288 8.39 13.51 33.15
CA GLN C 288 7.17 12.71 33.12
C GLN C 288 5.96 13.60 32.88
N GLY C 289 6.15 14.69 32.13
CA GLY C 289 5.09 15.69 31.98
C GLY C 289 3.83 15.14 31.35
N LEU C 290 3.99 14.37 30.27
CA LEU C 290 2.81 13.83 29.60
C LEU C 290 2.18 12.72 30.42
N ASN C 291 2.98 11.82 30.99
CA ASN C 291 2.45 10.72 31.77
C ASN C 291 1.78 11.22 33.04
N LEU C 292 2.37 12.22 33.71
CA LEU C 292 1.79 12.74 34.94
C LEU C 292 0.47 13.45 34.67
N GLY C 293 0.38 14.15 33.54
CA GLY C 293 -0.86 14.86 33.23
C GLY C 293 -2.01 13.94 32.90
N ILE C 294 -1.74 12.87 32.16
CA ILE C 294 -2.78 11.91 31.80
C ILE C 294 -3.30 11.21 33.05
N GLN C 295 -2.39 10.77 33.94
CA GLN C 295 -2.79 10.11 35.16
C GLN C 295 -3.51 11.05 36.12
N ASP C 296 -3.34 12.36 35.96
CA ASP C 296 -4.15 13.32 36.73
C ASP C 296 -5.60 13.26 36.30
N ALA C 297 -5.85 13.30 35.00
CA ALA C 297 -7.22 13.18 34.50
C ALA C 297 -7.79 11.78 34.76
N PHE C 298 -6.93 10.76 34.79
CA PHE C 298 -7.39 9.41 35.12
C PHE C 298 -7.80 9.31 36.58
N ASN C 299 -7.25 10.18 37.44
CA ASN C 299 -7.65 10.19 38.85
C ASN C 299 -8.91 11.02 39.06
N LEU C 300 -8.98 12.20 38.44
CA LEU C 300 -10.12 13.07 38.61
C LEU C 300 -11.35 12.61 37.81
N GLY C 301 -11.14 11.85 36.75
CA GLY C 301 -12.22 11.44 35.86
C GLY C 301 -13.39 10.75 36.54
N TRP C 302 -13.18 9.55 37.06
CA TRP C 302 -14.27 8.81 37.67
C TRP C 302 -14.77 9.46 38.96
N LYS C 303 -13.90 10.20 39.65
CA LYS C 303 -14.32 10.90 40.86
C LYS C 303 -15.26 12.04 40.53
N LEU C 304 -14.90 12.89 39.57
CA LEU C 304 -15.77 13.97 39.17
C LEU C 304 -17.03 13.45 38.49
N ALA C 305 -16.95 12.30 37.81
CA ALA C 305 -18.12 11.68 37.21
C ALA C 305 -19.02 11.01 38.24
N ALA C 306 -18.66 11.05 39.52
CA ALA C 306 -19.46 10.48 40.58
C ALA C 306 -20.28 11.52 41.34
N GLU C 307 -19.73 12.72 41.53
CA GLU C 307 -20.48 13.77 42.22
C GLU C 307 -21.60 14.32 41.34
N VAL C 308 -21.39 14.36 40.02
CA VAL C 308 -22.44 14.81 39.12
C VAL C 308 -23.55 13.79 38.99
N ASP C 309 -23.27 12.53 39.33
CA ASP C 309 -24.30 11.48 39.31
C ASP C 309 -25.07 11.40 40.62
N GLY C 310 -24.39 11.57 41.75
CA GLY C 310 -25.07 11.64 43.03
C GLY C 310 -24.71 10.54 44.01
N TRP C 311 -23.64 9.80 43.74
CA TRP C 311 -23.22 8.71 44.61
C TRP C 311 -21.80 8.89 45.13
N ALA C 312 -21.20 10.07 44.94
CA ALA C 312 -19.85 10.28 45.44
C ALA C 312 -19.87 10.56 46.95
N PRO C 313 -18.94 9.98 47.70
CA PRO C 313 -18.85 10.29 49.13
C PRO C 313 -18.55 11.76 49.36
N GLU C 314 -18.68 12.18 50.63
CA GLU C 314 -18.51 13.58 50.98
C GLU C 314 -17.09 14.08 50.73
N GLY C 315 -16.10 13.18 50.71
CA GLY C 315 -14.73 13.61 50.52
C GLY C 315 -14.04 12.95 49.34
N LEU C 316 -14.82 12.46 48.37
CA LEU C 316 -14.22 11.81 47.21
C LEU C 316 -13.52 12.82 46.31
N LEU C 317 -14.16 13.97 46.06
CA LEU C 317 -13.54 14.99 45.22
C LEU C 317 -12.35 15.65 45.89
N ASP C 318 -12.28 15.61 47.22
CA ASP C 318 -11.13 16.17 47.93
C ASP C 318 -9.91 15.26 47.87
N THR C 319 -10.09 13.98 47.51
CA THR C 319 -8.96 13.07 47.42
C THR C 319 -8.09 13.34 46.20
N TYR C 320 -8.59 14.08 45.21
CA TYR C 320 -7.79 14.40 44.04
C TYR C 320 -6.55 15.19 44.42
N HIS C 321 -6.69 16.17 45.32
CA HIS C 321 -5.53 16.89 45.82
C HIS C 321 -4.72 16.02 46.76
N ALA C 322 -5.39 15.24 47.62
CA ALA C 322 -4.69 14.42 48.62
C ALA C 322 -3.98 13.22 48.01
N GLU C 323 -4.14 12.98 46.71
CA GLU C 323 -3.49 11.85 46.06
C GLU C 323 -2.56 12.26 44.92
N ARG C 324 -2.93 13.25 44.12
CA ARG C 324 -2.16 13.63 42.95
C ARG C 324 -1.14 14.72 43.22
N HIS C 325 -1.23 15.41 44.35
CA HIS C 325 -0.26 16.45 44.67
C HIS C 325 1.05 15.84 45.18
N PRO C 326 1.03 14.90 46.13
CA PRO C 326 2.29 14.26 46.54
C PRO C 326 2.96 13.49 45.42
N VAL C 327 2.21 13.06 44.40
CA VAL C 327 2.83 12.37 43.26
C VAL C 327 3.66 13.35 42.45
N ALA C 328 3.16 14.57 42.25
CA ALA C 328 3.92 15.57 41.52
C ALA C 328 5.14 16.03 42.30
N THR C 329 5.08 16.00 43.63
CA THR C 329 6.25 16.38 44.43
C THR C 329 7.40 15.41 44.23
N GLU C 330 7.11 14.11 44.22
CA GLU C 330 8.17 13.12 44.00
C GLU C 330 8.75 13.23 42.59
N VAL C 331 7.89 13.45 41.59
CA VAL C 331 8.36 13.63 40.22
C VAL C 331 9.27 14.86 40.14
N LEU C 332 8.77 16.01 40.59
CA LEU C 332 9.56 17.23 40.55
C LEU C 332 10.82 17.12 41.41
N ASP C 333 10.79 16.26 42.44
CA ASP C 333 11.99 16.03 43.23
C ASP C 333 12.95 15.08 42.51
N ASN C 334 12.41 14.04 41.88
CA ASN C 334 13.26 13.10 41.16
C ASN C 334 13.87 13.72 39.92
N THR C 335 13.15 14.65 39.27
CA THR C 335 13.71 15.34 38.11
C THR C 335 14.90 16.20 38.50
N ARG C 336 14.82 16.86 39.66
CA ARG C 336 15.96 17.65 40.13
C ARG C 336 17.16 16.76 40.44
N ALA C 337 16.91 15.52 40.86
CA ALA C 337 18.02 14.59 41.10
C ALA C 337 18.67 14.16 39.79
N GLN C 338 17.86 13.84 38.77
CA GLN C 338 18.41 13.47 37.48
C GLN C 338 19.19 14.61 36.85
N ILE C 339 18.69 15.85 37.00
CA ILE C 339 19.45 17.01 36.56
C ILE C 339 20.72 17.15 37.38
N GLN C 340 20.65 16.87 38.69
CA GLN C 340 21.83 16.96 39.54
C GLN C 340 22.89 15.96 39.13
N LEU C 341 22.49 14.77 38.69
CA LEU C 341 23.47 13.75 38.33
C LEU C 341 24.20 14.10 37.04
N MET C 342 23.49 14.69 36.06
CA MET C 342 24.11 15.07 34.81
C MET C 342 25.05 16.26 34.92
N SER C 343 25.16 16.89 36.09
CA SER C 343 25.98 18.07 36.23
C SER C 343 27.46 17.74 35.99
N THR C 344 28.15 18.66 35.30
CA THR C 344 29.54 18.45 34.95
C THR C 344 30.51 18.84 36.06
N GLU C 345 30.03 19.42 37.14
CA GLU C 345 30.91 19.80 38.25
C GLU C 345 31.43 18.55 38.95
N PRO C 346 32.63 18.63 39.53
CA PRO C 346 33.22 17.42 40.13
C PRO C 346 32.43 16.86 41.30
N GLY C 347 31.69 17.69 42.01
CA GLY C 347 30.86 17.25 43.12
C GLY C 347 29.80 16.26 42.67
N PRO C 348 28.87 16.71 41.82
CA PRO C 348 27.84 15.80 41.31
C PRO C 348 28.40 14.65 40.49
N GLN C 349 29.49 14.87 39.75
CA GLN C 349 30.09 13.78 38.97
C GLN C 349 30.64 12.69 39.87
N ALA C 350 31.09 13.03 41.08
CA ALA C 350 31.62 12.03 41.98
C ALA C 350 30.52 11.09 42.47
N VAL C 351 29.28 11.55 42.52
CA VAL C 351 28.17 10.71 42.98
C VAL C 351 27.59 9.88 41.83
N ARG C 352 27.64 10.39 40.60
CA ARG C 352 27.11 9.64 39.47
C ARG C 352 27.89 8.35 39.24
N ARG C 353 29.19 8.35 39.53
CA ARG C 353 29.97 7.12 39.43
C ARG C 353 29.46 6.07 40.42
N LEU C 354 29.06 6.51 41.61
CA LEU C 354 28.49 5.58 42.58
C LEU C 354 27.13 5.08 42.13
N MET C 355 26.28 5.97 41.60
CA MET C 355 24.99 5.55 41.07
C MET C 355 25.16 4.59 39.90
N ALA C 356 26.20 4.78 39.09
CA ALA C 356 26.47 3.85 38.00
C ALA C 356 26.81 2.46 38.53
N GLU C 357 27.37 2.38 39.74
CA GLU C 357 27.66 1.09 40.35
C GLU C 357 26.43 0.45 40.97
N LEU C 358 25.46 1.27 41.40
CA LEU C 358 24.27 0.75 42.06
C LEU C 358 23.17 0.37 41.09
N VAL C 359 23.05 1.07 39.96
CA VAL C 359 22.03 0.71 38.97
C VAL C 359 22.31 -0.61 38.28
N GLU C 360 23.54 -1.13 38.42
CA GLU C 360 23.84 -2.43 37.82
C GLU C 360 23.05 -3.55 38.48
N PHE C 361 22.68 -3.39 39.76
CA PHE C 361 21.83 -4.37 40.42
C PHE C 361 20.46 -4.39 39.76
N GLU C 362 19.91 -5.60 39.59
CA GLU C 362 18.62 -5.73 38.93
C GLU C 362 17.51 -5.10 39.76
N ASN C 363 17.49 -5.37 41.07
CA ASN C 363 16.45 -4.82 41.93
C ASN C 363 16.53 -3.30 42.03
N VAL C 364 17.69 -2.70 41.76
CA VAL C 364 17.80 -1.25 41.75
C VAL C 364 17.34 -0.68 40.42
N ASN C 365 17.63 -1.38 39.32
CA ASN C 365 17.26 -0.88 38.00
C ASN C 365 15.74 -0.81 37.84
N ARG C 366 15.04 -1.89 38.20
CA ARG C 366 13.59 -1.90 38.05
C ARG C 366 12.90 -0.99 39.06
N TYR C 367 13.47 -0.87 40.26
CA TYR C 367 12.89 0.04 41.25
C TYR C 367 12.87 1.47 40.74
N LEU C 368 13.92 1.87 40.02
CA LEU C 368 13.95 3.20 39.44
C LEU C 368 13.03 3.28 38.23
N ILE C 369 12.98 2.23 37.41
CA ILE C 369 12.11 2.24 36.24
C ILE C 369 10.65 2.23 36.66
N GLU C 370 10.31 1.49 37.73
CA GLU C 370 8.95 1.53 38.25
C GLU C 370 8.59 2.94 38.73
N LYS C 371 9.58 3.72 39.17
CA LYS C 371 9.32 5.08 39.61
C LYS C 371 9.20 6.02 38.41
N ILE C 372 10.04 5.83 37.39
CA ILE C 372 9.97 6.68 36.21
C ILE C 372 8.68 6.44 35.45
N THR C 373 8.36 5.17 35.17
CA THR C 373 7.12 4.84 34.49
C THR C 373 5.89 5.06 35.37
N ALA C 374 6.09 5.40 36.64
CA ALA C 374 5.00 5.76 37.56
C ALA C 374 4.02 4.61 37.76
N ILE C 375 4.54 3.39 37.86
CA ILE C 375 3.73 2.24 38.24
C ILE C 375 3.85 1.91 39.71
N SER C 376 4.84 2.48 40.41
CA SER C 376 4.97 2.34 41.85
C SER C 376 4.17 3.39 42.63
N VAL C 377 3.29 4.13 41.94
CA VAL C 377 2.47 5.13 42.59
C VAL C 377 1.46 4.45 43.49
N ARG C 378 1.44 4.82 44.77
CA ARG C 378 0.55 4.23 45.75
C ARG C 378 -0.15 5.35 46.52
N TYR C 379 -1.47 5.25 46.62
CA TYR C 379 -2.27 6.26 47.31
C TYR C 379 -2.53 5.84 48.76
N ASP C 380 -2.73 6.84 49.62
CA ASP C 380 -3.06 6.59 51.02
C ASP C 380 -4.55 6.30 51.11
N VAL C 381 -4.90 5.04 50.82
CA VAL C 381 -6.30 4.63 50.88
C VAL C 381 -6.70 4.33 52.33
N GLY C 382 -5.84 3.66 53.07
CA GLY C 382 -6.12 3.31 54.45
C GLY C 382 -5.33 2.10 54.86
N GLU C 383 -5.28 1.89 56.18
CA GLU C 383 -4.56 0.76 56.72
C GLU C 383 -5.26 -0.55 56.36
N GLY C 384 -4.48 -1.53 55.93
CA GLY C 384 -5.03 -2.82 55.56
C GLY C 384 -4.03 -3.74 54.89
N HIS C 385 -4.37 -4.21 53.69
CA HIS C 385 -3.52 -5.15 52.97
C HIS C 385 -2.33 -4.43 52.36
N GLU C 386 -1.40 -5.23 51.83
CA GLU C 386 -0.17 -4.67 51.24
C GLU C 386 -0.45 -3.97 49.91
N LEU C 387 -1.43 -4.46 49.14
CA LEU C 387 -1.73 -3.89 47.84
C LEU C 387 -2.53 -2.60 47.92
N LEU C 388 -2.80 -2.09 49.12
CA LEU C 388 -3.62 -0.88 49.27
C LEU C 388 -2.91 0.31 48.65
N GLY C 389 -3.57 0.92 47.66
CA GLY C 389 -3.06 2.07 46.96
C GLY C 389 -2.34 1.76 45.67
N ARG C 390 -1.70 0.59 45.59
CA ARG C 390 -0.98 0.19 44.38
C ARG C 390 -1.96 -0.23 43.29
N ARG C 391 -1.69 0.20 42.07
CA ARG C 391 -2.51 -0.19 40.94
C ARG C 391 -2.32 -1.68 40.64
N MET C 392 -3.37 -2.30 40.09
CA MET C 392 -3.33 -3.70 39.73
C MET C 392 -3.02 -3.83 38.24
N ARG C 393 -2.01 -4.63 37.92
CA ARG C 393 -1.60 -4.83 36.54
C ARG C 393 -2.65 -5.68 35.80
N ASP C 394 -2.38 -5.92 34.52
CA ASP C 394 -3.28 -6.71 33.68
C ASP C 394 -3.13 -8.18 34.07
N LEU C 395 -3.87 -8.60 35.08
CA LEU C 395 -3.83 -9.98 35.54
C LEU C 395 -4.42 -10.90 34.48
N ALA C 396 -3.61 -11.83 33.98
CA ALA C 396 -4.06 -12.80 32.99
C ALA C 396 -5.05 -13.75 33.65
N LEU C 397 -6.34 -13.50 33.46
CA LEU C 397 -7.38 -14.33 34.04
C LEU C 397 -7.56 -15.59 33.19
N LYS C 398 -8.50 -16.45 33.62
CA LYS C 398 -8.78 -17.66 32.87
C LYS C 398 -9.44 -17.36 31.54
N HIS C 399 -10.29 -16.33 31.50
CA HIS C 399 -10.98 -15.92 30.28
C HIS C 399 -10.53 -14.50 29.95
N GLY C 400 -9.44 -14.39 29.19
CA GLY C 400 -8.94 -13.10 28.76
C GLY C 400 -8.17 -12.38 29.84
N ARG C 401 -7.76 -11.15 29.50
CA ARG C 401 -7.00 -10.30 30.41
C ARG C 401 -7.94 -9.63 31.41
N LEU C 402 -7.34 -8.87 32.33
CA LEU C 402 -8.12 -8.13 33.33
C LEU C 402 -8.55 -6.76 32.80
N TYR C 403 -7.68 -6.07 32.07
CA TYR C 403 -8.00 -4.75 31.54
C TYR C 403 -9.06 -4.78 30.45
N GLU C 404 -9.52 -5.97 30.05
CA GLU C 404 -10.57 -6.07 29.04
C GLU C 404 -11.96 -5.81 29.59
N ARG C 405 -12.10 -5.67 30.91
CA ARG C 405 -13.40 -5.46 31.53
C ARG C 405 -13.52 -4.11 32.21
N MET C 406 -12.51 -3.24 32.06
CA MET C 406 -12.52 -1.92 32.69
C MET C 406 -12.75 -0.80 31.68
N HIS C 407 -13.24 -1.15 30.48
CA HIS C 407 -13.42 -0.14 29.43
C HIS C 407 -14.51 0.87 29.77
N GLU C 408 -15.41 0.54 30.69
CA GLU C 408 -16.52 1.42 31.03
C GLU C 408 -16.20 2.36 32.19
N GLY C 409 -15.05 2.22 32.83
CA GLY C 409 -14.71 3.08 33.94
C GLY C 409 -15.48 2.80 35.22
N ARG C 410 -15.93 1.57 35.41
CA ARG C 410 -16.69 1.18 36.59
C ARG C 410 -15.79 0.48 37.59
N GLY C 411 -16.22 0.48 38.85
CA GLY C 411 -15.51 -0.25 39.87
C GLY C 411 -15.54 -1.74 39.64
N LEU C 412 -14.45 -2.41 40.00
CA LEU C 412 -14.30 -3.84 39.76
C LEU C 412 -14.05 -4.56 41.08
N LEU C 413 -14.42 -5.85 41.11
CA LEU C 413 -14.22 -6.70 42.28
C LEU C 413 -13.82 -8.08 41.75
N LEU C 414 -12.51 -8.29 41.60
CA LEU C 414 -12.00 -9.58 41.13
C LEU C 414 -12.16 -10.61 42.24
N ASP C 415 -13.03 -11.59 42.02
CA ASP C 415 -13.35 -12.61 43.02
C ASP C 415 -12.93 -13.97 42.47
N GLN C 416 -11.89 -14.55 43.06
CA GLN C 416 -11.41 -15.87 42.68
C GLN C 416 -12.13 -16.98 43.42
N THR C 417 -13.17 -16.66 44.20
CA THR C 417 -13.93 -17.66 44.93
C THR C 417 -15.41 -17.69 44.58
N GLY C 418 -15.98 -16.54 44.20
CA GLY C 418 -17.40 -16.48 43.91
C GLY C 418 -18.30 -16.38 45.12
N ARG C 419 -17.73 -16.14 46.31
CA ARG C 419 -18.51 -16.05 47.53
C ARG C 419 -18.95 -14.64 47.86
N LEU C 420 -18.17 -13.63 47.46
CA LEU C 420 -18.56 -12.25 47.68
C LEU C 420 -19.60 -11.82 46.65
N SER C 421 -20.38 -10.81 47.02
CA SER C 421 -21.41 -10.28 46.14
C SER C 421 -21.72 -8.85 46.57
N VAL C 422 -21.66 -7.92 45.62
CA VAL C 422 -21.95 -6.52 45.90
C VAL C 422 -23.42 -6.39 46.30
N ALA C 423 -23.65 -5.81 47.48
CA ALA C 423 -25.01 -5.67 48.03
C ALA C 423 -25.42 -4.21 47.86
N GLY C 424 -26.11 -3.92 46.77
CA GLY C 424 -26.59 -2.58 46.49
C GLY C 424 -25.62 -1.68 45.77
N TRP C 425 -24.53 -2.23 45.22
CA TRP C 425 -23.56 -1.44 44.47
C TRP C 425 -23.39 -1.96 43.04
N GLU C 426 -24.37 -2.69 42.52
CA GLU C 426 -24.31 -3.15 41.14
C GLU C 426 -24.37 -2.00 40.14
N ASP C 427 -24.92 -0.86 40.54
CA ASP C 427 -24.97 0.31 39.68
C ASP C 427 -23.62 1.01 39.56
N ARG C 428 -22.61 0.60 40.32
CA ARG C 428 -21.31 1.26 40.30
C ARG C 428 -20.18 0.24 40.18
N VAL C 429 -20.38 -0.96 40.71
CA VAL C 429 -19.35 -1.97 40.78
C VAL C 429 -19.81 -3.21 40.01
N ASP C 430 -18.89 -3.80 39.24
CA ASP C 430 -19.13 -5.04 38.55
C ASP C 430 -18.50 -6.21 39.30
N HIS C 431 -19.15 -7.36 39.23
CA HIS C 431 -18.71 -8.56 39.93
C HIS C 431 -18.01 -9.48 38.94
N VAL C 432 -16.68 -9.52 39.01
CA VAL C 432 -15.87 -10.36 38.12
C VAL C 432 -15.44 -11.60 38.90
N VAL C 433 -15.76 -12.77 38.37
CA VAL C 433 -15.44 -14.05 39.00
C VAL C 433 -14.56 -14.81 38.02
N GLU C 434 -13.24 -14.66 38.17
CA GLU C 434 -12.28 -15.34 37.31
C GLU C 434 -11.06 -15.74 38.14
N VAL C 435 -10.59 -16.96 37.91
CA VAL C 435 -9.43 -17.49 38.63
C VAL C 435 -8.17 -17.13 37.88
N SER C 436 -7.14 -16.73 38.63
CA SER C 436 -5.86 -16.33 38.05
C SER C 436 -4.72 -16.97 38.83
N GLU C 437 -3.54 -17.01 38.19
CA GLU C 437 -2.35 -17.57 38.81
C GLU C 437 -1.37 -16.50 39.28
N GLU C 438 -1.44 -15.29 38.73
CA GLU C 438 -0.52 -14.22 39.11
C GLU C 438 -0.98 -13.47 40.36
N LEU C 439 -2.16 -13.78 40.88
CA LEU C 439 -2.68 -13.12 42.08
C LEU C 439 -2.74 -14.13 43.22
N ASP C 440 -2.16 -13.76 44.36
CA ASP C 440 -2.11 -14.65 45.51
C ASP C 440 -3.33 -14.50 46.42
N VAL C 441 -3.87 -13.31 46.55
CA VAL C 441 -5.01 -13.05 47.43
C VAL C 441 -6.30 -13.49 46.72
N PRO C 442 -7.34 -13.87 47.46
CA PRO C 442 -8.56 -14.37 46.81
C PRO C 442 -9.37 -13.29 46.12
N ALA C 443 -9.60 -12.16 46.78
CA ALA C 443 -10.46 -11.11 46.25
C ALA C 443 -9.77 -9.76 46.33
N VAL C 444 -10.00 -8.93 45.31
CA VAL C 444 -9.45 -7.59 45.22
C VAL C 444 -10.56 -6.64 44.80
N LEU C 445 -10.67 -5.49 45.48
CA LEU C 445 -11.61 -4.45 45.11
C LEU C 445 -10.86 -3.35 44.37
N LEU C 446 -11.23 -3.12 43.11
CA LEU C 446 -10.52 -2.21 42.22
C LEU C 446 -11.31 -0.93 42.01
N ARG C 447 -10.65 0.20 42.21
CA ARG C 447 -11.23 1.48 41.86
C ARG C 447 -11.27 1.63 40.34
N PRO C 448 -12.09 2.54 39.82
CA PRO C 448 -12.11 2.76 38.35
C PRO C 448 -10.76 3.15 37.78
N ASP C 449 -9.86 3.71 38.57
CA ASP C 449 -8.51 4.03 38.12
C ASP C 449 -7.55 2.85 38.26
N GLY C 450 -8.05 1.67 38.62
CA GLY C 450 -7.24 0.48 38.70
C GLY C 450 -6.56 0.25 40.04
N HIS C 451 -6.55 1.24 40.92
CA HIS C 451 -5.88 1.09 42.21
C HIS C 451 -6.72 0.27 43.16
N VAL C 452 -6.04 -0.38 44.11
CA VAL C 452 -6.67 -1.34 45.03
C VAL C 452 -7.11 -0.61 46.28
N VAL C 453 -8.31 -0.94 46.76
CA VAL C 453 -8.82 -0.41 48.02
C VAL C 453 -9.13 -1.51 49.03
N TRP C 454 -9.05 -2.78 48.64
CA TRP C 454 -9.32 -3.89 49.55
C TRP C 454 -8.76 -5.17 48.94
N ALA C 455 -8.22 -6.03 49.80
CA ALA C 455 -7.64 -7.30 49.34
C ALA C 455 -7.77 -8.30 50.50
N GLY C 456 -8.89 -9.00 50.54
CA GLY C 456 -9.16 -9.99 51.58
C GLY C 456 -10.11 -11.05 51.09
N GLU C 457 -10.90 -11.60 52.00
CA GLU C 457 -11.83 -12.66 51.64
C GLU C 457 -13.13 -12.63 52.45
N ASP C 458 -13.30 -11.69 53.37
CA ASP C 458 -14.49 -11.65 54.21
C ASP C 458 -15.58 -10.80 53.57
N GLN C 459 -16.83 -11.22 53.78
CA GLN C 459 -17.97 -10.44 53.30
C GLN C 459 -18.34 -9.32 54.26
N GLN C 460 -18.35 -9.62 55.56
CA GLN C 460 -18.62 -8.58 56.56
C GLN C 460 -17.55 -7.51 56.59
N GLU C 461 -16.34 -7.83 56.12
CA GLU C 461 -15.27 -6.84 56.03
C GLU C 461 -15.39 -6.00 54.78
N LEU C 462 -15.80 -6.61 53.66
CA LEU C 462 -15.94 -5.87 52.42
C LEU C 462 -17.06 -4.84 52.49
N LEU C 463 -18.14 -5.14 53.21
CA LEU C 463 -19.23 -4.20 53.35
C LEU C 463 -18.82 -2.91 54.06
N THR C 464 -17.65 -2.91 54.72
CA THR C 464 -17.19 -1.72 55.41
C THR C 464 -16.49 -0.75 54.45
N ARG C 465 -15.65 -1.27 53.56
CA ARG C 465 -14.86 -0.43 52.67
C ARG C 465 -15.63 -0.03 51.41
N MET C 466 -16.75 -0.69 51.11
CA MET C 466 -17.51 -0.32 49.90
C MET C 466 -18.05 1.10 49.94
N PRO C 467 -18.71 1.56 51.02
CA PRO C 467 -19.21 2.95 51.00
C PRO C 467 -18.12 4.00 51.14
N ALA C 468 -16.87 3.61 51.42
CA ALA C 468 -15.81 4.59 51.59
C ALA C 468 -15.37 5.19 50.26
N TRP C 469 -15.47 4.42 49.17
CA TRP C 469 -15.04 4.88 47.86
C TRP C 469 -16.14 4.82 46.81
N PHE C 470 -17.32 4.31 47.14
CA PHE C 470 -18.40 4.18 46.18
C PHE C 470 -19.73 4.71 46.68
N GLY C 471 -19.82 5.15 47.93
CA GLY C 471 -21.05 5.69 48.46
C GLY C 471 -21.97 4.62 49.03
N ALA C 472 -23.12 5.08 49.52
CA ALA C 472 -24.08 4.19 50.16
C ALA C 472 -24.68 3.22 49.13
N ALA C 473 -25.43 2.25 49.65
CA ALA C 473 -26.07 1.25 48.80
C ALA C 473 -27.37 1.80 48.21
N THR C 474 -28.09 0.93 47.51
CA THR C 474 -29.36 1.32 46.88
C THR C 474 -30.54 0.95 47.77
PA FAD D . 3.84 -25.41 8.30
O1A FAD D . 4.29 -24.17 8.98
O2A FAD D . 4.93 -26.11 7.47
O5B FAD D . 3.23 -26.43 9.34
C5B FAD D . 3.59 -27.82 9.32
C4B FAD D . 4.11 -28.24 10.68
O4B FAD D . 3.71 -29.59 10.96
C3B FAD D . 5.63 -28.21 10.82
O3B FAD D . 6.01 -27.82 12.14
C2B FAD D . 6.01 -29.65 10.51
O2B FAD D . 7.24 -30.03 11.14
C1B FAD D . 4.84 -30.41 11.13
N9A FAD D . 4.58 -31.71 10.52
C8A FAD D . 4.83 -32.08 9.22
N7A FAD D . 4.49 -33.32 8.95
C5A FAD D . 3.98 -33.80 10.14
C6A FAD D . 3.44 -35.05 10.53
N6A FAD D . 3.33 -36.08 9.69
N1A FAD D . 3.02 -35.19 11.80
C2A FAD D . 3.14 -34.15 12.63
N3A FAD D . 3.62 -32.94 12.39
C4A FAD D . 4.03 -32.82 11.13
N1 FAD D . 3.73 -16.49 3.45
C2 FAD D . 3.20 -15.24 3.54
O2 FAD D . 1.98 -15.05 3.64
N3 FAD D . 4.04 -14.14 3.51
C4 FAD D . 5.42 -14.17 3.40
O4 FAD D . 6.06 -13.12 3.39
C4X FAD D . 5.97 -15.51 3.32
N5 FAD D . 7.26 -15.63 3.21
C5X FAD D . 7.79 -16.91 3.14
C6 FAD D . 9.17 -17.06 3.02
C7 FAD D . 9.75 -18.33 2.94
C7M FAD D . 11.24 -18.46 2.82
C8 FAD D . 8.92 -19.47 2.96
C8M FAD D . 9.51 -20.85 2.87
C9 FAD D . 7.54 -19.32 3.07
C9A FAD D . 6.98 -18.06 3.16
N10 FAD D . 5.58 -17.88 3.27
C10 FAD D . 5.04 -16.61 3.35
C1' FAD D . 4.68 -19.03 3.30
C2' FAD D . 4.23 -19.39 4.72
O2' FAD D . 5.28 -19.13 5.66
C3' FAD D . 3.89 -20.89 4.77
O3' FAD D . 2.91 -21.17 3.77
C4' FAD D . 3.37 -21.36 6.12
O4' FAD D . 4.46 -21.47 7.03
C5' FAD D . 2.63 -22.67 6.03
O5' FAD D . 1.76 -22.81 7.17
P FAD D . 1.37 -24.22 7.74
O1P FAD D . 1.30 -24.19 9.27
O2P FAD D . 0.15 -24.75 7.06
O3P FAD D . 2.63 -25.11 7.33
CL CL E . -0.40 6.83 -16.04
CL CL F . 10.08 -1.66 -11.28
CL CL G . -8.13 0.06 16.25
PA FAD H . 8.22 -0.46 -46.95
O1A FAD H . 7.13 -0.77 -47.89
O2A FAD H . 9.08 -1.67 -46.54
O5B FAD H . 9.16 0.67 -47.53
C5B FAD H . 10.32 0.33 -48.33
C4B FAD H . 10.03 0.56 -49.79
O4B FAD H . 11.23 1.05 -50.44
C3B FAD H . 9.62 -0.69 -50.58
O3B FAD H . 8.74 -0.35 -51.64
C2B FAD H . 10.97 -1.20 -51.08
O2B FAD H . 10.83 -1.98 -52.27
C1B FAD H . 11.70 0.10 -51.38
N9A FAD H . 13.15 0.02 -51.26
C8A FAD H . 13.86 -0.81 -50.43
N7A FAD H . 15.17 -0.68 -50.54
C5A FAD H . 15.32 0.30 -51.52
C6A FAD H . 16.45 0.89 -52.09
N6A FAD H . 17.71 0.58 -51.75
N1A FAD H . 16.26 1.84 -53.03
C2A FAD H . 15.01 2.16 -53.37
N3A FAD H . 13.86 1.67 -52.90
C4A FAD H . 14.08 0.73 -51.97
N1 FAD H . 1.61 -2.23 -40.04
C2 FAD H . 0.49 -1.77 -39.42
O2 FAD H . 0.41 -0.63 -38.98
N3 FAD H . -0.60 -2.62 -39.26
C4 FAD H . -0.69 -3.92 -39.68
O4 FAD H . -1.71 -4.58 -39.49
C4X FAD H . 0.50 -4.41 -40.36
N5 FAD H . 0.52 -5.63 -40.79
C5X FAD H . 1.66 -6.08 -41.44
C6 FAD H . 1.69 -7.40 -41.91
C7 FAD H . 2.80 -7.90 -42.56
C7M FAD H . 2.80 -9.32 -43.06
C8 FAD H . 3.93 -7.08 -42.74
C8M FAD H . 5.16 -7.59 -43.44
C9 FAD H . 3.91 -5.77 -42.27
C9A FAD H . 2.79 -5.26 -41.62
N10 FAD H . 2.73 -3.94 -41.13
C10 FAD H . 1.61 -3.48 -40.49
C1' FAD H . 3.88 -3.04 -41.29
C2' FAD H . 3.77 -2.13 -42.51
O2' FAD H . 3.59 -2.92 -43.70
C3' FAD H . 5.05 -1.32 -42.64
O3' FAD H . 5.46 -0.88 -41.35
C4' FAD H . 4.94 -0.10 -43.57
O4' FAD H . 5.04 -0.52 -44.93
C5' FAD H . 5.99 0.95 -43.26
O5' FAD H . 6.19 1.78 -44.42
P FAD H . 7.53 1.71 -45.25
O1P FAD H . 7.38 2.51 -46.55
O2P FAD H . 8.69 2.11 -44.42
O3P FAD H . 7.63 0.17 -45.61
C1 GOL I . 23.94 22.23 -43.24
O1 GOL I . 23.04 21.18 -43.01
C2 GOL I . 25.29 21.82 -42.61
O2 GOL I . 25.77 20.62 -43.14
C3 GOL I . 26.24 23.00 -42.89
O3 GOL I . 27.52 22.58 -42.54
CL CL J . -5.18 14.29 -55.61
CL CL K . 5.57 9.51 -26.11
CL CL L . -13.03 -5.84 -12.81
CL CL M . 8.99 21.33 -59.10
PA FAD N . -0.61 21.40 27.26
O1A FAD N . -0.62 20.61 26.00
O2A FAD N . 0.33 22.60 27.25
O5B FAD N . -2.06 21.88 27.64
C5B FAD N . -2.53 23.19 27.27
C4B FAD N . -3.55 23.08 26.17
O4B FAD N . -4.65 23.97 26.45
C3B FAD N . -3.05 23.48 24.78
O3B FAD N . -3.74 22.77 23.77
C2B FAD N . -3.35 24.97 24.75
O2B FAD N . -3.51 25.45 23.42
C1B FAD N . -4.67 25.04 25.51
N9A FAD N . -4.87 26.29 26.24
C8A FAD N . -3.93 27.06 26.85
N7A FAD N . -4.40 28.14 27.42
C5A FAD N . -5.76 28.08 27.16
C6A FAD N . -6.83 28.94 27.49
N6A FAD N . -6.69 30.06 28.20
N1A FAD N . -8.07 28.59 27.07
C2A FAD N . -8.21 27.46 26.36
N3A FAD N . -7.28 26.57 26.00
C4A FAD N . -6.07 26.95 26.42
N1 FAD N . 6.73 14.57 28.42
C2 FAD N . 7.08 13.25 28.34
O2 FAD N . 6.46 12.38 28.98
N3 FAD N . 8.14 12.86 27.54
C4 FAD N . 8.93 13.68 26.77
O4 FAD N . 9.83 13.23 26.10
C4X FAD N . 8.54 15.08 26.86
N5 FAD N . 9.24 15.95 26.16
C5X FAD N . 8.88 17.29 26.24
C6 FAD N . 9.61 18.22 25.50
C7 FAD N . 9.30 19.58 25.56
C7M FAD N . 10.09 20.55 24.75
C8 FAD N . 8.22 20.01 26.36
C8M FAD N . 7.85 21.47 26.43
C9 FAD N . 7.50 19.07 27.09
C9A FAD N . 7.82 17.72 27.05
N10 FAD N . 7.09 16.76 27.78
C10 FAD N . 7.44 15.42 27.71
C1' FAD N . 5.97 17.15 28.64
C2' FAD N . 4.63 17.07 27.93
O2' FAD N . 4.76 17.40 26.55
C3' FAD N . 3.66 18.06 28.58
O3' FAD N . 3.83 18.00 30.00
C4' FAD N . 2.19 17.79 28.26
O4' FAD N . 1.82 18.55 27.09
C5' FAD N . 1.26 18.13 29.42
O5' FAD N . -0.11 18.04 28.96
P FAD N . -1.08 19.29 29.05
O1P FAD N . -2.27 19.09 28.11
O2P FAD N . -1.45 19.58 30.46
O3P FAD N . -0.19 20.47 28.47
CL CL O . -10.99 -16.82 26.78
#